data_2QCQ
# 
_entry.id   2QCQ 
# 
_audit_conform.dict_name       mmcif_pdbx.dic 
_audit_conform.dict_version    5.398 
_audit_conform.dict_location   http://mmcif.pdb.org/dictionaries/ascii/mmcif_pdbx.dic 
# 
loop_
_database_2.database_id 
_database_2.database_code 
_database_2.pdbx_database_accession 
_database_2.pdbx_DOI 
PDB   2QCQ         pdb_00002qcq 10.2210/pdb2qcq/pdb 
RCSB  RCSB043434   ?            ?                   
WWPDB D_1000043434 ?            ?                   
# 
loop_
_pdbx_audit_revision_history.ordinal 
_pdbx_audit_revision_history.data_content_type 
_pdbx_audit_revision_history.major_revision 
_pdbx_audit_revision_history.minor_revision 
_pdbx_audit_revision_history.revision_date 
1 'Structure model' 1 0 2007-10-23 
2 'Structure model' 1 1 2011-07-13 
3 'Structure model' 1 2 2023-08-30 
4 'Structure model' 1 3 2024-11-06 
# 
_pdbx_audit_revision_details.ordinal             1 
_pdbx_audit_revision_details.revision_ordinal    1 
_pdbx_audit_revision_details.data_content_type   'Structure model' 
_pdbx_audit_revision_details.provider            repository 
_pdbx_audit_revision_details.type                'Initial release' 
_pdbx_audit_revision_details.description         ? 
_pdbx_audit_revision_details.details             ? 
# 
loop_
_pdbx_audit_revision_group.ordinal 
_pdbx_audit_revision_group.revision_ordinal 
_pdbx_audit_revision_group.data_content_type 
_pdbx_audit_revision_group.group 
1 2 'Structure model' Advisory                    
2 2 'Structure model' 'Derived calculations'      
3 2 'Structure model' 'Version format compliance' 
4 3 'Structure model' 'Data collection'           
5 3 'Structure model' 'Database references'       
6 3 'Structure model' 'Refinement description'    
7 4 'Structure model' 'Structure summary'         
# 
loop_
_pdbx_audit_revision_category.ordinal 
_pdbx_audit_revision_category.revision_ordinal 
_pdbx_audit_revision_category.data_content_type 
_pdbx_audit_revision_category.category 
1 3 'Structure model' chem_comp_atom                
2 3 'Structure model' chem_comp_bond                
3 3 'Structure model' database_2                    
4 3 'Structure model' pdbx_initial_refinement_model 
5 4 'Structure model' pdbx_entry_details            
6 4 'Structure model' pdbx_modification_feature     
# 
loop_
_pdbx_audit_revision_item.ordinal 
_pdbx_audit_revision_item.revision_ordinal 
_pdbx_audit_revision_item.data_content_type 
_pdbx_audit_revision_item.item 
1 3 'Structure model' '_database_2.pdbx_DOI'                
2 3 'Structure model' '_database_2.pdbx_database_accession' 
# 
_pdbx_database_status.status_code                     REL 
_pdbx_database_status.entry_id                        2QCQ 
_pdbx_database_status.recvd_initial_deposition_date   2007-06-19 
_pdbx_database_status.deposit_site                    RCSB 
_pdbx_database_status.process_site                    RCSB 
_pdbx_database_status.status_code_sf                  REL 
_pdbx_database_status.status_code_mr                  ? 
_pdbx_database_status.SG_entry                        ? 
_pdbx_database_status.pdb_format_compatible           Y 
_pdbx_database_status.status_code_cs                  ? 
_pdbx_database_status.status_code_nmr_data            ? 
_pdbx_database_status.methods_development_category    ? 
# 
_pdbx_database_related.db_name        PDB 
_pdbx_database_related.db_id          2QCW 
_pdbx_database_related.details        . 
_pdbx_database_related.content_type   unspecified 
# 
_audit_author.name               'Allendorph, G.P.' 
_audit_author.pdbx_ordinal       1 
_audit_author.identifier_ORCID   ? 
# 
_citation.id                        primary 
_citation.title                     'BMP-3 and BMP-6 Structures Illuminate the Nature of Binding Specificity with Receptors.' 
_citation.journal_abbrev            Biochemistry 
_citation.journal_volume            46 
_citation.page_first                12238 
_citation.page_last                 12247 
_citation.year                      2007 
_citation.journal_id_ASTM           BICHAW 
_citation.country                   US 
_citation.journal_id_ISSN           0006-2960 
_citation.journal_id_CSD            0033 
_citation.book_publisher            ? 
_citation.pdbx_database_id_PubMed   17924656 
_citation.pdbx_database_id_DOI      10.1021/bi700907k 
# 
loop_
_citation_author.citation_id 
_citation_author.name 
_citation_author.ordinal 
_citation_author.identifier_ORCID 
primary 'Allendorph, G.P.' 1 ? 
primary 'Isaacs, M.J.'     2 ? 
primary 'Kawakami, Y.'     3 ? 
primary 'Belmonte, J.C.'   4 ? 
primary 'Choe, S.'         5 ? 
# 
loop_
_entity.id 
_entity.type 
_entity.src_method 
_entity.pdbx_description 
_entity.formula_weight 
_entity.pdbx_number_of_molecules 
_entity.pdbx_ec 
_entity.pdbx_mutation 
_entity.pdbx_fragment 
_entity.details 
1 polymer man 'Bone morphogenetic protein 3' 12418.430 2  ? ? ? ? 
2 water   nat water                          18.015    98 ? ? ? ? 
# 
_entity_name_com.entity_id   1 
_entity_name_com.name        'BMP-3, Osteogenin, BMP-3A' 
# 
_entity_poly.entity_id                      1 
_entity_poly.type                           'polypeptide(L)' 
_entity_poly.nstd_linkage                   no 
_entity_poly.nstd_monomer                   no 
_entity_poly.pdbx_seq_one_letter_code       
;QWIEPRNCARRYLKVDFADIGWSEWIISPKSFDAYYCSGACQFPMPKSLKPSNHATIQSIVRAVGVVPGIPEPCCVPEKM
SSLSILFFDENKNVVLKVYPNMTVESCACR
;
_entity_poly.pdbx_seq_one_letter_code_can   
;QWIEPRNCARRYLKVDFADIGWSEWIISPKSFDAYYCSGACQFPMPKSLKPSNHATIQSIVRAVGVVPGIPEPCCVPEKM
SSLSILFFDENKNVVLKVYPNMTVESCACR
;
_entity_poly.pdbx_strand_id                 A,B 
_entity_poly.pdbx_target_identifier         ? 
# 
_pdbx_entity_nonpoly.entity_id   2 
_pdbx_entity_nonpoly.name        water 
_pdbx_entity_nonpoly.comp_id     HOH 
# 
loop_
_entity_poly_seq.entity_id 
_entity_poly_seq.num 
_entity_poly_seq.mon_id 
_entity_poly_seq.hetero 
1 1   GLN n 
1 2   TRP n 
1 3   ILE n 
1 4   GLU n 
1 5   PRO n 
1 6   ARG n 
1 7   ASN n 
1 8   CYS n 
1 9   ALA n 
1 10  ARG n 
1 11  ARG n 
1 12  TYR n 
1 13  LEU n 
1 14  LYS n 
1 15  VAL n 
1 16  ASP n 
1 17  PHE n 
1 18  ALA n 
1 19  ASP n 
1 20  ILE n 
1 21  GLY n 
1 22  TRP n 
1 23  SER n 
1 24  GLU n 
1 25  TRP n 
1 26  ILE n 
1 27  ILE n 
1 28  SER n 
1 29  PRO n 
1 30  LYS n 
1 31  SER n 
1 32  PHE n 
1 33  ASP n 
1 34  ALA n 
1 35  TYR n 
1 36  TYR n 
1 37  CYS n 
1 38  SER n 
1 39  GLY n 
1 40  ALA n 
1 41  CYS n 
1 42  GLN n 
1 43  PHE n 
1 44  PRO n 
1 45  MET n 
1 46  PRO n 
1 47  LYS n 
1 48  SER n 
1 49  LEU n 
1 50  LYS n 
1 51  PRO n 
1 52  SER n 
1 53  ASN n 
1 54  HIS n 
1 55  ALA n 
1 56  THR n 
1 57  ILE n 
1 58  GLN n 
1 59  SER n 
1 60  ILE n 
1 61  VAL n 
1 62  ARG n 
1 63  ALA n 
1 64  VAL n 
1 65  GLY n 
1 66  VAL n 
1 67  VAL n 
1 68  PRO n 
1 69  GLY n 
1 70  ILE n 
1 71  PRO n 
1 72  GLU n 
1 73  PRO n 
1 74  CYS n 
1 75  CYS n 
1 76  VAL n 
1 77  PRO n 
1 78  GLU n 
1 79  LYS n 
1 80  MET n 
1 81  SER n 
1 82  SER n 
1 83  LEU n 
1 84  SER n 
1 85  ILE n 
1 86  LEU n 
1 87  PHE n 
1 88  PHE n 
1 89  ASP n 
1 90  GLU n 
1 91  ASN n 
1 92  LYS n 
1 93  ASN n 
1 94  VAL n 
1 95  VAL n 
1 96  LEU n 
1 97  LYS n 
1 98  VAL n 
1 99  TYR n 
1 100 PRO n 
1 101 ASN n 
1 102 MET n 
1 103 THR n 
1 104 VAL n 
1 105 GLU n 
1 106 SER n 
1 107 CYS n 
1 108 ALA n 
1 109 CYS n 
1 110 ARG n 
# 
_entity_src_gen.entity_id                          1 
_entity_src_gen.pdbx_src_id                        1 
_entity_src_gen.pdbx_alt_source_flag               sample 
_entity_src_gen.pdbx_seq_type                      ? 
_entity_src_gen.pdbx_beg_seq_num                   ? 
_entity_src_gen.pdbx_end_seq_num                   ? 
_entity_src_gen.gene_src_common_name               human 
_entity_src_gen.gene_src_genus                     Homo 
_entity_src_gen.pdbx_gene_src_gene                 BMP3 
_entity_src_gen.gene_src_species                   ? 
_entity_src_gen.gene_src_strain                    ? 
_entity_src_gen.gene_src_tissue                    ? 
_entity_src_gen.gene_src_tissue_fraction           ? 
_entity_src_gen.gene_src_details                   ? 
_entity_src_gen.pdbx_gene_src_fragment             ? 
_entity_src_gen.pdbx_gene_src_scientific_name      'Homo sapiens' 
_entity_src_gen.pdbx_gene_src_ncbi_taxonomy_id     9606 
_entity_src_gen.pdbx_gene_src_variant              ? 
_entity_src_gen.pdbx_gene_src_cell_line            ? 
_entity_src_gen.pdbx_gene_src_atcc                 ? 
_entity_src_gen.pdbx_gene_src_organ                ? 
_entity_src_gen.pdbx_gene_src_organelle            ? 
_entity_src_gen.pdbx_gene_src_cell                 ? 
_entity_src_gen.pdbx_gene_src_cellular_location    ? 
_entity_src_gen.host_org_common_name               ? 
_entity_src_gen.pdbx_host_org_scientific_name      'Escherichia coli BL21' 
_entity_src_gen.pdbx_host_org_ncbi_taxonomy_id     511693 
_entity_src_gen.host_org_genus                     Escherichia 
_entity_src_gen.pdbx_host_org_gene                 ? 
_entity_src_gen.pdbx_host_org_organ                ? 
_entity_src_gen.host_org_species                   'Escherichia coli' 
_entity_src_gen.pdbx_host_org_tissue               ? 
_entity_src_gen.pdbx_host_org_tissue_fraction      ? 
_entity_src_gen.pdbx_host_org_strain               BL21 
_entity_src_gen.pdbx_host_org_variant              ? 
_entity_src_gen.pdbx_host_org_cell_line            ? 
_entity_src_gen.pdbx_host_org_atcc                 ? 
_entity_src_gen.pdbx_host_org_culture_collection   ? 
_entity_src_gen.pdbx_host_org_cell                 ? 
_entity_src_gen.pdbx_host_org_organelle            ? 
_entity_src_gen.pdbx_host_org_cellular_location    ? 
_entity_src_gen.pdbx_host_org_vector_type          plasmid 
_entity_src_gen.pdbx_host_org_vector               ? 
_entity_src_gen.host_org_details                   ? 
_entity_src_gen.expression_system_id               ? 
_entity_src_gen.plasmid_name                       pET21a 
_entity_src_gen.plasmid_details                    ? 
_entity_src_gen.pdbx_description                   ? 
# 
loop_
_chem_comp.id 
_chem_comp.type 
_chem_comp.mon_nstd_flag 
_chem_comp.name 
_chem_comp.pdbx_synonyms 
_chem_comp.formula 
_chem_comp.formula_weight 
ALA 'L-peptide linking' y ALANINE         ? 'C3 H7 N O2'     89.093  
ARG 'L-peptide linking' y ARGININE        ? 'C6 H15 N4 O2 1' 175.209 
ASN 'L-peptide linking' y ASPARAGINE      ? 'C4 H8 N2 O3'    132.118 
ASP 'L-peptide linking' y 'ASPARTIC ACID' ? 'C4 H7 N O4'     133.103 
CYS 'L-peptide linking' y CYSTEINE        ? 'C3 H7 N O2 S'   121.158 
GLN 'L-peptide linking' y GLUTAMINE       ? 'C5 H10 N2 O3'   146.144 
GLU 'L-peptide linking' y 'GLUTAMIC ACID' ? 'C5 H9 N O4'     147.129 
GLY 'peptide linking'   y GLYCINE         ? 'C2 H5 N O2'     75.067  
HIS 'L-peptide linking' y HISTIDINE       ? 'C6 H10 N3 O2 1' 156.162 
HOH non-polymer         . WATER           ? 'H2 O'           18.015  
ILE 'L-peptide linking' y ISOLEUCINE      ? 'C6 H13 N O2'    131.173 
LEU 'L-peptide linking' y LEUCINE         ? 'C6 H13 N O2'    131.173 
LYS 'L-peptide linking' y LYSINE          ? 'C6 H15 N2 O2 1' 147.195 
MET 'L-peptide linking' y METHIONINE      ? 'C5 H11 N O2 S'  149.211 
PHE 'L-peptide linking' y PHENYLALANINE   ? 'C9 H11 N O2'    165.189 
PRO 'L-peptide linking' y PROLINE         ? 'C5 H9 N O2'     115.130 
SER 'L-peptide linking' y SERINE          ? 'C3 H7 N O3'     105.093 
THR 'L-peptide linking' y THREONINE       ? 'C4 H9 N O3'     119.119 
TRP 'L-peptide linking' y TRYPTOPHAN      ? 'C11 H12 N2 O2'  204.225 
TYR 'L-peptide linking' y TYROSINE        ? 'C9 H11 N O3'    181.189 
VAL 'L-peptide linking' y VALINE          ? 'C5 H11 N O2'    117.146 
# 
loop_
_pdbx_poly_seq_scheme.asym_id 
_pdbx_poly_seq_scheme.entity_id 
_pdbx_poly_seq_scheme.seq_id 
_pdbx_poly_seq_scheme.mon_id 
_pdbx_poly_seq_scheme.ndb_seq_num 
_pdbx_poly_seq_scheme.pdb_seq_num 
_pdbx_poly_seq_scheme.auth_seq_num 
_pdbx_poly_seq_scheme.pdb_mon_id 
_pdbx_poly_seq_scheme.auth_mon_id 
_pdbx_poly_seq_scheme.pdb_strand_id 
_pdbx_poly_seq_scheme.pdb_ins_code 
_pdbx_poly_seq_scheme.hetero 
A 1 1   GLN 1   1   ?   ?   ?   A . n 
A 1 2   TRP 2   2   ?   ?   ?   A . n 
A 1 3   ILE 3   3   ?   ?   ?   A . n 
A 1 4   GLU 4   4   4   GLU GLU A . n 
A 1 5   PRO 5   5   5   PRO PRO A . n 
A 1 6   ARG 6   6   6   ARG ARG A . n 
A 1 7   ASN 7   7   7   ASN ASN A . n 
A 1 8   CYS 8   8   8   CYS CYS A . n 
A 1 9   ALA 9   9   9   ALA ALA A . n 
A 1 10  ARG 10  10  10  ARG ARG A . n 
A 1 11  ARG 11  11  11  ARG ARG A . n 
A 1 12  TYR 12  12  12  TYR TYR A . n 
A 1 13  LEU 13  13  13  LEU LEU A . n 
A 1 14  LYS 14  14  14  LYS LYS A . n 
A 1 15  VAL 15  15  15  VAL VAL A . n 
A 1 16  ASP 16  16  16  ASP ASP A . n 
A 1 17  PHE 17  17  17  PHE PHE A . n 
A 1 18  ALA 18  18  18  ALA ALA A . n 
A 1 19  ASP 19  19  19  ASP ASP A . n 
A 1 20  ILE 20  20  20  ILE ILE A . n 
A 1 21  GLY 21  21  21  GLY GLY A . n 
A 1 22  TRP 22  22  22  TRP TRP A . n 
A 1 23  SER 23  23  23  SER SER A . n 
A 1 24  GLU 24  24  24  GLU GLU A . n 
A 1 25  TRP 25  25  25  TRP TRP A . n 
A 1 26  ILE 26  26  26  ILE ILE A . n 
A 1 27  ILE 27  27  27  ILE ILE A . n 
A 1 28  SER 28  28  28  SER SER A . n 
A 1 29  PRO 29  29  29  PRO PRO A . n 
A 1 30  LYS 30  30  30  LYS LYS A . n 
A 1 31  SER 31  31  31  SER SER A . n 
A 1 32  PHE 32  32  32  PHE PHE A . n 
A 1 33  ASP 33  33  33  ASP ASP A . n 
A 1 34  ALA 34  34  34  ALA ALA A . n 
A 1 35  TYR 35  35  35  TYR TYR A . n 
A 1 36  TYR 36  36  36  TYR TYR A . n 
A 1 37  CYS 37  37  37  CYS CYS A . n 
A 1 38  SER 38  38  38  SER SER A . n 
A 1 39  GLY 39  39  39  GLY GLY A . n 
A 1 40  ALA 40  40  40  ALA ALA A . n 
A 1 41  CYS 41  41  41  CYS CYS A . n 
A 1 42  GLN 42  42  42  GLN GLN A . n 
A 1 43  PHE 43  43  43  PHE PHE A . n 
A 1 44  PRO 44  44  44  PRO PRO A . n 
A 1 45  MET 45  45  45  MET MET A . n 
A 1 46  PRO 46  46  46  PRO PRO A . n 
A 1 47  LYS 47  47  47  LYS LYS A . n 
A 1 48  SER 48  48  48  SER SER A . n 
A 1 49  LEU 49  49  49  LEU LEU A . n 
A 1 50  LYS 50  50  50  LYS LYS A . n 
A 1 51  PRO 51  51  51  PRO PRO A . n 
A 1 52  SER 52  52  52  SER SER A . n 
A 1 53  ASN 53  53  53  ASN ASN A . n 
A 1 54  HIS 54  54  54  HIS HIS A . n 
A 1 55  ALA 55  55  55  ALA ALA A . n 
A 1 56  THR 56  56  56  THR THR A . n 
A 1 57  ILE 57  57  57  ILE ILE A . n 
A 1 58  GLN 58  58  58  GLN GLN A . n 
A 1 59  SER 59  59  59  SER SER A . n 
A 1 60  ILE 60  60  60  ILE ILE A . n 
A 1 61  VAL 61  61  61  VAL VAL A . n 
A 1 62  ARG 62  62  62  ARG ARG A . n 
A 1 63  ALA 63  63  63  ALA ALA A . n 
A 1 64  VAL 64  64  64  VAL VAL A . n 
A 1 65  GLY 65  65  65  GLY GLY A . n 
A 1 66  VAL 66  66  66  VAL VAL A . n 
A 1 67  VAL 67  67  67  VAL VAL A . n 
A 1 68  PRO 68  68  68  PRO PRO A . n 
A 1 69  GLY 69  69  69  GLY GLY A . n 
A 1 70  ILE 70  70  70  ILE ILE A . n 
A 1 71  PRO 71  71  71  PRO PRO A . n 
A 1 72  GLU 72  72  72  GLU GLU A . n 
A 1 73  PRO 73  73  73  PRO PRO A . n 
A 1 74  CYS 74  74  74  CYS CYS A . n 
A 1 75  CYS 75  75  75  CYS CYS A . n 
A 1 76  VAL 76  76  76  VAL VAL A . n 
A 1 77  PRO 77  77  77  PRO PRO A . n 
A 1 78  GLU 78  78  78  GLU GLU A . n 
A 1 79  LYS 79  79  79  LYS LYS A . n 
A 1 80  MET 80  80  80  MET MET A . n 
A 1 81  SER 81  81  81  SER SER A . n 
A 1 82  SER 82  82  82  SER SER A . n 
A 1 83  LEU 83  83  83  LEU LEU A . n 
A 1 84  SER 84  84  84  SER SER A . n 
A 1 85  ILE 85  85  85  ILE ILE A . n 
A 1 86  LEU 86  86  86  LEU LEU A . n 
A 1 87  PHE 87  87  87  PHE PHE A . n 
A 1 88  PHE 88  88  88  PHE PHE A . n 
A 1 89  ASP 89  89  89  ASP ASP A . n 
A 1 90  GLU 90  90  90  GLU GLU A . n 
A 1 91  ASN 91  91  91  ASN ASN A . n 
A 1 92  LYS 92  92  92  LYS LYS A . n 
A 1 93  ASN 93  93  93  ASN ASN A . n 
A 1 94  VAL 94  94  94  VAL VAL A . n 
A 1 95  VAL 95  95  95  VAL VAL A . n 
A 1 96  LEU 96  96  96  LEU LEU A . n 
A 1 97  LYS 97  97  97  LYS LYS A . n 
A 1 98  VAL 98  98  98  VAL VAL A . n 
A 1 99  TYR 99  99  99  TYR TYR A . n 
A 1 100 PRO 100 100 100 PRO PRO A . n 
A 1 101 ASN 101 101 101 ASN ASN A . n 
A 1 102 MET 102 102 102 MET MET A . n 
A 1 103 THR 103 103 103 THR THR A . n 
A 1 104 VAL 104 104 104 VAL VAL A . n 
A 1 105 GLU 105 105 105 GLU GLU A . n 
A 1 106 SER 106 106 106 SER SER A . n 
A 1 107 CYS 107 107 107 CYS CYS A . n 
A 1 108 ALA 108 108 108 ALA ALA A . n 
A 1 109 CYS 109 109 109 CYS CYS A . n 
A 1 110 ARG 110 110 110 ARG ARG A . n 
B 1 1   GLN 1   1   ?   ?   ?   B . n 
B 1 2   TRP 2   2   ?   ?   ?   B . n 
B 1 3   ILE 3   3   3   ILE ILE B . n 
B 1 4   GLU 4   4   4   GLU GLU B . n 
B 1 5   PRO 5   5   5   PRO PRO B . n 
B 1 6   ARG 6   6   6   ARG ARG B . n 
B 1 7   ASN 7   7   7   ASN ASN B . n 
B 1 8   CYS 8   8   8   CYS CYS B . n 
B 1 9   ALA 9   9   9   ALA ALA B . n 
B 1 10  ARG 10  10  10  ARG ARG B . n 
B 1 11  ARG 11  11  11  ARG ARG B . n 
B 1 12  TYR 12  12  12  TYR TYR B . n 
B 1 13  LEU 13  13  13  LEU LEU B . n 
B 1 14  LYS 14  14  14  LYS LYS B . n 
B 1 15  VAL 15  15  15  VAL VAL B . n 
B 1 16  ASP 16  16  16  ASP ASP B . n 
B 1 17  PHE 17  17  17  PHE PHE B . n 
B 1 18  ALA 18  18  18  ALA ALA B . n 
B 1 19  ASP 19  19  19  ASP ASP B . n 
B 1 20  ILE 20  20  20  ILE ILE B . n 
B 1 21  GLY 21  21  21  GLY GLY B . n 
B 1 22  TRP 22  22  22  TRP TRP B . n 
B 1 23  SER 23  23  23  SER SER B . n 
B 1 24  GLU 24  24  24  GLU GLU B . n 
B 1 25  TRP 25  25  25  TRP TRP B . n 
B 1 26  ILE 26  26  26  ILE ILE B . n 
B 1 27  ILE 27  27  27  ILE ILE B . n 
B 1 28  SER 28  28  28  SER SER B . n 
B 1 29  PRO 29  29  29  PRO PRO B . n 
B 1 30  LYS 30  30  30  LYS LYS B . n 
B 1 31  SER 31  31  31  SER SER B . n 
B 1 32  PHE 32  32  32  PHE PHE B . n 
B 1 33  ASP 33  33  33  ASP ASP B . n 
B 1 34  ALA 34  34  34  ALA ALA B . n 
B 1 35  TYR 35  35  35  TYR TYR B . n 
B 1 36  TYR 36  36  36  TYR TYR B . n 
B 1 37  CYS 37  37  37  CYS CYS B . n 
B 1 38  SER 38  38  38  SER SER B . n 
B 1 39  GLY 39  39  39  GLY GLY B . n 
B 1 40  ALA 40  40  40  ALA ALA B . n 
B 1 41  CYS 41  41  41  CYS CYS B . n 
B 1 42  GLN 42  42  42  GLN GLN B . n 
B 1 43  PHE 43  43  43  PHE PHE B . n 
B 1 44  PRO 44  44  44  PRO PRO B . n 
B 1 45  MET 45  45  45  MET MET B . n 
B 1 46  PRO 46  46  46  PRO PRO B . n 
B 1 47  LYS 47  47  47  LYS LYS B . n 
B 1 48  SER 48  48  48  SER SER B . n 
B 1 49  LEU 49  49  49  LEU LEU B . n 
B 1 50  LYS 50  50  50  LYS LYS B . n 
B 1 51  PRO 51  51  51  PRO PRO B . n 
B 1 52  SER 52  52  52  SER SER B . n 
B 1 53  ASN 53  53  53  ASN ASN B . n 
B 1 54  HIS 54  54  54  HIS HIS B . n 
B 1 55  ALA 55  55  55  ALA ALA B . n 
B 1 56  THR 56  56  56  THR THR B . n 
B 1 57  ILE 57  57  57  ILE ILE B . n 
B 1 58  GLN 58  58  58  GLN GLN B . n 
B 1 59  SER 59  59  59  SER SER B . n 
B 1 60  ILE 60  60  60  ILE ILE B . n 
B 1 61  VAL 61  61  61  VAL VAL B . n 
B 1 62  ARG 62  62  62  ARG ARG B . n 
B 1 63  ALA 63  63  63  ALA ALA B . n 
B 1 64  VAL 64  64  64  VAL VAL B . n 
B 1 65  GLY 65  65  65  GLY GLY B . n 
B 1 66  VAL 66  66  66  VAL VAL B . n 
B 1 67  VAL 67  67  67  VAL VAL B . n 
B 1 68  PRO 68  68  68  PRO PRO B . n 
B 1 69  GLY 69  69  69  GLY GLY B . n 
B 1 70  ILE 70  70  70  ILE ILE B . n 
B 1 71  PRO 71  71  71  PRO PRO B . n 
B 1 72  GLU 72  72  72  GLU GLU B . n 
B 1 73  PRO 73  73  73  PRO PRO B . n 
B 1 74  CYS 74  74  74  CYS CYS B . n 
B 1 75  CYS 75  75  75  CYS CYS B . n 
B 1 76  VAL 76  76  76  VAL VAL B . n 
B 1 77  PRO 77  77  77  PRO PRO B . n 
B 1 78  GLU 78  78  78  GLU GLU B . n 
B 1 79  LYS 79  79  79  LYS LYS B . n 
B 1 80  MET 80  80  80  MET MET B . n 
B 1 81  SER 81  81  81  SER SER B . n 
B 1 82  SER 82  82  82  SER SER B . n 
B 1 83  LEU 83  83  83  LEU LEU B . n 
B 1 84  SER 84  84  84  SER SER B . n 
B 1 85  ILE 85  85  85  ILE ILE B . n 
B 1 86  LEU 86  86  86  LEU LEU B . n 
B 1 87  PHE 87  87  87  PHE PHE B . n 
B 1 88  PHE 88  88  88  PHE PHE B . n 
B 1 89  ASP 89  89  89  ASP ASP B . n 
B 1 90  GLU 90  90  90  GLU GLU B . n 
B 1 91  ASN 91  91  91  ASN ASN B . n 
B 1 92  LYS 92  92  92  LYS LYS B . n 
B 1 93  ASN 93  93  93  ASN ASN B . n 
B 1 94  VAL 94  94  94  VAL VAL B . n 
B 1 95  VAL 95  95  95  VAL VAL B . n 
B 1 96  LEU 96  96  96  LEU LEU B . n 
B 1 97  LYS 97  97  97  LYS LYS B . n 
B 1 98  VAL 98  98  98  VAL VAL B . n 
B 1 99  TYR 99  99  99  TYR TYR B . n 
B 1 100 PRO 100 100 100 PRO PRO B . n 
B 1 101 ASN 101 101 101 ASN ASN B . n 
B 1 102 MET 102 102 102 MET MET B . n 
B 1 103 THR 103 103 103 THR THR B . n 
B 1 104 VAL 104 104 104 VAL VAL B . n 
B 1 105 GLU 105 105 105 GLU GLU B . n 
B 1 106 SER 106 106 106 SER SER B . n 
B 1 107 CYS 107 107 107 CYS CYS B . n 
B 1 108 ALA 108 108 108 ALA ALA B . n 
B 1 109 CYS 109 109 109 CYS CYS B . n 
B 1 110 ARG 110 110 110 ARG ARG B . n 
# 
loop_
_pdbx_nonpoly_scheme.asym_id 
_pdbx_nonpoly_scheme.entity_id 
_pdbx_nonpoly_scheme.mon_id 
_pdbx_nonpoly_scheme.ndb_seq_num 
_pdbx_nonpoly_scheme.pdb_seq_num 
_pdbx_nonpoly_scheme.auth_seq_num 
_pdbx_nonpoly_scheme.pdb_mon_id 
_pdbx_nonpoly_scheme.auth_mon_id 
_pdbx_nonpoly_scheme.pdb_strand_id 
_pdbx_nonpoly_scheme.pdb_ins_code 
C 2 HOH 1  111 1  HOH HOH A . 
C 2 HOH 2  112 2  HOH HOH A . 
C 2 HOH 3  113 3  HOH HOH A . 
C 2 HOH 4  114 5  HOH HOH A . 
C 2 HOH 5  115 7  HOH HOH A . 
C 2 HOH 6  116 8  HOH HOH A . 
C 2 HOH 7  117 9  HOH HOH A . 
C 2 HOH 8  118 11 HOH HOH A . 
C 2 HOH 9  119 12 HOH HOH A . 
C 2 HOH 10 120 13 HOH HOH A . 
C 2 HOH 11 121 14 HOH HOH A . 
C 2 HOH 12 122 16 HOH HOH A . 
C 2 HOH 13 123 20 HOH HOH A . 
C 2 HOH 14 124 23 HOH HOH A . 
C 2 HOH 15 125 24 HOH HOH A . 
C 2 HOH 16 126 26 HOH HOH A . 
C 2 HOH 17 127 27 HOH HOH A . 
C 2 HOH 18 128 31 HOH HOH A . 
C 2 HOH 19 129 33 HOH HOH A . 
C 2 HOH 20 130 35 HOH HOH A . 
C 2 HOH 21 131 39 HOH HOH A . 
C 2 HOH 22 132 40 HOH HOH A . 
C 2 HOH 23 133 41 HOH HOH A . 
C 2 HOH 24 134 43 HOH HOH A . 
C 2 HOH 25 135 49 HOH HOH A . 
C 2 HOH 26 136 50 HOH HOH A . 
C 2 HOH 27 137 52 HOH HOH A . 
C 2 HOH 28 138 54 HOH HOH A . 
C 2 HOH 29 139 59 HOH HOH A . 
C 2 HOH 30 140 60 HOH HOH A . 
C 2 HOH 31 141 61 HOH HOH A . 
C 2 HOH 32 142 63 HOH HOH A . 
C 2 HOH 33 143 68 HOH HOH A . 
C 2 HOH 34 144 69 HOH HOH A . 
C 2 HOH 35 145 70 HOH HOH A . 
C 2 HOH 36 146 71 HOH HOH A . 
C 2 HOH 37 147 74 HOH HOH A . 
C 2 HOH 38 148 76 HOH HOH A . 
C 2 HOH 39 149 78 HOH HOH A . 
C 2 HOH 40 150 79 HOH HOH A . 
C 2 HOH 41 151 80 HOH HOH A . 
C 2 HOH 42 152 84 HOH HOH A . 
C 2 HOH 43 153 85 HOH HOH A . 
C 2 HOH 44 154 86 HOH HOH A . 
C 2 HOH 45 155 87 HOH HOH A . 
C 2 HOH 46 156 88 HOH HOH A . 
C 2 HOH 47 157 89 HOH HOH A . 
C 2 HOH 48 158 90 HOH HOH A . 
C 2 HOH 49 159 91 HOH HOH A . 
C 2 HOH 50 160 92 HOH HOH A . 
D 2 HOH 1  111 4  HOH HOH B . 
D 2 HOH 2  112 6  HOH HOH B . 
D 2 HOH 3  113 10 HOH HOH B . 
D 2 HOH 4  114 15 HOH HOH B . 
D 2 HOH 5  115 17 HOH HOH B . 
D 2 HOH 6  116 18 HOH HOH B . 
D 2 HOH 7  117 19 HOH HOH B . 
D 2 HOH 8  118 21 HOH HOH B . 
D 2 HOH 9  119 22 HOH HOH B . 
D 2 HOH 10 120 25 HOH HOH B . 
D 2 HOH 11 121 28 HOH HOH B . 
D 2 HOH 12 122 29 HOH HOH B . 
D 2 HOH 13 123 30 HOH HOH B . 
D 2 HOH 14 124 32 HOH HOH B . 
D 2 HOH 15 125 34 HOH HOH B . 
D 2 HOH 16 126 36 HOH HOH B . 
D 2 HOH 17 127 37 HOH HOH B . 
D 2 HOH 18 128 38 HOH HOH B . 
D 2 HOH 19 129 42 HOH HOH B . 
D 2 HOH 20 130 44 HOH HOH B . 
D 2 HOH 21 131 45 HOH HOH B . 
D 2 HOH 22 132 46 HOH HOH B . 
D 2 HOH 23 133 47 HOH HOH B . 
D 2 HOH 24 134 48 HOH HOH B . 
D 2 HOH 25 135 51 HOH HOH B . 
D 2 HOH 26 136 53 HOH HOH B . 
D 2 HOH 27 137 55 HOH HOH B . 
D 2 HOH 28 138 56 HOH HOH B . 
D 2 HOH 29 139 57 HOH HOH B . 
D 2 HOH 30 140 58 HOH HOH B . 
D 2 HOH 31 141 62 HOH HOH B . 
D 2 HOH 32 142 64 HOH HOH B . 
D 2 HOH 33 143 65 HOH HOH B . 
D 2 HOH 34 144 66 HOH HOH B . 
D 2 HOH 35 145 67 HOH HOH B . 
D 2 HOH 36 146 72 HOH HOH B . 
D 2 HOH 37 147 73 HOH HOH B . 
D 2 HOH 38 148 75 HOH HOH B . 
D 2 HOH 39 149 77 HOH HOH B . 
D 2 HOH 40 150 81 HOH HOH B . 
D 2 HOH 41 151 82 HOH HOH B . 
D 2 HOH 42 152 83 HOH HOH B . 
D 2 HOH 43 153 93 HOH HOH B . 
D 2 HOH 44 154 94 HOH HOH B . 
D 2 HOH 45 155 95 HOH HOH B . 
D 2 HOH 46 156 96 HOH HOH B . 
D 2 HOH 47 157 97 HOH HOH B . 
D 2 HOH 48 158 98 HOH HOH B . 
# 
loop_
_software.name 
_software.classification 
_software.version 
_software.citation_id 
_software.pdbx_ordinal 
REFMAC   refinement        5.2.0019 ? 1 
HKL-2000 'data collection' .        ? 2 
HKL-2000 'data reduction'  .        ? 3 
HKL-2000 'data scaling'    .        ? 4 
PHASER   phasing           .        ? 5 
# 
_cell.entry_id           2QCQ 
_cell.length_a           96.850 
_cell.length_b           96.850 
_cell.length_c           101.480 
_cell.angle_alpha        90.00 
_cell.angle_beta         90.00 
_cell.angle_gamma        120.00 
_cell.Z_PDB              18 
_cell.pdbx_unique_axis   ? 
_cell.length_a_esd       ? 
_cell.length_b_esd       ? 
_cell.length_c_esd       ? 
_cell.angle_alpha_esd    ? 
_cell.angle_beta_esd     ? 
_cell.angle_gamma_esd    ? 
# 
_symmetry.entry_id                         2QCQ 
_symmetry.space_group_name_H-M             'H 3' 
_symmetry.pdbx_full_space_group_name_H-M   ? 
_symmetry.cell_setting                     ? 
_symmetry.Int_Tables_number                146 
_symmetry.space_group_name_Hall            ? 
# 
_exptl.entry_id          2QCQ 
_exptl.method            'X-RAY DIFFRACTION' 
_exptl.crystals_number   1 
# 
_exptl_crystal.id                    1 
_exptl_crystal.density_meas          ? 
_exptl_crystal.density_Matthews      3.68 
_exptl_crystal.density_percent_sol   66.62 
_exptl_crystal.description           ? 
_exptl_crystal.F_000                 ? 
_exptl_crystal.preparation           ? 
# 
_exptl_crystal_grow.crystal_id      1 
_exptl_crystal_grow.method          'VAPOR DIFFUSION, HANGING DROP' 
_exptl_crystal_grow.temp            296 
_exptl_crystal_grow.temp_details    ? 
_exptl_crystal_grow.pH              5.6 
_exptl_crystal_grow.pdbx_details    
'26% tert-butanol and 0.1 M Na Citrate, pH 5.6, VAPOR DIFFUSION, HANGING DROP, temperature 296K' 
_exptl_crystal_grow.pdbx_pH_range   . 
# 
_diffrn.id                     1 
_diffrn.ambient_temp           100 
_diffrn.ambient_temp_details   ? 
_diffrn.crystal_id             1 
# 
_diffrn_detector.diffrn_id              1 
_diffrn_detector.detector               CCD 
_diffrn_detector.type                   'ADSC QUANTUM 210' 
_diffrn_detector.pdbx_collection_date   2006-08-23 
_diffrn_detector.details                ? 
# 
_diffrn_radiation.diffrn_id                        1 
_diffrn_radiation.wavelength_id                    1 
_diffrn_radiation.pdbx_monochromatic_or_laue_m_l   M 
_diffrn_radiation.monochromator                    'Double flat crystal, Si(111)' 
_diffrn_radiation.pdbx_diffrn_protocol             'SINGLE WAVELENGTH' 
_diffrn_radiation.pdbx_scattering_type             x-ray 
# 
_diffrn_radiation_wavelength.id           1 
_diffrn_radiation_wavelength.wavelength   1.11 
_diffrn_radiation_wavelength.wt           1.0 
# 
_diffrn_source.diffrn_id                   1 
_diffrn_source.source                      SYNCHROTRON 
_diffrn_source.type                        'ALS BEAMLINE 8.3.1' 
_diffrn_source.pdbx_synchrotron_site       ALS 
_diffrn_source.pdbx_synchrotron_beamline   8.3.1 
_diffrn_source.pdbx_wavelength             ? 
_diffrn_source.pdbx_wavelength_list        1.11 
# 
_reflns.entry_id                     2QCQ 
_reflns.observed_criterion_sigma_F   ? 
_reflns.observed_criterion_sigma_I   ? 
_reflns.d_resolution_high            2.20 
_reflns.d_resolution_low             43.46 
_reflns.number_all                   ? 
_reflns.number_obs                   17488 
_reflns.percent_possible_obs         97.9 
_reflns.pdbx_Rmerge_I_obs            0.055 
_reflns.pdbx_Rsym_value              ? 
_reflns.pdbx_netI_over_sigmaI        37.9 
_reflns.B_iso_Wilson_estimate        ? 
_reflns.pdbx_redundancy              2.9 
_reflns.R_free_details               ? 
_reflns.limit_h_max                  ? 
_reflns.limit_h_min                  ? 
_reflns.limit_k_max                  ? 
_reflns.limit_k_min                  ? 
_reflns.limit_l_max                  ? 
_reflns.limit_l_min                  ? 
_reflns.observed_criterion_F_max     ? 
_reflns.observed_criterion_F_min     ? 
_reflns.pdbx_chi_squared             ? 
_reflns.pdbx_scaling_rejects         ? 
_reflns.pdbx_ordinal                 1 
_reflns.pdbx_diffrn_id               1 
# 
_reflns_shell.d_res_high             2.20 
_reflns_shell.d_res_low              2.28 
_reflns_shell.percent_possible_all   94.40 
_reflns_shell.Rmerge_I_obs           0.313 
_reflns_shell.pdbx_Rsym_value        ? 
_reflns_shell.meanI_over_sigI_obs    6.2 
_reflns_shell.pdbx_redundancy        2.4 
_reflns_shell.percent_possible_obs   ? 
_reflns_shell.number_unique_all      1662 
_reflns_shell.number_measured_all    ? 
_reflns_shell.number_measured_obs    ? 
_reflns_shell.number_unique_obs      ? 
_reflns_shell.pdbx_chi_squared       ? 
_reflns_shell.pdbx_ordinal           1 
_reflns_shell.pdbx_diffrn_id         1 
# 
_refine.entry_id                                 2QCQ 
_refine.ls_number_reflns_obs                     16423 
_refine.ls_number_reflns_all                     ? 
_refine.pdbx_ls_sigma_I                          ? 
_refine.pdbx_ls_sigma_F                          ? 
_refine.pdbx_data_cutoff_high_absF               ? 
_refine.pdbx_data_cutoff_low_absF                ? 
_refine.pdbx_data_cutoff_high_rms_absF           ? 
_refine.ls_d_res_low                             27.96 
_refine.ls_d_res_high                            2.21 
_refine.ls_percent_reflns_obs                    96.78 
_refine.ls_R_factor_obs                          0.22956 
_refine.ls_R_factor_all                          ? 
_refine.ls_R_factor_R_work                       0.22817 
_refine.ls_R_factor_R_free                       0.2572 
_refine.ls_R_factor_R_free_error                 ? 
_refine.ls_R_factor_R_free_error_details         ? 
_refine.ls_percent_reflns_R_free                 5.1 
_refine.ls_number_reflns_R_free                  880 
_refine.ls_number_parameters                     ? 
_refine.ls_number_restraints                     ? 
_refine.occupancy_min                            ? 
_refine.occupancy_max                            ? 
_refine.correlation_coeff_Fo_to_Fc               0.943 
_refine.correlation_coeff_Fo_to_Fc_free          0.929 
_refine.B_iso_mean                               46.530 
_refine.aniso_B[1][1]                            0.70 
_refine.aniso_B[2][2]                            0.70 
_refine.aniso_B[3][3]                            -1.05 
_refine.aniso_B[1][2]                            0.35 
_refine.aniso_B[1][3]                            0.00 
_refine.aniso_B[2][3]                            0.00 
_refine.solvent_model_details                    MASK 
_refine.solvent_model_param_ksol                 ? 
_refine.solvent_model_param_bsol                 ? 
_refine.pdbx_solvent_vdw_probe_radii             1.40 
_refine.pdbx_solvent_ion_probe_radii             0.80 
_refine.pdbx_solvent_shrinkage_radii             0.80 
_refine.pdbx_ls_cross_valid_method               THROUGHOUT 
_refine.details                                  'HYDROGENS HAVE BEEN ADDED IN THE RIDING POSITIONS' 
_refine.pdbx_starting_model                      'BMP-2 ligand monomer from PDB entry 2goo' 
_refine.pdbx_method_to_determine_struct          'MOLECULAR REPLACEMENT' 
_refine.pdbx_isotropic_thermal_model             ? 
_refine.pdbx_stereochemistry_target_values       'MAXIMUM LIKELIHOOD' 
_refine.pdbx_stereochem_target_val_spec_case     ? 
_refine.pdbx_R_Free_selection_details            RANDOM 
_refine.pdbx_overall_ESU_R                       0.227 
_refine.pdbx_overall_ESU_R_Free                  0.192 
_refine.overall_SU_ML                            0.189 
_refine.overall_SU_B                             16.667 
_refine.ls_redundancy_reflns_obs                 ? 
_refine.B_iso_min                                ? 
_refine.B_iso_max                                ? 
_refine.overall_SU_R_Cruickshank_DPI             ? 
_refine.overall_SU_R_free                        ? 
_refine.ls_wR_factor_R_free                      ? 
_refine.ls_wR_factor_R_work                      ? 
_refine.overall_FOM_free_R_set                   ? 
_refine.overall_FOM_work_R_set                   ? 
_refine.pdbx_refine_id                           'X-RAY DIFFRACTION' 
_refine.pdbx_TLS_residual_ADP_flag               'LIKELY RESIDUAL' 
_refine.pdbx_diffrn_id                           1 
_refine.pdbx_overall_phase_error                 ? 
_refine.pdbx_overall_SU_R_free_Cruickshank_DPI   ? 
_refine.pdbx_overall_SU_R_Blow_DPI               ? 
_refine.pdbx_overall_SU_R_free_Blow_DPI          ? 
# 
_refine_hist.pdbx_refine_id                   'X-RAY DIFFRACTION' 
_refine_hist.cycle_id                         LAST 
_refine_hist.pdbx_number_atoms_protein        1682 
_refine_hist.pdbx_number_atoms_nucleic_acid   0 
_refine_hist.pdbx_number_atoms_ligand         0 
_refine_hist.number_atoms_solvent             98 
_refine_hist.number_atoms_total               1780 
_refine_hist.d_res_high                       2.21 
_refine_hist.d_res_low                        27.96 
# 
loop_
_refine_ls_restr.type 
_refine_ls_restr.dev_ideal 
_refine_ls_restr.dev_ideal_target 
_refine_ls_restr.weight 
_refine_ls_restr.number 
_refine_ls_restr.pdbx_refine_id 
_refine_ls_restr.pdbx_restraint_function 
r_bond_refined_d             0.012  0.022  ? 1733 'X-RAY DIFFRACTION' ? 
r_bond_other_d               ?      ?      ? ?    'X-RAY DIFFRACTION' ? 
r_angle_refined_deg          1.327  1.970  ? 2358 'X-RAY DIFFRACTION' ? 
r_angle_other_deg            ?      ?      ? ?    'X-RAY DIFFRACTION' ? 
r_dihedral_angle_1_deg       6.761  5.000  ? 212  'X-RAY DIFFRACTION' ? 
r_dihedral_angle_2_deg       33.876 23.529 ? 68   'X-RAY DIFFRACTION' ? 
r_dihedral_angle_3_deg       15.456 15.000 ? 287  'X-RAY DIFFRACTION' ? 
r_dihedral_angle_4_deg       17.928 15.000 ? 10   'X-RAY DIFFRACTION' ? 
r_chiral_restr               0.090  0.200  ? 255  'X-RAY DIFFRACTION' ? 
r_gen_planes_refined         0.004  0.020  ? 1308 'X-RAY DIFFRACTION' ? 
r_gen_planes_other           ?      ?      ? ?    'X-RAY DIFFRACTION' ? 
r_nbd_refined                0.201  0.200  ? 643  'X-RAY DIFFRACTION' ? 
r_nbd_other                  ?      ?      ? ?    'X-RAY DIFFRACTION' ? 
r_nbtor_refined              0.304  0.200  ? 1164 'X-RAY DIFFRACTION' ? 
r_nbtor_other                ?      ?      ? ?    'X-RAY DIFFRACTION' ? 
r_xyhbond_nbd_refined        0.134  0.200  ? 72   'X-RAY DIFFRACTION' ? 
r_xyhbond_nbd_other          ?      ?      ? ?    'X-RAY DIFFRACTION' ? 
r_metal_ion_refined          ?      ?      ? ?    'X-RAY DIFFRACTION' ? 
r_metal_ion_other            ?      ?      ? ?    'X-RAY DIFFRACTION' ? 
r_symmetry_vdw_refined       0.173  0.200  ? 16   'X-RAY DIFFRACTION' ? 
r_symmetry_vdw_other         ?      ?      ? ?    'X-RAY DIFFRACTION' ? 
r_symmetry_hbond_refined     0.197  0.200  ? 3    'X-RAY DIFFRACTION' ? 
r_symmetry_hbond_other       ?      ?      ? ?    'X-RAY DIFFRACTION' ? 
r_symmetry_metal_ion_refined ?      ?      ? ?    'X-RAY DIFFRACTION' ? 
r_symmetry_metal_ion_other   ?      ?      ? ?    'X-RAY DIFFRACTION' ? 
r_mcbond_it                  0.663  1.500  ? 1114 'X-RAY DIFFRACTION' ? 
r_mcbond_other               ?      ?      ? ?    'X-RAY DIFFRACTION' ? 
r_mcangle_it                 1.168  2.000  ? 1774 'X-RAY DIFFRACTION' ? 
r_scbond_it                  1.512  3.000  ? 713  'X-RAY DIFFRACTION' ? 
r_scangle_it                 2.339  4.500  ? 584  'X-RAY DIFFRACTION' ? 
r_rigid_bond_restr           ?      ?      ? ?    'X-RAY DIFFRACTION' ? 
r_sphericity_free            ?      ?      ? ?    'X-RAY DIFFRACTION' ? 
r_sphericity_bonded          ?      ?      ? ?    'X-RAY DIFFRACTION' ? 
# 
_refine_ls_shell.pdbx_total_number_of_bins_used   20 
_refine_ls_shell.d_res_high                       2.205 
_refine_ls_shell.d_res_low                        2.262 
_refine_ls_shell.number_reflns_R_work             1133 
_refine_ls_shell.R_factor_R_work                  0.456 
_refine_ls_shell.percent_reflns_obs               90.34 
_refine_ls_shell.R_factor_R_free                  0.485 
_refine_ls_shell.R_factor_R_free_error            ? 
_refine_ls_shell.percent_reflns_R_free            ? 
_refine_ls_shell.number_reflns_R_free             64 
_refine_ls_shell.number_reflns_all                ? 
_refine_ls_shell.R_factor_all                     ? 
_refine_ls_shell.number_reflns_obs                ? 
_refine_ls_shell.redundancy_reflns_obs            ? 
_refine_ls_shell.pdbx_refine_id                   'X-RAY DIFFRACTION' 
# 
_struct.entry_id                  2QCQ 
_struct.title                     'Crystal structure of Bone Morphogenetic Protein-3 (BMP-3)' 
_struct.pdbx_model_details        ? 
_struct.pdbx_CASP_flag            ? 
_struct.pdbx_model_type_details   ? 
# 
_struct_keywords.entry_id        2QCQ 
_struct_keywords.pdbx_keywords   'SIGNALING PROTEIN' 
_struct_keywords.text            'BMP, TGF-beta, SIGNALING PROTEIN' 
# 
loop_
_struct_asym.id 
_struct_asym.pdbx_blank_PDB_chainid_flag 
_struct_asym.pdbx_modified 
_struct_asym.entity_id 
_struct_asym.details 
A N N 1 ? 
B N N 1 ? 
C N N 2 ? 
D N N 2 ? 
# 
_struct_ref.id                         1 
_struct_ref.db_name                    UNP 
_struct_ref.db_code                    BMP3_HUMAN 
_struct_ref.pdbx_db_accession          P12645 
_struct_ref.entity_id                  1 
_struct_ref.pdbx_seq_one_letter_code   
;QWIEPRNCARRYLKVDFADIGWSEWIISPKSFDAYYCSGACQFPMPKSLKPSNHATIQSIVRAVGVVPGIPEPCCVPEKM
SSLSILFFDENKNVVLKVYPNMTVESCACR
;
_struct_ref.pdbx_align_begin           363 
_struct_ref.pdbx_db_isoform            ? 
# 
loop_
_struct_ref_seq.align_id 
_struct_ref_seq.ref_id 
_struct_ref_seq.pdbx_PDB_id_code 
_struct_ref_seq.pdbx_strand_id 
_struct_ref_seq.seq_align_beg 
_struct_ref_seq.pdbx_seq_align_beg_ins_code 
_struct_ref_seq.seq_align_end 
_struct_ref_seq.pdbx_seq_align_end_ins_code 
_struct_ref_seq.pdbx_db_accession 
_struct_ref_seq.db_align_beg 
_struct_ref_seq.pdbx_db_align_beg_ins_code 
_struct_ref_seq.db_align_end 
_struct_ref_seq.pdbx_db_align_end_ins_code 
_struct_ref_seq.pdbx_auth_seq_align_beg 
_struct_ref_seq.pdbx_auth_seq_align_end 
1 1 2QCQ A 1 ? 110 ? P12645 363 ? 472 ? 1 110 
2 1 2QCQ B 1 ? 110 ? P12645 363 ? 472 ? 1 110 
# 
_pdbx_struct_assembly.id                   1 
_pdbx_struct_assembly.details              author_and_software_defined_assembly 
_pdbx_struct_assembly.method_details       PISA,PQS 
_pdbx_struct_assembly.oligomeric_details   dimeric 
_pdbx_struct_assembly.oligomeric_count     2 
# 
loop_
_pdbx_struct_assembly_prop.biol_id 
_pdbx_struct_assembly_prop.type 
_pdbx_struct_assembly_prop.value 
_pdbx_struct_assembly_prop.details 
1 'ABSA (A^2)' 2580  ? 
1 MORE         -29   ? 
1 'SSA (A^2)'  12060 ? 
# 
_pdbx_struct_assembly_gen.assembly_id       1 
_pdbx_struct_assembly_gen.oper_expression   1 
_pdbx_struct_assembly_gen.asym_id_list      A,B,C,D 
# 
_pdbx_struct_oper_list.id                   1 
_pdbx_struct_oper_list.type                 'identity operation' 
_pdbx_struct_oper_list.name                 1_555 
_pdbx_struct_oper_list.symmetry_operation   x,y,z 
_pdbx_struct_oper_list.matrix[1][1]         1.0000000000 
_pdbx_struct_oper_list.matrix[1][2]         0.0000000000 
_pdbx_struct_oper_list.matrix[1][3]         0.0000000000 
_pdbx_struct_oper_list.vector[1]            0.0000000000 
_pdbx_struct_oper_list.matrix[2][1]         0.0000000000 
_pdbx_struct_oper_list.matrix[2][2]         1.0000000000 
_pdbx_struct_oper_list.matrix[2][3]         0.0000000000 
_pdbx_struct_oper_list.vector[2]            0.0000000000 
_pdbx_struct_oper_list.matrix[3][1]         0.0000000000 
_pdbx_struct_oper_list.matrix[3][2]         0.0000000000 
_pdbx_struct_oper_list.matrix[3][3]         1.0000000000 
_pdbx_struct_oper_list.vector[3]            0.0000000000 
# 
_struct_biol.id        1 
_struct_biol.details   'The biologically relevant molecule is a dimer, which is found in the asymmetric unit.' 
# 
loop_
_struct_conf.conf_type_id 
_struct_conf.id 
_struct_conf.pdbx_PDB_helix_id 
_struct_conf.beg_label_comp_id 
_struct_conf.beg_label_asym_id 
_struct_conf.beg_label_seq_id 
_struct_conf.pdbx_beg_PDB_ins_code 
_struct_conf.end_label_comp_id 
_struct_conf.end_label_asym_id 
_struct_conf.end_label_seq_id 
_struct_conf.pdbx_end_PDB_ins_code 
_struct_conf.beg_auth_comp_id 
_struct_conf.beg_auth_asym_id 
_struct_conf.beg_auth_seq_id 
_struct_conf.end_auth_comp_id 
_struct_conf.end_auth_asym_id 
_struct_conf.end_auth_seq_id 
_struct_conf.pdbx_PDB_helix_class 
_struct_conf.details 
_struct_conf.pdbx_PDB_helix_length 
HELX_P HELX_P1 1 PRO A 46 ? LYS A 50 ? PRO A 46 LYS A 50 5 ? 5  
HELX_P HELX_P2 2 SER A 52 ? VAL A 64 ? SER A 52 VAL A 64 1 ? 13 
HELX_P HELX_P3 3 ALA B 18 ? ILE B 20 ? ALA B 18 ILE B 20 5 ? 3  
HELX_P HELX_P4 4 PRO B 46 ? LYS B 50 ? PRO B 46 LYS B 50 5 ? 5  
HELX_P HELX_P5 5 SER B 52 ? VAL B 64 ? SER B 52 VAL B 64 1 ? 13 
# 
_struct_conf_type.id          HELX_P 
_struct_conf_type.criteria    ? 
_struct_conf_type.reference   ? 
# 
loop_
_struct_conn.id 
_struct_conn.conn_type_id 
_struct_conn.pdbx_leaving_atom_flag 
_struct_conn.pdbx_PDB_id 
_struct_conn.ptnr1_label_asym_id 
_struct_conn.ptnr1_label_comp_id 
_struct_conn.ptnr1_label_seq_id 
_struct_conn.ptnr1_label_atom_id 
_struct_conn.pdbx_ptnr1_label_alt_id 
_struct_conn.pdbx_ptnr1_PDB_ins_code 
_struct_conn.pdbx_ptnr1_standard_comp_id 
_struct_conn.ptnr1_symmetry 
_struct_conn.ptnr2_label_asym_id 
_struct_conn.ptnr2_label_comp_id 
_struct_conn.ptnr2_label_seq_id 
_struct_conn.ptnr2_label_atom_id 
_struct_conn.pdbx_ptnr2_label_alt_id 
_struct_conn.pdbx_ptnr2_PDB_ins_code 
_struct_conn.ptnr1_auth_asym_id 
_struct_conn.ptnr1_auth_comp_id 
_struct_conn.ptnr1_auth_seq_id 
_struct_conn.ptnr2_auth_asym_id 
_struct_conn.ptnr2_auth_comp_id 
_struct_conn.ptnr2_auth_seq_id 
_struct_conn.ptnr2_symmetry 
_struct_conn.pdbx_ptnr3_label_atom_id 
_struct_conn.pdbx_ptnr3_label_seq_id 
_struct_conn.pdbx_ptnr3_label_comp_id 
_struct_conn.pdbx_ptnr3_label_asym_id 
_struct_conn.pdbx_ptnr3_label_alt_id 
_struct_conn.pdbx_ptnr3_PDB_ins_code 
_struct_conn.details 
_struct_conn.pdbx_dist_value 
_struct_conn.pdbx_value_order 
_struct_conn.pdbx_role 
disulf1 disulf ? ? A CYS 8  SG ? ? ? 1_555 A CYS 75  SG ? ? A CYS 8  A CYS 75  1_555 ? ? ? ? ? ? ? 2.043 ? ? 
disulf2 disulf ? ? A CYS 37 SG ? ? ? 1_555 A CYS 107 SG ? ? A CYS 37 A CYS 107 1_555 ? ? ? ? ? ? ? 2.060 ? ? 
disulf3 disulf ? ? A CYS 41 SG ? ? ? 1_555 A CYS 109 SG ? ? A CYS 41 A CYS 109 1_555 ? ? ? ? ? ? ? 2.038 ? ? 
disulf4 disulf ? ? A CYS 74 SG ? ? ? 1_555 B CYS 74  SG ? ? A CYS 74 B CYS 74  1_555 ? ? ? ? ? ? ? 2.077 ? ? 
disulf5 disulf ? ? B CYS 8  SG ? ? ? 1_555 B CYS 75  SG ? ? B CYS 8  B CYS 75  1_555 ? ? ? ? ? ? ? 2.041 ? ? 
disulf6 disulf ? ? B CYS 37 SG ? ? ? 1_555 B CYS 107 SG ? ? B CYS 37 B CYS 107 1_555 ? ? ? ? ? ? ? 2.062 ? ? 
disulf7 disulf ? ? B CYS 41 SG ? ? ? 1_555 B CYS 109 SG ? ? B CYS 41 B CYS 109 1_555 ? ? ? ? ? ? ? 2.057 ? ? 
# 
_struct_conn_type.id          disulf 
_struct_conn_type.criteria    ? 
_struct_conn_type.reference   ? 
# 
loop_
_pdbx_modification_feature.ordinal 
_pdbx_modification_feature.label_comp_id 
_pdbx_modification_feature.label_asym_id 
_pdbx_modification_feature.label_seq_id 
_pdbx_modification_feature.label_alt_id 
_pdbx_modification_feature.modified_residue_label_comp_id 
_pdbx_modification_feature.modified_residue_label_asym_id 
_pdbx_modification_feature.modified_residue_label_seq_id 
_pdbx_modification_feature.modified_residue_label_alt_id 
_pdbx_modification_feature.auth_comp_id 
_pdbx_modification_feature.auth_asym_id 
_pdbx_modification_feature.auth_seq_id 
_pdbx_modification_feature.PDB_ins_code 
_pdbx_modification_feature.symmetry 
_pdbx_modification_feature.modified_residue_auth_comp_id 
_pdbx_modification_feature.modified_residue_auth_asym_id 
_pdbx_modification_feature.modified_residue_auth_seq_id 
_pdbx_modification_feature.modified_residue_PDB_ins_code 
_pdbx_modification_feature.modified_residue_symmetry 
_pdbx_modification_feature.comp_id_linking_atom 
_pdbx_modification_feature.modified_residue_id_linking_atom 
_pdbx_modification_feature.modified_residue_id 
_pdbx_modification_feature.ref_pcm_id 
_pdbx_modification_feature.ref_comp_id 
_pdbx_modification_feature.type 
_pdbx_modification_feature.category 
1 CYS A 8  ? CYS A 75  ? CYS A 8  ? 1_555 CYS A 75  ? 1_555 SG SG . . . None 'Disulfide bridge' 
2 CYS A 37 ? CYS A 107 ? CYS A 37 ? 1_555 CYS A 107 ? 1_555 SG SG . . . None 'Disulfide bridge' 
3 CYS A 41 ? CYS A 109 ? CYS A 41 ? 1_555 CYS A 109 ? 1_555 SG SG . . . None 'Disulfide bridge' 
4 CYS A 74 ? CYS B 74  ? CYS A 74 ? 1_555 CYS B 74  ? 1_555 SG SG . . . None 'Disulfide bridge' 
5 CYS B 8  ? CYS B 75  ? CYS B 8  ? 1_555 CYS B 75  ? 1_555 SG SG . . . None 'Disulfide bridge' 
6 CYS B 37 ? CYS B 107 ? CYS B 37 ? 1_555 CYS B 107 ? 1_555 SG SG . . . None 'Disulfide bridge' 
7 CYS B 41 ? CYS B 109 ? CYS B 41 ? 1_555 CYS B 109 ? 1_555 SG SG . . . None 'Disulfide bridge' 
# 
loop_
_struct_mon_prot_cis.pdbx_id 
_struct_mon_prot_cis.label_comp_id 
_struct_mon_prot_cis.label_seq_id 
_struct_mon_prot_cis.label_asym_id 
_struct_mon_prot_cis.label_alt_id 
_struct_mon_prot_cis.pdbx_PDB_ins_code 
_struct_mon_prot_cis.auth_comp_id 
_struct_mon_prot_cis.auth_seq_id 
_struct_mon_prot_cis.auth_asym_id 
_struct_mon_prot_cis.pdbx_label_comp_id_2 
_struct_mon_prot_cis.pdbx_label_seq_id_2 
_struct_mon_prot_cis.pdbx_label_asym_id_2 
_struct_mon_prot_cis.pdbx_PDB_ins_code_2 
_struct_mon_prot_cis.pdbx_auth_comp_id_2 
_struct_mon_prot_cis.pdbx_auth_seq_id_2 
_struct_mon_prot_cis.pdbx_auth_asym_id_2 
_struct_mon_prot_cis.pdbx_PDB_model_num 
_struct_mon_prot_cis.pdbx_omega_angle 
1 SER 28 A . ? SER 28 A PRO 29 A ? PRO 29 A 1 -4.56 
2 PHE 43 A . ? PHE 43 A PRO 44 A ? PRO 44 A 1 -5.98 
3 SER 28 B . ? SER 28 B PRO 29 B ? PRO 29 B 1 -4.29 
4 PHE 43 B . ? PHE 43 B PRO 44 B ? PRO 44 B 1 -1.17 
# 
loop_
_struct_sheet.id 
_struct_sheet.type 
_struct_sheet.number_strands 
_struct_sheet.details 
A ? 2 ? 
B ? 2 ? 
C ? 3 ? 
D ? 2 ? 
E ? 2 ? 
F ? 2 ? 
G ? 3 ? 
H ? 2 ? 
# 
loop_
_struct_sheet_order.sheet_id 
_struct_sheet_order.range_id_1 
_struct_sheet_order.range_id_2 
_struct_sheet_order.offset 
_struct_sheet_order.sense 
A 1 2 ? anti-parallel 
B 1 2 ? anti-parallel 
C 1 2 ? anti-parallel 
C 2 3 ? anti-parallel 
D 1 2 ? anti-parallel 
E 1 2 ? anti-parallel 
F 1 2 ? anti-parallel 
G 1 2 ? anti-parallel 
G 2 3 ? anti-parallel 
H 1 2 ? anti-parallel 
# 
loop_
_struct_sheet_range.sheet_id 
_struct_sheet_range.id 
_struct_sheet_range.beg_label_comp_id 
_struct_sheet_range.beg_label_asym_id 
_struct_sheet_range.beg_label_seq_id 
_struct_sheet_range.pdbx_beg_PDB_ins_code 
_struct_sheet_range.end_label_comp_id 
_struct_sheet_range.end_label_asym_id 
_struct_sheet_range.end_label_seq_id 
_struct_sheet_range.pdbx_end_PDB_ins_code 
_struct_sheet_range.beg_auth_comp_id 
_struct_sheet_range.beg_auth_asym_id 
_struct_sheet_range.beg_auth_seq_id 
_struct_sheet_range.end_auth_comp_id 
_struct_sheet_range.end_auth_asym_id 
_struct_sheet_range.end_auth_seq_id 
A 1 ALA A 9   ? ARG A 11  ? ALA A 9   ARG A 11  
A 2 TYR A 36  ? SER A 38  ? TYR A 36  SER A 38  
B 1 LYS A 14  ? ASP A 16  ? LYS A 14  ASP A 16  
B 2 SER A 31  ? ASP A 33  ? SER A 31  ASP A 33  
C 1 ILE A 26  ? SER A 28  ? ILE A 26  SER A 28  
C 2 MET A 80  ? PHE A 88  ? MET A 80  PHE A 88  
C 3 VAL A 94  ? VAL A 104 ? VAL A 94  VAL A 104 
D 1 CYS A 75  ? PRO A 77  ? CYS A 75  PRO A 77  
D 2 CYS A 107 ? CYS A 109 ? CYS A 107 CYS A 109 
E 1 ALA B 9   ? ARG B 11  ? ALA B 9   ARG B 11  
E 2 TYR B 36  ? SER B 38  ? TYR B 36  SER B 38  
F 1 LYS B 14  ? ASP B 16  ? LYS B 14  ASP B 16  
F 2 SER B 31  ? ASP B 33  ? SER B 31  ASP B 33  
G 1 ILE B 26  ? SER B 28  ? ILE B 26  SER B 28  
G 2 MET B 80  ? PHE B 88  ? MET B 80  PHE B 88  
G 3 VAL B 94  ? VAL B 104 ? VAL B 94  VAL B 104 
H 1 CYS B 75  ? PRO B 77  ? CYS B 75  PRO B 77  
H 2 CYS B 107 ? CYS B 109 ? CYS B 107 CYS B 109 
# 
loop_
_pdbx_struct_sheet_hbond.sheet_id 
_pdbx_struct_sheet_hbond.range_id_1 
_pdbx_struct_sheet_hbond.range_id_2 
_pdbx_struct_sheet_hbond.range_1_label_atom_id 
_pdbx_struct_sheet_hbond.range_1_label_comp_id 
_pdbx_struct_sheet_hbond.range_1_label_asym_id 
_pdbx_struct_sheet_hbond.range_1_label_seq_id 
_pdbx_struct_sheet_hbond.range_1_PDB_ins_code 
_pdbx_struct_sheet_hbond.range_1_auth_atom_id 
_pdbx_struct_sheet_hbond.range_1_auth_comp_id 
_pdbx_struct_sheet_hbond.range_1_auth_asym_id 
_pdbx_struct_sheet_hbond.range_1_auth_seq_id 
_pdbx_struct_sheet_hbond.range_2_label_atom_id 
_pdbx_struct_sheet_hbond.range_2_label_comp_id 
_pdbx_struct_sheet_hbond.range_2_label_asym_id 
_pdbx_struct_sheet_hbond.range_2_label_seq_id 
_pdbx_struct_sheet_hbond.range_2_PDB_ins_code 
_pdbx_struct_sheet_hbond.range_2_auth_atom_id 
_pdbx_struct_sheet_hbond.range_2_auth_comp_id 
_pdbx_struct_sheet_hbond.range_2_auth_asym_id 
_pdbx_struct_sheet_hbond.range_2_auth_seq_id 
A 1 2 N ARG A 11 ? N ARG A 11 O TYR A 36  ? O TYR A 36  
B 1 2 N VAL A 15 ? N VAL A 15 O PHE A 32  ? O PHE A 32  
C 1 2 N SER A 28 ? N SER A 28 O LEU A 86  ? O LEU A 86  
C 2 3 N LEU A 83 ? N LEU A 83 O TYR A 99  ? O TYR A 99  
D 1 2 N VAL A 76 ? N VAL A 76 O ALA A 108 ? O ALA A 108 
E 1 2 N ARG B 11 ? N ARG B 11 O TYR B 36  ? O TYR B 36  
F 1 2 N VAL B 15 ? N VAL B 15 O PHE B 32  ? O PHE B 32  
G 1 2 N SER B 28 ? N SER B 28 O LEU B 86  ? O LEU B 86  
G 2 3 N PHE B 87 ? N PHE B 87 O VAL B 95  ? O VAL B 95  
H 1 2 N VAL B 76 ? N VAL B 76 O ALA B 108 ? O ALA B 108 
# 
_pdbx_entry_details.entry_id                   2QCQ 
_pdbx_entry_details.compound_details           ? 
_pdbx_entry_details.source_details             ? 
_pdbx_entry_details.nonpolymer_details         ? 
_pdbx_entry_details.sequence_details           ? 
_pdbx_entry_details.has_ligand_of_interest     ? 
_pdbx_entry_details.has_protein_modification   Y 
# 
loop_
_pdbx_validate_torsion.id 
_pdbx_validate_torsion.PDB_model_num 
_pdbx_validate_torsion.auth_comp_id 
_pdbx_validate_torsion.auth_asym_id 
_pdbx_validate_torsion.auth_seq_id 
_pdbx_validate_torsion.PDB_ins_code 
_pdbx_validate_torsion.label_alt_id 
_pdbx_validate_torsion.phi 
_pdbx_validate_torsion.psi 
1 1 TYR A 35 ? ? 58.54   167.18 
2 1 VAL A 64 ? ? -81.00  40.73  
3 1 VAL A 67 ? ? 73.09   93.28  
4 1 GLU A 78 ? ? -104.23 -71.07 
5 1 TYR B 35 ? ? 58.01   169.45 
6 1 VAL B 67 ? ? 77.57   92.43  
7 1 GLU B 78 ? ? -86.46  -81.16 
8 1 ASP B 89 ? ? -49.62  164.14 
# 
loop_
_pdbx_refine_tls.id 
_pdbx_refine_tls.details 
_pdbx_refine_tls.method 
_pdbx_refine_tls.origin_x 
_pdbx_refine_tls.origin_y 
_pdbx_refine_tls.origin_z 
_pdbx_refine_tls.T[1][1] 
_pdbx_refine_tls.T[2][2] 
_pdbx_refine_tls.T[3][3] 
_pdbx_refine_tls.T[1][2] 
_pdbx_refine_tls.T[1][3] 
_pdbx_refine_tls.T[2][3] 
_pdbx_refine_tls.L[1][1] 
_pdbx_refine_tls.L[2][2] 
_pdbx_refine_tls.L[3][3] 
_pdbx_refine_tls.L[1][2] 
_pdbx_refine_tls.L[1][3] 
_pdbx_refine_tls.L[2][3] 
_pdbx_refine_tls.S[1][1] 
_pdbx_refine_tls.S[1][2] 
_pdbx_refine_tls.S[1][3] 
_pdbx_refine_tls.S[2][1] 
_pdbx_refine_tls.S[2][2] 
_pdbx_refine_tls.S[2][3] 
_pdbx_refine_tls.S[3][1] 
_pdbx_refine_tls.S[3][2] 
_pdbx_refine_tls.S[3][3] 
_pdbx_refine_tls.pdbx_refine_id 
1 ? refined -2.1499 -7.1195 4.6695  -0.1554 -0.1318 -0.1236 -0.0265 0.0070 0.0354 1.4909 9.3365 1.0151 -1.0646 -0.1598 -1.8843 0.1558  0.0742 -0.0128 -0.1423 -0.0390 0.7709 -0.0904 -0.0964 -0.1169 'X-RAY DIFFRACTION' 
2 ? refined 2.8105  6.9161  -4.3939 -0.1481 -0.1385 -0.1275 -0.0022 0.0032 0.0389 2.4885 7.8783 1.4165 3.5694  0.4874  -0.3313 -0.0794 0.0488 0.3096  -0.4081 0.0362  0.6871 0.1584  -0.1489 0.0432  'X-RAY DIFFRACTION' 
# 
loop_
_pdbx_refine_tls_group.id 
_pdbx_refine_tls_group.refine_tls_id 
_pdbx_refine_tls_group.beg_auth_asym_id 
_pdbx_refine_tls_group.beg_auth_seq_id 
_pdbx_refine_tls_group.beg_label_asym_id 
_pdbx_refine_tls_group.beg_label_seq_id 
_pdbx_refine_tls_group.end_auth_asym_id 
_pdbx_refine_tls_group.end_auth_seq_id 
_pdbx_refine_tls_group.end_label_asym_id 
_pdbx_refine_tls_group.end_label_seq_id 
_pdbx_refine_tls_group.selection 
_pdbx_refine_tls_group.pdbx_refine_id 
_pdbx_refine_tls_group.selection_details 
1 1 A 4 A 4 A 110 A 110 ? 'X-RAY DIFFRACTION' ? 
2 2 B 3 B 3 B 110 B 110 ? 'X-RAY DIFFRACTION' ? 
# 
loop_
_pdbx_unobs_or_zero_occ_residues.id 
_pdbx_unobs_or_zero_occ_residues.PDB_model_num 
_pdbx_unobs_or_zero_occ_residues.polymer_flag 
_pdbx_unobs_or_zero_occ_residues.occupancy_flag 
_pdbx_unobs_or_zero_occ_residues.auth_asym_id 
_pdbx_unobs_or_zero_occ_residues.auth_comp_id 
_pdbx_unobs_or_zero_occ_residues.auth_seq_id 
_pdbx_unobs_or_zero_occ_residues.PDB_ins_code 
_pdbx_unobs_or_zero_occ_residues.label_asym_id 
_pdbx_unobs_or_zero_occ_residues.label_comp_id 
_pdbx_unobs_or_zero_occ_residues.label_seq_id 
1 1 Y 1 A GLN 1 ? A GLN 1 
2 1 Y 1 A TRP 2 ? A TRP 2 
3 1 Y 1 A ILE 3 ? A ILE 3 
4 1 Y 1 B GLN 1 ? B GLN 1 
5 1 Y 1 B TRP 2 ? B TRP 2 
# 
loop_
_chem_comp_atom.comp_id 
_chem_comp_atom.atom_id 
_chem_comp_atom.type_symbol 
_chem_comp_atom.pdbx_aromatic_flag 
_chem_comp_atom.pdbx_stereo_config 
_chem_comp_atom.pdbx_ordinal 
ALA N    N N N 1   
ALA CA   C N S 2   
ALA C    C N N 3   
ALA O    O N N 4   
ALA CB   C N N 5   
ALA OXT  O N N 6   
ALA H    H N N 7   
ALA H2   H N N 8   
ALA HA   H N N 9   
ALA HB1  H N N 10  
ALA HB2  H N N 11  
ALA HB3  H N N 12  
ALA HXT  H N N 13  
ARG N    N N N 14  
ARG CA   C N S 15  
ARG C    C N N 16  
ARG O    O N N 17  
ARG CB   C N N 18  
ARG CG   C N N 19  
ARG CD   C N N 20  
ARG NE   N N N 21  
ARG CZ   C N N 22  
ARG NH1  N N N 23  
ARG NH2  N N N 24  
ARG OXT  O N N 25  
ARG H    H N N 26  
ARG H2   H N N 27  
ARG HA   H N N 28  
ARG HB2  H N N 29  
ARG HB3  H N N 30  
ARG HG2  H N N 31  
ARG HG3  H N N 32  
ARG HD2  H N N 33  
ARG HD3  H N N 34  
ARG HE   H N N 35  
ARG HH11 H N N 36  
ARG HH12 H N N 37  
ARG HH21 H N N 38  
ARG HH22 H N N 39  
ARG HXT  H N N 40  
ASN N    N N N 41  
ASN CA   C N S 42  
ASN C    C N N 43  
ASN O    O N N 44  
ASN CB   C N N 45  
ASN CG   C N N 46  
ASN OD1  O N N 47  
ASN ND2  N N N 48  
ASN OXT  O N N 49  
ASN H    H N N 50  
ASN H2   H N N 51  
ASN HA   H N N 52  
ASN HB2  H N N 53  
ASN HB3  H N N 54  
ASN HD21 H N N 55  
ASN HD22 H N N 56  
ASN HXT  H N N 57  
ASP N    N N N 58  
ASP CA   C N S 59  
ASP C    C N N 60  
ASP O    O N N 61  
ASP CB   C N N 62  
ASP CG   C N N 63  
ASP OD1  O N N 64  
ASP OD2  O N N 65  
ASP OXT  O N N 66  
ASP H    H N N 67  
ASP H2   H N N 68  
ASP HA   H N N 69  
ASP HB2  H N N 70  
ASP HB3  H N N 71  
ASP HD2  H N N 72  
ASP HXT  H N N 73  
CYS N    N N N 74  
CYS CA   C N R 75  
CYS C    C N N 76  
CYS O    O N N 77  
CYS CB   C N N 78  
CYS SG   S N N 79  
CYS OXT  O N N 80  
CYS H    H N N 81  
CYS H2   H N N 82  
CYS HA   H N N 83  
CYS HB2  H N N 84  
CYS HB3  H N N 85  
CYS HG   H N N 86  
CYS HXT  H N N 87  
GLN N    N N N 88  
GLN CA   C N S 89  
GLN C    C N N 90  
GLN O    O N N 91  
GLN CB   C N N 92  
GLN CG   C N N 93  
GLN CD   C N N 94  
GLN OE1  O N N 95  
GLN NE2  N N N 96  
GLN OXT  O N N 97  
GLN H    H N N 98  
GLN H2   H N N 99  
GLN HA   H N N 100 
GLN HB2  H N N 101 
GLN HB3  H N N 102 
GLN HG2  H N N 103 
GLN HG3  H N N 104 
GLN HE21 H N N 105 
GLN HE22 H N N 106 
GLN HXT  H N N 107 
GLU N    N N N 108 
GLU CA   C N S 109 
GLU C    C N N 110 
GLU O    O N N 111 
GLU CB   C N N 112 
GLU CG   C N N 113 
GLU CD   C N N 114 
GLU OE1  O N N 115 
GLU OE2  O N N 116 
GLU OXT  O N N 117 
GLU H    H N N 118 
GLU H2   H N N 119 
GLU HA   H N N 120 
GLU HB2  H N N 121 
GLU HB3  H N N 122 
GLU HG2  H N N 123 
GLU HG3  H N N 124 
GLU HE2  H N N 125 
GLU HXT  H N N 126 
GLY N    N N N 127 
GLY CA   C N N 128 
GLY C    C N N 129 
GLY O    O N N 130 
GLY OXT  O N N 131 
GLY H    H N N 132 
GLY H2   H N N 133 
GLY HA2  H N N 134 
GLY HA3  H N N 135 
GLY HXT  H N N 136 
HIS N    N N N 137 
HIS CA   C N S 138 
HIS C    C N N 139 
HIS O    O N N 140 
HIS CB   C N N 141 
HIS CG   C Y N 142 
HIS ND1  N Y N 143 
HIS CD2  C Y N 144 
HIS CE1  C Y N 145 
HIS NE2  N Y N 146 
HIS OXT  O N N 147 
HIS H    H N N 148 
HIS H2   H N N 149 
HIS HA   H N N 150 
HIS HB2  H N N 151 
HIS HB3  H N N 152 
HIS HD1  H N N 153 
HIS HD2  H N N 154 
HIS HE1  H N N 155 
HIS HE2  H N N 156 
HIS HXT  H N N 157 
HOH O    O N N 158 
HOH H1   H N N 159 
HOH H2   H N N 160 
ILE N    N N N 161 
ILE CA   C N S 162 
ILE C    C N N 163 
ILE O    O N N 164 
ILE CB   C N S 165 
ILE CG1  C N N 166 
ILE CG2  C N N 167 
ILE CD1  C N N 168 
ILE OXT  O N N 169 
ILE H    H N N 170 
ILE H2   H N N 171 
ILE HA   H N N 172 
ILE HB   H N N 173 
ILE HG12 H N N 174 
ILE HG13 H N N 175 
ILE HG21 H N N 176 
ILE HG22 H N N 177 
ILE HG23 H N N 178 
ILE HD11 H N N 179 
ILE HD12 H N N 180 
ILE HD13 H N N 181 
ILE HXT  H N N 182 
LEU N    N N N 183 
LEU CA   C N S 184 
LEU C    C N N 185 
LEU O    O N N 186 
LEU CB   C N N 187 
LEU CG   C N N 188 
LEU CD1  C N N 189 
LEU CD2  C N N 190 
LEU OXT  O N N 191 
LEU H    H N N 192 
LEU H2   H N N 193 
LEU HA   H N N 194 
LEU HB2  H N N 195 
LEU HB3  H N N 196 
LEU HG   H N N 197 
LEU HD11 H N N 198 
LEU HD12 H N N 199 
LEU HD13 H N N 200 
LEU HD21 H N N 201 
LEU HD22 H N N 202 
LEU HD23 H N N 203 
LEU HXT  H N N 204 
LYS N    N N N 205 
LYS CA   C N S 206 
LYS C    C N N 207 
LYS O    O N N 208 
LYS CB   C N N 209 
LYS CG   C N N 210 
LYS CD   C N N 211 
LYS CE   C N N 212 
LYS NZ   N N N 213 
LYS OXT  O N N 214 
LYS H    H N N 215 
LYS H2   H N N 216 
LYS HA   H N N 217 
LYS HB2  H N N 218 
LYS HB3  H N N 219 
LYS HG2  H N N 220 
LYS HG3  H N N 221 
LYS HD2  H N N 222 
LYS HD3  H N N 223 
LYS HE2  H N N 224 
LYS HE3  H N N 225 
LYS HZ1  H N N 226 
LYS HZ2  H N N 227 
LYS HZ3  H N N 228 
LYS HXT  H N N 229 
MET N    N N N 230 
MET CA   C N S 231 
MET C    C N N 232 
MET O    O N N 233 
MET CB   C N N 234 
MET CG   C N N 235 
MET SD   S N N 236 
MET CE   C N N 237 
MET OXT  O N N 238 
MET H    H N N 239 
MET H2   H N N 240 
MET HA   H N N 241 
MET HB2  H N N 242 
MET HB3  H N N 243 
MET HG2  H N N 244 
MET HG3  H N N 245 
MET HE1  H N N 246 
MET HE2  H N N 247 
MET HE3  H N N 248 
MET HXT  H N N 249 
PHE N    N N N 250 
PHE CA   C N S 251 
PHE C    C N N 252 
PHE O    O N N 253 
PHE CB   C N N 254 
PHE CG   C Y N 255 
PHE CD1  C Y N 256 
PHE CD2  C Y N 257 
PHE CE1  C Y N 258 
PHE CE2  C Y N 259 
PHE CZ   C Y N 260 
PHE OXT  O N N 261 
PHE H    H N N 262 
PHE H2   H N N 263 
PHE HA   H N N 264 
PHE HB2  H N N 265 
PHE HB3  H N N 266 
PHE HD1  H N N 267 
PHE HD2  H N N 268 
PHE HE1  H N N 269 
PHE HE2  H N N 270 
PHE HZ   H N N 271 
PHE HXT  H N N 272 
PRO N    N N N 273 
PRO CA   C N S 274 
PRO C    C N N 275 
PRO O    O N N 276 
PRO CB   C N N 277 
PRO CG   C N N 278 
PRO CD   C N N 279 
PRO OXT  O N N 280 
PRO H    H N N 281 
PRO HA   H N N 282 
PRO HB2  H N N 283 
PRO HB3  H N N 284 
PRO HG2  H N N 285 
PRO HG3  H N N 286 
PRO HD2  H N N 287 
PRO HD3  H N N 288 
PRO HXT  H N N 289 
SER N    N N N 290 
SER CA   C N S 291 
SER C    C N N 292 
SER O    O N N 293 
SER CB   C N N 294 
SER OG   O N N 295 
SER OXT  O N N 296 
SER H    H N N 297 
SER H2   H N N 298 
SER HA   H N N 299 
SER HB2  H N N 300 
SER HB3  H N N 301 
SER HG   H N N 302 
SER HXT  H N N 303 
THR N    N N N 304 
THR CA   C N S 305 
THR C    C N N 306 
THR O    O N N 307 
THR CB   C N R 308 
THR OG1  O N N 309 
THR CG2  C N N 310 
THR OXT  O N N 311 
THR H    H N N 312 
THR H2   H N N 313 
THR HA   H N N 314 
THR HB   H N N 315 
THR HG1  H N N 316 
THR HG21 H N N 317 
THR HG22 H N N 318 
THR HG23 H N N 319 
THR HXT  H N N 320 
TRP N    N N N 321 
TRP CA   C N S 322 
TRP C    C N N 323 
TRP O    O N N 324 
TRP CB   C N N 325 
TRP CG   C Y N 326 
TRP CD1  C Y N 327 
TRP CD2  C Y N 328 
TRP NE1  N Y N 329 
TRP CE2  C Y N 330 
TRP CE3  C Y N 331 
TRP CZ2  C Y N 332 
TRP CZ3  C Y N 333 
TRP CH2  C Y N 334 
TRP OXT  O N N 335 
TRP H    H N N 336 
TRP H2   H N N 337 
TRP HA   H N N 338 
TRP HB2  H N N 339 
TRP HB3  H N N 340 
TRP HD1  H N N 341 
TRP HE1  H N N 342 
TRP HE3  H N N 343 
TRP HZ2  H N N 344 
TRP HZ3  H N N 345 
TRP HH2  H N N 346 
TRP HXT  H N N 347 
TYR N    N N N 348 
TYR CA   C N S 349 
TYR C    C N N 350 
TYR O    O N N 351 
TYR CB   C N N 352 
TYR CG   C Y N 353 
TYR CD1  C Y N 354 
TYR CD2  C Y N 355 
TYR CE1  C Y N 356 
TYR CE2  C Y N 357 
TYR CZ   C Y N 358 
TYR OH   O N N 359 
TYR OXT  O N N 360 
TYR H    H N N 361 
TYR H2   H N N 362 
TYR HA   H N N 363 
TYR HB2  H N N 364 
TYR HB3  H N N 365 
TYR HD1  H N N 366 
TYR HD2  H N N 367 
TYR HE1  H N N 368 
TYR HE2  H N N 369 
TYR HH   H N N 370 
TYR HXT  H N N 371 
VAL N    N N N 372 
VAL CA   C N S 373 
VAL C    C N N 374 
VAL O    O N N 375 
VAL CB   C N N 376 
VAL CG1  C N N 377 
VAL CG2  C N N 378 
VAL OXT  O N N 379 
VAL H    H N N 380 
VAL H2   H N N 381 
VAL HA   H N N 382 
VAL HB   H N N 383 
VAL HG11 H N N 384 
VAL HG12 H N N 385 
VAL HG13 H N N 386 
VAL HG21 H N N 387 
VAL HG22 H N N 388 
VAL HG23 H N N 389 
VAL HXT  H N N 390 
# 
loop_
_chem_comp_bond.comp_id 
_chem_comp_bond.atom_id_1 
_chem_comp_bond.atom_id_2 
_chem_comp_bond.value_order 
_chem_comp_bond.pdbx_aromatic_flag 
_chem_comp_bond.pdbx_stereo_config 
_chem_comp_bond.pdbx_ordinal 
ALA N   CA   sing N N 1   
ALA N   H    sing N N 2   
ALA N   H2   sing N N 3   
ALA CA  C    sing N N 4   
ALA CA  CB   sing N N 5   
ALA CA  HA   sing N N 6   
ALA C   O    doub N N 7   
ALA C   OXT  sing N N 8   
ALA CB  HB1  sing N N 9   
ALA CB  HB2  sing N N 10  
ALA CB  HB3  sing N N 11  
ALA OXT HXT  sing N N 12  
ARG N   CA   sing N N 13  
ARG N   H    sing N N 14  
ARG N   H2   sing N N 15  
ARG CA  C    sing N N 16  
ARG CA  CB   sing N N 17  
ARG CA  HA   sing N N 18  
ARG C   O    doub N N 19  
ARG C   OXT  sing N N 20  
ARG CB  CG   sing N N 21  
ARG CB  HB2  sing N N 22  
ARG CB  HB3  sing N N 23  
ARG CG  CD   sing N N 24  
ARG CG  HG2  sing N N 25  
ARG CG  HG3  sing N N 26  
ARG CD  NE   sing N N 27  
ARG CD  HD2  sing N N 28  
ARG CD  HD3  sing N N 29  
ARG NE  CZ   sing N N 30  
ARG NE  HE   sing N N 31  
ARG CZ  NH1  sing N N 32  
ARG CZ  NH2  doub N N 33  
ARG NH1 HH11 sing N N 34  
ARG NH1 HH12 sing N N 35  
ARG NH2 HH21 sing N N 36  
ARG NH2 HH22 sing N N 37  
ARG OXT HXT  sing N N 38  
ASN N   CA   sing N N 39  
ASN N   H    sing N N 40  
ASN N   H2   sing N N 41  
ASN CA  C    sing N N 42  
ASN CA  CB   sing N N 43  
ASN CA  HA   sing N N 44  
ASN C   O    doub N N 45  
ASN C   OXT  sing N N 46  
ASN CB  CG   sing N N 47  
ASN CB  HB2  sing N N 48  
ASN CB  HB3  sing N N 49  
ASN CG  OD1  doub N N 50  
ASN CG  ND2  sing N N 51  
ASN ND2 HD21 sing N N 52  
ASN ND2 HD22 sing N N 53  
ASN OXT HXT  sing N N 54  
ASP N   CA   sing N N 55  
ASP N   H    sing N N 56  
ASP N   H2   sing N N 57  
ASP CA  C    sing N N 58  
ASP CA  CB   sing N N 59  
ASP CA  HA   sing N N 60  
ASP C   O    doub N N 61  
ASP C   OXT  sing N N 62  
ASP CB  CG   sing N N 63  
ASP CB  HB2  sing N N 64  
ASP CB  HB3  sing N N 65  
ASP CG  OD1  doub N N 66  
ASP CG  OD2  sing N N 67  
ASP OD2 HD2  sing N N 68  
ASP OXT HXT  sing N N 69  
CYS N   CA   sing N N 70  
CYS N   H    sing N N 71  
CYS N   H2   sing N N 72  
CYS CA  C    sing N N 73  
CYS CA  CB   sing N N 74  
CYS CA  HA   sing N N 75  
CYS C   O    doub N N 76  
CYS C   OXT  sing N N 77  
CYS CB  SG   sing N N 78  
CYS CB  HB2  sing N N 79  
CYS CB  HB3  sing N N 80  
CYS SG  HG   sing N N 81  
CYS OXT HXT  sing N N 82  
GLN N   CA   sing N N 83  
GLN N   H    sing N N 84  
GLN N   H2   sing N N 85  
GLN CA  C    sing N N 86  
GLN CA  CB   sing N N 87  
GLN CA  HA   sing N N 88  
GLN C   O    doub N N 89  
GLN C   OXT  sing N N 90  
GLN CB  CG   sing N N 91  
GLN CB  HB2  sing N N 92  
GLN CB  HB3  sing N N 93  
GLN CG  CD   sing N N 94  
GLN CG  HG2  sing N N 95  
GLN CG  HG3  sing N N 96  
GLN CD  OE1  doub N N 97  
GLN CD  NE2  sing N N 98  
GLN NE2 HE21 sing N N 99  
GLN NE2 HE22 sing N N 100 
GLN OXT HXT  sing N N 101 
GLU N   CA   sing N N 102 
GLU N   H    sing N N 103 
GLU N   H2   sing N N 104 
GLU CA  C    sing N N 105 
GLU CA  CB   sing N N 106 
GLU CA  HA   sing N N 107 
GLU C   O    doub N N 108 
GLU C   OXT  sing N N 109 
GLU CB  CG   sing N N 110 
GLU CB  HB2  sing N N 111 
GLU CB  HB3  sing N N 112 
GLU CG  CD   sing N N 113 
GLU CG  HG2  sing N N 114 
GLU CG  HG3  sing N N 115 
GLU CD  OE1  doub N N 116 
GLU CD  OE2  sing N N 117 
GLU OE2 HE2  sing N N 118 
GLU OXT HXT  sing N N 119 
GLY N   CA   sing N N 120 
GLY N   H    sing N N 121 
GLY N   H2   sing N N 122 
GLY CA  C    sing N N 123 
GLY CA  HA2  sing N N 124 
GLY CA  HA3  sing N N 125 
GLY C   O    doub N N 126 
GLY C   OXT  sing N N 127 
GLY OXT HXT  sing N N 128 
HIS N   CA   sing N N 129 
HIS N   H    sing N N 130 
HIS N   H2   sing N N 131 
HIS CA  C    sing N N 132 
HIS CA  CB   sing N N 133 
HIS CA  HA   sing N N 134 
HIS C   O    doub N N 135 
HIS C   OXT  sing N N 136 
HIS CB  CG   sing N N 137 
HIS CB  HB2  sing N N 138 
HIS CB  HB3  sing N N 139 
HIS CG  ND1  sing Y N 140 
HIS CG  CD2  doub Y N 141 
HIS ND1 CE1  doub Y N 142 
HIS ND1 HD1  sing N N 143 
HIS CD2 NE2  sing Y N 144 
HIS CD2 HD2  sing N N 145 
HIS CE1 NE2  sing Y N 146 
HIS CE1 HE1  sing N N 147 
HIS NE2 HE2  sing N N 148 
HIS OXT HXT  sing N N 149 
HOH O   H1   sing N N 150 
HOH O   H2   sing N N 151 
ILE N   CA   sing N N 152 
ILE N   H    sing N N 153 
ILE N   H2   sing N N 154 
ILE CA  C    sing N N 155 
ILE CA  CB   sing N N 156 
ILE CA  HA   sing N N 157 
ILE C   O    doub N N 158 
ILE C   OXT  sing N N 159 
ILE CB  CG1  sing N N 160 
ILE CB  CG2  sing N N 161 
ILE CB  HB   sing N N 162 
ILE CG1 CD1  sing N N 163 
ILE CG1 HG12 sing N N 164 
ILE CG1 HG13 sing N N 165 
ILE CG2 HG21 sing N N 166 
ILE CG2 HG22 sing N N 167 
ILE CG2 HG23 sing N N 168 
ILE CD1 HD11 sing N N 169 
ILE CD1 HD12 sing N N 170 
ILE CD1 HD13 sing N N 171 
ILE OXT HXT  sing N N 172 
LEU N   CA   sing N N 173 
LEU N   H    sing N N 174 
LEU N   H2   sing N N 175 
LEU CA  C    sing N N 176 
LEU CA  CB   sing N N 177 
LEU CA  HA   sing N N 178 
LEU C   O    doub N N 179 
LEU C   OXT  sing N N 180 
LEU CB  CG   sing N N 181 
LEU CB  HB2  sing N N 182 
LEU CB  HB3  sing N N 183 
LEU CG  CD1  sing N N 184 
LEU CG  CD2  sing N N 185 
LEU CG  HG   sing N N 186 
LEU CD1 HD11 sing N N 187 
LEU CD1 HD12 sing N N 188 
LEU CD1 HD13 sing N N 189 
LEU CD2 HD21 sing N N 190 
LEU CD2 HD22 sing N N 191 
LEU CD2 HD23 sing N N 192 
LEU OXT HXT  sing N N 193 
LYS N   CA   sing N N 194 
LYS N   H    sing N N 195 
LYS N   H2   sing N N 196 
LYS CA  C    sing N N 197 
LYS CA  CB   sing N N 198 
LYS CA  HA   sing N N 199 
LYS C   O    doub N N 200 
LYS C   OXT  sing N N 201 
LYS CB  CG   sing N N 202 
LYS CB  HB2  sing N N 203 
LYS CB  HB3  sing N N 204 
LYS CG  CD   sing N N 205 
LYS CG  HG2  sing N N 206 
LYS CG  HG3  sing N N 207 
LYS CD  CE   sing N N 208 
LYS CD  HD2  sing N N 209 
LYS CD  HD3  sing N N 210 
LYS CE  NZ   sing N N 211 
LYS CE  HE2  sing N N 212 
LYS CE  HE3  sing N N 213 
LYS NZ  HZ1  sing N N 214 
LYS NZ  HZ2  sing N N 215 
LYS NZ  HZ3  sing N N 216 
LYS OXT HXT  sing N N 217 
MET N   CA   sing N N 218 
MET N   H    sing N N 219 
MET N   H2   sing N N 220 
MET CA  C    sing N N 221 
MET CA  CB   sing N N 222 
MET CA  HA   sing N N 223 
MET C   O    doub N N 224 
MET C   OXT  sing N N 225 
MET CB  CG   sing N N 226 
MET CB  HB2  sing N N 227 
MET CB  HB3  sing N N 228 
MET CG  SD   sing N N 229 
MET CG  HG2  sing N N 230 
MET CG  HG3  sing N N 231 
MET SD  CE   sing N N 232 
MET CE  HE1  sing N N 233 
MET CE  HE2  sing N N 234 
MET CE  HE3  sing N N 235 
MET OXT HXT  sing N N 236 
PHE N   CA   sing N N 237 
PHE N   H    sing N N 238 
PHE N   H2   sing N N 239 
PHE CA  C    sing N N 240 
PHE CA  CB   sing N N 241 
PHE CA  HA   sing N N 242 
PHE C   O    doub N N 243 
PHE C   OXT  sing N N 244 
PHE CB  CG   sing N N 245 
PHE CB  HB2  sing N N 246 
PHE CB  HB3  sing N N 247 
PHE CG  CD1  doub Y N 248 
PHE CG  CD2  sing Y N 249 
PHE CD1 CE1  sing Y N 250 
PHE CD1 HD1  sing N N 251 
PHE CD2 CE2  doub Y N 252 
PHE CD2 HD2  sing N N 253 
PHE CE1 CZ   doub Y N 254 
PHE CE1 HE1  sing N N 255 
PHE CE2 CZ   sing Y N 256 
PHE CE2 HE2  sing N N 257 
PHE CZ  HZ   sing N N 258 
PHE OXT HXT  sing N N 259 
PRO N   CA   sing N N 260 
PRO N   CD   sing N N 261 
PRO N   H    sing N N 262 
PRO CA  C    sing N N 263 
PRO CA  CB   sing N N 264 
PRO CA  HA   sing N N 265 
PRO C   O    doub N N 266 
PRO C   OXT  sing N N 267 
PRO CB  CG   sing N N 268 
PRO CB  HB2  sing N N 269 
PRO CB  HB3  sing N N 270 
PRO CG  CD   sing N N 271 
PRO CG  HG2  sing N N 272 
PRO CG  HG3  sing N N 273 
PRO CD  HD2  sing N N 274 
PRO CD  HD3  sing N N 275 
PRO OXT HXT  sing N N 276 
SER N   CA   sing N N 277 
SER N   H    sing N N 278 
SER N   H2   sing N N 279 
SER CA  C    sing N N 280 
SER CA  CB   sing N N 281 
SER CA  HA   sing N N 282 
SER C   O    doub N N 283 
SER C   OXT  sing N N 284 
SER CB  OG   sing N N 285 
SER CB  HB2  sing N N 286 
SER CB  HB3  sing N N 287 
SER OG  HG   sing N N 288 
SER OXT HXT  sing N N 289 
THR N   CA   sing N N 290 
THR N   H    sing N N 291 
THR N   H2   sing N N 292 
THR CA  C    sing N N 293 
THR CA  CB   sing N N 294 
THR CA  HA   sing N N 295 
THR C   O    doub N N 296 
THR C   OXT  sing N N 297 
THR CB  OG1  sing N N 298 
THR CB  CG2  sing N N 299 
THR CB  HB   sing N N 300 
THR OG1 HG1  sing N N 301 
THR CG2 HG21 sing N N 302 
THR CG2 HG22 sing N N 303 
THR CG2 HG23 sing N N 304 
THR OXT HXT  sing N N 305 
TRP N   CA   sing N N 306 
TRP N   H    sing N N 307 
TRP N   H2   sing N N 308 
TRP CA  C    sing N N 309 
TRP CA  CB   sing N N 310 
TRP CA  HA   sing N N 311 
TRP C   O    doub N N 312 
TRP C   OXT  sing N N 313 
TRP CB  CG   sing N N 314 
TRP CB  HB2  sing N N 315 
TRP CB  HB3  sing N N 316 
TRP CG  CD1  doub Y N 317 
TRP CG  CD2  sing Y N 318 
TRP CD1 NE1  sing Y N 319 
TRP CD1 HD1  sing N N 320 
TRP CD2 CE2  doub Y N 321 
TRP CD2 CE3  sing Y N 322 
TRP NE1 CE2  sing Y N 323 
TRP NE1 HE1  sing N N 324 
TRP CE2 CZ2  sing Y N 325 
TRP CE3 CZ3  doub Y N 326 
TRP CE3 HE3  sing N N 327 
TRP CZ2 CH2  doub Y N 328 
TRP CZ2 HZ2  sing N N 329 
TRP CZ3 CH2  sing Y N 330 
TRP CZ3 HZ3  sing N N 331 
TRP CH2 HH2  sing N N 332 
TRP OXT HXT  sing N N 333 
TYR N   CA   sing N N 334 
TYR N   H    sing N N 335 
TYR N   H2   sing N N 336 
TYR CA  C    sing N N 337 
TYR CA  CB   sing N N 338 
TYR CA  HA   sing N N 339 
TYR C   O    doub N N 340 
TYR C   OXT  sing N N 341 
TYR CB  CG   sing N N 342 
TYR CB  HB2  sing N N 343 
TYR CB  HB3  sing N N 344 
TYR CG  CD1  doub Y N 345 
TYR CG  CD2  sing Y N 346 
TYR CD1 CE1  sing Y N 347 
TYR CD1 HD1  sing N N 348 
TYR CD2 CE2  doub Y N 349 
TYR CD2 HD2  sing N N 350 
TYR CE1 CZ   doub Y N 351 
TYR CE1 HE1  sing N N 352 
TYR CE2 CZ   sing Y N 353 
TYR CE2 HE2  sing N N 354 
TYR CZ  OH   sing N N 355 
TYR OH  HH   sing N N 356 
TYR OXT HXT  sing N N 357 
VAL N   CA   sing N N 358 
VAL N   H    sing N N 359 
VAL N   H2   sing N N 360 
VAL CA  C    sing N N 361 
VAL CA  CB   sing N N 362 
VAL CA  HA   sing N N 363 
VAL C   O    doub N N 364 
VAL C   OXT  sing N N 365 
VAL CB  CG1  sing N N 366 
VAL CB  CG2  sing N N 367 
VAL CB  HB   sing N N 368 
VAL CG1 HG11 sing N N 369 
VAL CG1 HG12 sing N N 370 
VAL CG1 HG13 sing N N 371 
VAL CG2 HG21 sing N N 372 
VAL CG2 HG22 sing N N 373 
VAL CG2 HG23 sing N N 374 
VAL OXT HXT  sing N N 375 
# 
_pdbx_initial_refinement_model.id               1 
_pdbx_initial_refinement_model.entity_id_list   ? 
_pdbx_initial_refinement_model.type             'experimental model' 
_pdbx_initial_refinement_model.source_name      PDB 
_pdbx_initial_refinement_model.accession_code   2GOO 
_pdbx_initial_refinement_model.details          'BMP-2 ligand monomer from PDB entry 2goo' 
# 
_atom_sites.entry_id                    2QCQ 
_atom_sites.fract_transf_matrix[1][1]   0.00053445 
_atom_sites.fract_transf_matrix[1][2]   0.01155258 
_atom_sites.fract_transf_matrix[1][3]   0.00289679 
_atom_sites.fract_transf_matrix[2][1]   0.00991963 
_atom_sites.fract_transf_matrix[2][2]   0.00447066 
_atom_sites.fract_transf_matrix[2][3]   0.00487566 
_atom_sites.fract_transf_matrix[3][1]   0.00347204 
_atom_sites.fract_transf_matrix[3][2]   0.00209153 
_atom_sites.fract_transf_matrix[3][3]   -0.00898175 
_atom_sites.fract_transf_vector[1]      0.000040 
_atom_sites.fract_transf_vector[2]      0.305927 
_atom_sites.fract_transf_vector[3]      0.200900 
# 
loop_
_atom_type.symbol 
C 
N 
O 
S 
# 
loop_
_atom_site.group_PDB 
_atom_site.id 
_atom_site.type_symbol 
_atom_site.label_atom_id 
_atom_site.label_alt_id 
_atom_site.label_comp_id 
_atom_site.label_asym_id 
_atom_site.label_entity_id 
_atom_site.label_seq_id 
_atom_site.pdbx_PDB_ins_code 
_atom_site.Cartn_x 
_atom_site.Cartn_y 
_atom_site.Cartn_z 
_atom_site.occupancy 
_atom_site.B_iso_or_equiv 
_atom_site.pdbx_formal_charge 
_atom_site.auth_seq_id 
_atom_site.auth_comp_id 
_atom_site.auth_asym_id 
_atom_site.auth_atom_id 
_atom_site.pdbx_PDB_model_num 
ATOM   1    N N   . GLU A 1 4   ? -16.212 1.534   2.934   1.00 60.45 ? 4   GLU A N   1 
ATOM   2    C CA  . GLU A 1 4   ? -15.570 1.508   4.288   1.00 60.56 ? 4   GLU A CA  1 
ATOM   3    C C   . GLU A 1 4   ? -15.226 2.931   4.791   1.00 59.99 ? 4   GLU A C   1 
ATOM   4    O O   . GLU A 1 4   ? -14.134 3.453   4.499   1.00 59.90 ? 4   GLU A O   1 
ATOM   5    C CB  . GLU A 1 4   ? -14.342 0.581   4.279   1.00 60.76 ? 4   GLU A CB  1 
ATOM   6    C CG  . GLU A 1 4   ? -13.465 0.623   5.543   1.00 62.69 ? 4   GLU A CG  1 
ATOM   7    C CD  . GLU A 1 4   ? -14.087 -0.054  6.763   1.00 65.01 ? 4   GLU A CD  1 
ATOM   8    O OE1 . GLU A 1 4   ? -14.091 -1.316  6.817   1.00 66.40 ? 4   GLU A OE1 1 
ATOM   9    O OE2 . GLU A 1 4   ? -14.544 0.679   7.684   1.00 66.23 ? 4   GLU A OE2 1 
ATOM   10   N N   . PRO A 1 5   ? -16.156 3.551   5.564   1.00 59.34 ? 5   PRO A N   1 
ATOM   11   C CA  . PRO A 1 5   ? -16.101 4.978   5.959   1.00 58.67 ? 5   PRO A CA  1 
ATOM   12   C C   . PRO A 1 5   ? -15.053 5.379   7.026   1.00 57.73 ? 5   PRO A C   1 
ATOM   13   O O   . PRO A 1 5   ? -14.552 6.515   6.988   1.00 57.85 ? 5   PRO A O   1 
ATOM   14   C CB  . PRO A 1 5   ? -17.533 5.267   6.472   1.00 58.81 ? 5   PRO A CB  1 
ATOM   15   C CG  . PRO A 1 5   ? -18.348 4.017   6.183   1.00 59.14 ? 5   PRO A CG  1 
ATOM   16   C CD  . PRO A 1 5   ? -17.357 2.894   6.116   1.00 59.36 ? 5   PRO A CD  1 
ATOM   17   N N   . ARG A 1 6   ? -14.742 4.478   7.963   1.00 56.23 ? 6   ARG A N   1 
ATOM   18   C CA  . ARG A 1 6   ? -13.785 4.759   9.052   1.00 54.85 ? 6   ARG A CA  1 
ATOM   19   C C   . ARG A 1 6   ? -12.342 4.926   8.541   1.00 53.49 ? 6   ARG A C   1 
ATOM   20   O O   . ARG A 1 6   ? -12.058 4.656   7.374   1.00 52.90 ? 6   ARG A O   1 
ATOM   21   C CB  . ARG A 1 6   ? -13.860 3.669   10.133  1.00 54.94 ? 6   ARG A CB  1 
ATOM   22   C CG  . ARG A 1 6   ? -15.206 3.617   10.874  1.00 55.53 ? 6   ARG A CG  1 
ATOM   23   C CD  . ARG A 1 6   ? -15.367 2.346   11.705  1.00 55.43 ? 6   ARG A CD  1 
ATOM   24   N NE  . ARG A 1 6   ? -15.211 1.141   10.896  1.00 56.88 ? 6   ARG A NE  1 
ATOM   25   C CZ  . ARG A 1 6   ? -15.176 -0.100  11.381  1.00 57.60 ? 6   ARG A CZ  1 
ATOM   26   N NH1 . ARG A 1 6   ? -15.295 -0.317  12.684  1.00 57.99 ? 6   ARG A NH1 1 
ATOM   27   N NH2 . ARG A 1 6   ? -15.018 -1.133  10.561  1.00 57.16 ? 6   ARG A NH2 1 
ATOM   28   N N   . ASN A 1 7   ? -11.445 5.387   9.415   1.00 52.06 ? 7   ASN A N   1 
ATOM   29   C CA  . ASN A 1 7   ? -10.038 5.571   9.060   1.00 50.64 ? 7   ASN A CA  1 
ATOM   30   C C   . ASN A 1 7   ? -9.326  4.252   8.835   1.00 49.56 ? 7   ASN A C   1 
ATOM   31   O O   . ASN A 1 7   ? -9.799  3.192   9.237   1.00 49.45 ? 7   ASN A O   1 
ATOM   32   C CB  . ASN A 1 7   ? -9.280  6.378   10.125  1.00 50.75 ? 7   ASN A CB  1 
ATOM   33   C CG  . ASN A 1 7   ? -9.386  7.894   9.922   1.00 51.90 ? 7   ASN A CG  1 
ATOM   34   O OD1 . ASN A 1 7   ? -8.929  8.673   10.764  1.00 53.08 ? 7   ASN A OD1 1 
ATOM   35   N ND2 . ASN A 1 7   ? -9.988  8.317   8.814   1.00 51.85 ? 7   ASN A ND2 1 
ATOM   36   N N   . CYS A 1 8   ? -8.182  4.358   8.175   1.00 48.16 ? 8   CYS A N   1 
ATOM   37   C CA  . CYS A 1 8   ? -7.277  3.258   7.897   1.00 47.32 ? 8   CYS A CA  1 
ATOM   38   C C   . CYS A 1 8   ? -6.865  2.510   9.178   1.00 46.64 ? 8   CYS A C   1 
ATOM   39   O O   . CYS A 1 8   ? -6.135  3.053   10.030  1.00 46.60 ? 8   CYS A O   1 
ATOM   40   C CB  . CYS A 1 8   ? -6.047  3.825   7.168   1.00 47.12 ? 8   CYS A CB  1 
ATOM   41   S SG  . CYS A 1 8   ? -4.699  2.680   6.800   1.00 47.55 ? 8   CYS A SG  1 
ATOM   42   N N   . ALA A 1 9   ? -7.341  1.270   9.313   1.00 45.13 ? 9   ALA A N   1 
ATOM   43   C CA  . ALA A 1 9   ? -6.993  0.444   10.464  1.00 43.94 ? 9   ALA A CA  1 
ATOM   44   C C   . ALA A 1 9   ? -6.916  -1.033  10.091  1.00 43.31 ? 9   ALA A C   1 
ATOM   45   O O   . ALA A 1 9   ? -7.268  -1.413  8.978   1.00 42.66 ? 9   ALA A O   1 
ATOM   46   C CB  . ALA A 1 9   ? -7.987  0.665   11.597  1.00 43.72 ? 9   ALA A CB  1 
ATOM   47   N N   . ARG A 1 10  ? -6.448  -1.848  11.036  1.00 42.72 ? 10  ARG A N   1 
ATOM   48   C CA  . ARG A 1 10  ? -6.355  -3.289  10.873  1.00 42.25 ? 10  ARG A CA  1 
ATOM   49   C C   . ARG A 1 10  ? -7.707  -3.922  11.188  1.00 42.06 ? 10  ARG A C   1 
ATOM   50   O O   . ARG A 1 10  ? -8.409  -3.470  12.089  1.00 42.28 ? 10  ARG A O   1 
ATOM   51   C CB  . ARG A 1 10  ? -5.260  -3.833  11.787  1.00 42.14 ? 10  ARG A CB  1 
ATOM   52   C CG  . ARG A 1 10  ? -5.014  -5.304  11.636  1.00 41.91 ? 10  ARG A CG  1 
ATOM   53   C CD  . ARG A 1 10  ? -3.917  -5.782  12.560  1.00 41.47 ? 10  ARG A CD  1 
ATOM   54   N NE  . ARG A 1 10  ? -4.365  -5.885  13.941  1.00 38.42 ? 10  ARG A NE  1 
ATOM   55   C CZ  . ARG A 1 10  ? -3.944  -6.807  14.794  1.00 38.10 ? 10  ARG A CZ  1 
ATOM   56   N NH1 . ARG A 1 10  ? -3.081  -7.733  14.414  1.00 37.48 ? 10  ARG A NH1 1 
ATOM   57   N NH2 . ARG A 1 10  ? -4.418  -6.821  16.028  1.00 39.64 ? 10  ARG A NH2 1 
ATOM   58   N N   . ARG A 1 11  ? -8.093  -4.944  10.424  1.00 41.95 ? 11  ARG A N   1 
ATOM   59   C CA  . ARG A 1 11  ? -9.398  -5.604  10.606  1.00 41.32 ? 11  ARG A CA  1 
ATOM   60   C C   . ARG A 1 11  ? -9.215  -7.114  10.723  1.00 41.51 ? 11  ARG A C   1 
ATOM   61   O O   . ARG A 1 11  ? -8.370  -7.680  10.048  1.00 41.59 ? 11  ARG A O   1 
ATOM   62   C CB  . ARG A 1 11  ? -10.338 -5.300  9.434   1.00 41.33 ? 11  ARG A CB  1 
ATOM   63   C CG  . ARG A 1 11  ? -10.332 -3.874  8.917   1.00 39.70 ? 11  ARG A CG  1 
ATOM   64   C CD  . ARG A 1 11  ? -11.162 -2.959  9.774   1.00 40.04 ? 11  ARG A CD  1 
ATOM   65   N NE  . ARG A 1 11  ? -11.030 -1.584  9.294   1.00 41.24 ? 11  ARG A NE  1 
ATOM   66   C CZ  . ARG A 1 11  ? -11.148 -0.487  10.043  1.00 41.08 ? 11  ARG A CZ  1 
ATOM   67   N NH1 . ARG A 1 11  ? -11.405 -0.580  11.341  1.00 41.37 ? 11  ARG A NH1 1 
ATOM   68   N NH2 . ARG A 1 11  ? -11.000 0.712   9.494   1.00 39.67 ? 11  ARG A NH2 1 
ATOM   69   N N   . TYR A 1 12  ? -9.999  -7.765  11.578  1.00 41.67 ? 12  TYR A N   1 
ATOM   70   C CA  . TYR A 1 12  ? -9.893  -9.216  11.759  1.00 42.15 ? 12  TYR A CA  1 
ATOM   71   C C   . TYR A 1 12  ? -10.204 -9.982  10.468  1.00 41.50 ? 12  TYR A C   1 
ATOM   72   O O   . TYR A 1 12  ? -11.139 -9.657  9.752   1.00 41.65 ? 12  TYR A O   1 
ATOM   73   C CB  . TYR A 1 12  ? -10.786 -9.696  12.925  1.00 42.87 ? 12  TYR A CB  1 
ATOM   74   C CG  . TYR A 1 12  ? -10.633 -11.172 13.262  1.00 44.42 ? 12  TYR A CG  1 
ATOM   75   C CD1 . TYR A 1 12  ? -9.483  -11.656 13.903  1.00 45.66 ? 12  TYR A CD1 1 
ATOM   76   C CD2 . TYR A 1 12  ? -11.646 -12.094 12.950  1.00 45.52 ? 12  TYR A CD2 1 
ATOM   77   C CE1 . TYR A 1 12  ? -9.344  -13.023 14.216  1.00 45.12 ? 12  TYR A CE1 1 
ATOM   78   C CE2 . TYR A 1 12  ? -11.508 -13.457 13.249  1.00 44.78 ? 12  TYR A CE2 1 
ATOM   79   C CZ  . TYR A 1 12  ? -10.358 -13.909 13.883  1.00 44.58 ? 12  TYR A CZ  1 
ATOM   80   O OH  . TYR A 1 12  ? -10.226 -15.253 14.187  1.00 46.54 ? 12  TYR A OH  1 
ATOM   81   N N   . LEU A 1 13  ? -9.378  -10.969 10.160  1.00 40.94 ? 13  LEU A N   1 
ATOM   82   C CA  . LEU A 1 13  ? -9.686  -11.952 9.133   1.00 40.56 ? 13  LEU A CA  1 
ATOM   83   C C   . LEU A 1 13  ? -8.980  -13.231 9.514   1.00 40.83 ? 13  LEU A C   1 
ATOM   84   O O   . LEU A 1 13  ? -7.770  -13.235 9.724   1.00 40.82 ? 13  LEU A O   1 
ATOM   85   C CB  . LEU A 1 13  ? -9.231  -11.498 7.740   1.00 40.43 ? 13  LEU A CB  1 
ATOM   86   C CG  . LEU A 1 13  ? -9.110  -12.540 6.617   1.00 38.70 ? 13  LEU A CG  1 
ATOM   87   C CD1 . LEU A 1 13  ? -10.458 -12.892 6.022   1.00 37.30 ? 13  LEU A CD1 1 
ATOM   88   C CD2 . LEU A 1 13  ? -8.201  -12.029 5.542   1.00 39.16 ? 13  LEU A CD2 1 
ATOM   89   N N   . LYS A 1 14  ? -9.756  -14.304 9.641   1.00 41.42 ? 14  LYS A N   1 
ATOM   90   C CA  . LYS A 1 14  ? -9.222  -15.641 9.822   1.00 41.43 ? 14  LYS A CA  1 
ATOM   91   C C   . LYS A 1 14  ? -9.259  -16.369 8.476   1.00 41.74 ? 14  LYS A C   1 
ATOM   92   O O   . LYS A 1 14  ? -10.289 -16.416 7.805   1.00 41.43 ? 14  LYS A O   1 
ATOM   93   C CB  . LYS A 1 14  ? -10.010 -16.397 10.888  1.00 41.37 ? 14  LYS A CB  1 
ATOM   94   C CG  . LYS A 1 14  ? -9.578  -17.843 11.087  1.00 42.36 ? 14  LYS A CG  1 
ATOM   95   C CD  . LYS A 1 14  ? -10.403 -18.509 12.147  1.00 46.03 ? 14  LYS A CD  1 
ATOM   96   C CE  . LYS A 1 14  ? -10.489 -19.999 11.914  1.00 47.73 ? 14  LYS A CE  1 
ATOM   97   N NZ  . LYS A 1 14  ? -11.529 -20.615 12.794  1.00 49.91 ? 14  LYS A NZ  1 
ATOM   98   N N   . VAL A 1 15  ? -8.106  -16.895 8.083   1.00 42.32 ? 15  VAL A N   1 
ATOM   99   C CA  . VAL A 1 15  ? -7.947  -17.633 6.839   1.00 43.05 ? 15  VAL A CA  1 
ATOM   100  C C   . VAL A 1 15  ? -7.871  -19.136 7.141   1.00 43.45 ? 15  VAL A C   1 
ATOM   101  O O   . VAL A 1 15  ? -7.033  -19.590 7.914   1.00 43.34 ? 15  VAL A O   1 
ATOM   102  C CB  . VAL A 1 15  ? -6.686  -17.163 6.083   1.00 42.80 ? 15  VAL A CB  1 
ATOM   103  C CG1 . VAL A 1 15  ? -6.294  -18.160 5.000   1.00 43.29 ? 15  VAL A CG1 1 
ATOM   104  C CG2 . VAL A 1 15  ? -6.909  -15.774 5.498   1.00 43.36 ? 15  VAL A CG2 1 
ATOM   105  N N   . ASP A 1 16  ? -8.766  -19.892 6.530   1.00 44.36 ? 16  ASP A N   1 
ATOM   106  C CA  . ASP A 1 16  ? -8.796  -21.330 6.665   1.00 45.46 ? 16  ASP A CA  1 
ATOM   107  C C   . ASP A 1 16  ? -8.174  -21.906 5.401   1.00 45.64 ? 16  ASP A C   1 
ATOM   108  O O   . ASP A 1 16  ? -8.701  -21.692 4.317   1.00 45.68 ? 16  ASP A O   1 
ATOM   109  C CB  . ASP A 1 16  ? -10.251 -21.770 6.801   1.00 46.13 ? 16  ASP A CB  1 
ATOM   110  C CG  . ASP A 1 16  ? -10.403 -23.171 7.351   1.00 48.83 ? 16  ASP A CG  1 
ATOM   111  O OD1 . ASP A 1 16  ? -9.552  -24.053 7.074   1.00 51.51 ? 16  ASP A OD1 1 
ATOM   112  O OD2 . ASP A 1 16  ? -11.407 -23.397 8.060   1.00 51.38 ? 16  ASP A OD2 1 
ATOM   113  N N   . PHE A 1 17  ? -7.060  -22.625 5.537   1.00 45.97 ? 17  PHE A N   1 
ATOM   114  C CA  . PHE A 1 17  ? -6.326  -23.183 4.388   1.00 46.78 ? 17  PHE A CA  1 
ATOM   115  C C   . PHE A 1 17  ? -7.116  -24.164 3.503   1.00 47.56 ? 17  PHE A C   1 
ATOM   116  O O   . PHE A 1 17  ? -6.822  -24.289 2.322   1.00 47.75 ? 17  PHE A O   1 
ATOM   117  C CB  . PHE A 1 17  ? -5.011  -23.843 4.839   1.00 46.49 ? 17  PHE A CB  1 
ATOM   118  C CG  . PHE A 1 17  ? -3.986  -22.876 5.382   1.00 47.28 ? 17  PHE A CG  1 
ATOM   119  C CD1 . PHE A 1 17  ? -3.474  -21.847 4.588   1.00 47.99 ? 17  PHE A CD1 1 
ATOM   120  C CD2 . PHE A 1 17  ? -3.512  -23.011 6.683   1.00 46.92 ? 17  PHE A CD2 1 
ATOM   121  C CE1 . PHE A 1 17  ? -2.504  -20.961 5.091   1.00 47.74 ? 17  PHE A CE1 1 
ATOM   122  C CE2 . PHE A 1 17  ? -2.553  -22.137 7.198   1.00 46.95 ? 17  PHE A CE2 1 
ATOM   123  C CZ  . PHE A 1 17  ? -2.051  -21.104 6.396   1.00 47.65 ? 17  PHE A CZ  1 
ATOM   124  N N   . ALA A 1 18  ? -8.093  -24.865 4.079   1.00 48.54 ? 18  ALA A N   1 
ATOM   125  C CA  . ALA A 1 18  ? -9.026  -25.713 3.327   1.00 49.85 ? 18  ALA A CA  1 
ATOM   126  C C   . ALA A 1 18  ? -9.930  -24.919 2.381   1.00 50.82 ? 18  ALA A C   1 
ATOM   127  O O   . ALA A 1 18  ? -10.340 -25.421 1.324   1.00 51.23 ? 18  ALA A O   1 
ATOM   128  C CB  . ALA A 1 18  ? -9.884  -26.544 4.288   1.00 49.58 ? 18  ALA A CB  1 
ATOM   129  N N   . ASP A 1 19  ? -10.256 -23.690 2.782   1.00 51.88 ? 19  ASP A N   1 
ATOM   130  C CA  . ASP A 1 19  ? -11.119 -22.796 2.004   1.00 52.98 ? 19  ASP A CA  1 
ATOM   131  C C   . ASP A 1 19  ? -10.345 -21.994 0.949   1.00 53.36 ? 19  ASP A C   1 
ATOM   132  O O   . ASP A 1 19  ? -10.945 -21.361 0.085   1.00 53.87 ? 19  ASP A O   1 
ATOM   133  C CB  . ASP A 1 19  ? -11.874 -21.840 2.937   1.00 53.23 ? 19  ASP A CB  1 
ATOM   134  C CG  . ASP A 1 19  ? -12.914 -22.552 3.807   1.00 54.92 ? 19  ASP A CG  1 
ATOM   135  O OD1 . ASP A 1 19  ? -13.131 -23.776 3.646   1.00 56.39 ? 19  ASP A OD1 1 
ATOM   136  O OD2 . ASP A 1 19  ? -13.527 -21.873 4.658   1.00 57.19 ? 19  ASP A OD2 1 
ATOM   137  N N   . ILE A 1 20  ? -9.018  -22.031 1.044   1.00 53.69 ? 20  ILE A N   1 
ATOM   138  C CA  . ILE A 1 20  ? -8.096  -21.382 0.109   1.00 53.84 ? 20  ILE A CA  1 
ATOM   139  C C   . ILE A 1 20  ? -7.523  -22.393 -0.902  1.00 54.17 ? 20  ILE A C   1 
ATOM   140  O O   . ILE A 1 20  ? -6.791  -22.022 -1.819  1.00 54.35 ? 20  ILE A O   1 
ATOM   141  C CB  . ILE A 1 20  ? -6.995  -20.623 0.915   1.00 53.82 ? 20  ILE A CB  1 
ATOM   142  C CG1 . ILE A 1 20  ? -7.351  -19.144 1.024   1.00 54.03 ? 20  ILE A CG1 1 
ATOM   143  C CG2 . ILE A 1 20  ? -5.593  -20.780 0.341   1.00 53.72 ? 20  ILE A CG2 1 
ATOM   144  C CD1 . ILE A 1 20  ? -6.419  -18.408 1.934   1.00 54.32 ? 20  ILE A CD1 1 
ATOM   145  N N   . GLY A 1 21  ? -7.885  -23.665 -0.738  1.00 54.34 ? 21  GLY A N   1 
ATOM   146  C CA  . GLY A 1 21  ? -7.438  -24.736 -1.630  1.00 54.85 ? 21  GLY A CA  1 
ATOM   147  C C   . GLY A 1 21  ? -6.178  -25.475 -1.199  1.00 55.20 ? 21  GLY A C   1 
ATOM   148  O O   . GLY A 1 21  ? -5.763  -26.436 -1.854  1.00 55.43 ? 21  GLY A O   1 
ATOM   149  N N   . TRP A 1 22  ? -5.590  -25.058 -0.081  1.00 55.34 ? 22  TRP A N   1 
ATOM   150  C CA  . TRP A 1 22  ? -4.275  -25.564 0.339   1.00 55.66 ? 22  TRP A CA  1 
ATOM   151  C C   . TRP A 1 22  ? -4.260  -26.702 1.375   1.00 56.01 ? 22  TRP A C   1 
ATOM   152  O O   . TRP A 1 22  ? -3.225  -26.963 1.964   1.00 56.07 ? 22  TRP A O   1 
ATOM   153  C CB  . TRP A 1 22  ? -3.381  -24.408 0.837   1.00 55.26 ? 22  TRP A CB  1 
ATOM   154  C CG  . TRP A 1 22  ? -3.139  -23.313 -0.169  1.00 54.82 ? 22  TRP A CG  1 
ATOM   155  C CD1 . TRP A 1 22  ? -3.468  -23.326 -1.500  1.00 54.58 ? 22  TRP A CD1 1 
ATOM   156  C CD2 . TRP A 1 22  ? -2.487  -22.059 0.070   1.00 54.61 ? 22  TRP A CD2 1 
ATOM   157  N NE1 . TRP A 1 22  ? -3.087  -22.149 -2.090  1.00 54.76 ? 22  TRP A NE1 1 
ATOM   158  C CE2 . TRP A 1 22  ? -2.479  -21.353 -1.154  1.00 54.96 ? 22  TRP A CE2 1 
ATOM   159  C CE3 . TRP A 1 22  ? -1.919  -21.456 1.201   1.00 54.63 ? 22  TRP A CE3 1 
ATOM   160  C CZ2 . TRP A 1 22  ? -1.916  -20.073 -1.279  1.00 54.96 ? 22  TRP A CZ2 1 
ATOM   161  C CZ3 . TRP A 1 22  ? -1.364  -20.184 1.076   1.00 54.55 ? 22  TRP A CZ3 1 
ATOM   162  C CH2 . TRP A 1 22  ? -1.365  -19.510 -0.156  1.00 54.89 ? 22  TRP A CH2 1 
ATOM   163  N N   . SER A 1 23  ? -5.377  -27.386 1.593   1.00 56.84 ? 23  SER A N   1 
ATOM   164  C CA  . SER A 1 23  ? -5.418  -28.419 2.641   1.00 57.46 ? 23  SER A CA  1 
ATOM   165  C C   . SER A 1 23  ? -4.710  -29.729 2.249   1.00 57.48 ? 23  SER A C   1 
ATOM   166  O O   . SER A 1 23  ? -4.333  -30.520 3.128   1.00 57.45 ? 23  SER A O   1 
ATOM   167  C CB  . SER A 1 23  ? -6.851  -28.675 3.144   1.00 57.71 ? 23  SER A CB  1 
ATOM   168  O OG  . SER A 1 23  ? -7.599  -29.466 2.235   1.00 58.65 ? 23  SER A OG  1 
ATOM   169  N N   . GLU A 1 24  ? -4.536  -29.939 0.940   1.00 57.31 ? 24  GLU A N   1 
ATOM   170  C CA  . GLU A 1 24  ? -3.728  -31.040 0.399   1.00 57.38 ? 24  GLU A CA  1 
ATOM   171  C C   . GLU A 1 24  ? -2.251  -31.041 0.866   1.00 56.69 ? 24  GLU A C   1 
ATOM   172  O O   . GLU A 1 24  ? -1.747  -32.074 1.337   1.00 56.70 ? 24  GLU A O   1 
ATOM   173  C CB  . GLU A 1 24  ? -3.791  -31.027 -1.129  1.00 57.45 ? 24  GLU A CB  1 
ATOM   174  C CG  . GLU A 1 24  ? -4.999  -31.765 -1.711  1.00 58.78 ? 24  GLU A CG  1 
ATOM   175  C CD  . GLU A 1 24  ? -5.175  -31.530 -3.214  1.00 58.89 ? 24  GLU A CD  1 
ATOM   176  O OE1 . GLU A 1 24  ? -5.115  -30.352 -3.659  1.00 60.84 ? 24  GLU A OE1 1 
ATOM   177  O OE2 . GLU A 1 24  ? -5.389  -32.530 -3.946  1.00 60.29 ? 24  GLU A OE2 1 
ATOM   178  N N   . TRP A 1 25  ? -1.569  -29.896 0.728   1.00 55.54 ? 25  TRP A N   1 
ATOM   179  C CA  . TRP A 1 25  ? -0.165  -29.789 1.134   1.00 54.36 ? 25  TRP A CA  1 
ATOM   180  C C   . TRP A 1 25  ? 0.083   -29.340 2.585   1.00 52.70 ? 25  TRP A C   1 
ATOM   181  O O   . TRP A 1 25  ? 1.075   -29.734 3.174   1.00 52.03 ? 25  TRP A O   1 
ATOM   182  C CB  . TRP A 1 25  ? 0.716   -29.024 0.106   1.00 55.77 ? 25  TRP A CB  1 
ATOM   183  C CG  . TRP A 1 25  ? 0.370   -27.558 -0.253  1.00 57.24 ? 25  TRP A CG  1 
ATOM   184  C CD1 . TRP A 1 25  ? -0.520  -27.137 -1.219  1.00 58.86 ? 25  TRP A CD1 1 
ATOM   185  C CD2 . TRP A 1 25  ? 0.973   -26.345 0.284   1.00 58.35 ? 25  TRP A CD2 1 
ATOM   186  N NE1 . TRP A 1 25  ? -0.533  -25.750 -1.283  1.00 59.11 ? 25  TRP A NE1 1 
ATOM   187  C CE2 . TRP A 1 25  ? 0.367   -25.244 -0.375  1.00 58.80 ? 25  TRP A CE2 1 
ATOM   188  C CE3 . TRP A 1 25  ? 1.951   -26.086 1.264   1.00 59.16 ? 25  TRP A CE3 1 
ATOM   189  C CZ2 . TRP A 1 25  ? 0.704   -23.898 -0.077  1.00 58.33 ? 25  TRP A CZ2 1 
ATOM   190  C CZ3 . TRP A 1 25  ? 2.285   -24.735 1.565   1.00 58.54 ? 25  TRP A CZ3 1 
ATOM   191  C CH2 . TRP A 1 25  ? 1.661   -23.667 0.892   1.00 58.21 ? 25  TRP A CH2 1 
ATOM   192  N N   . ILE A 1 26  ? -0.823  -28.567 3.179   1.00 50.90 ? 26  ILE A N   1 
ATOM   193  C CA  . ILE A 1 26  ? -0.585  -28.029 4.535   1.00 49.46 ? 26  ILE A CA  1 
ATOM   194  C C   . ILE A 1 26  ? -1.019  -28.982 5.646   1.00 48.50 ? 26  ILE A C   1 
ATOM   195  O O   . ILE A 1 26  ? -2.158  -29.415 5.651   1.00 49.00 ? 26  ILE A O   1 
ATOM   196  C CB  . ILE A 1 26  ? -1.176  -26.600 4.725   1.00 49.11 ? 26  ILE A CB  1 
ATOM   197  C CG1 . ILE A 1 26  ? -0.561  -25.662 3.681   1.00 49.09 ? 26  ILE A CG1 1 
ATOM   198  C CG2 . ILE A 1 26  ? -0.916  -26.069 6.136   1.00 48.28 ? 26  ILE A CG2 1 
ATOM   199  C CD1 . ILE A 1 26  ? -0.723  -24.191 3.947   1.00 49.16 ? 26  ILE A CD1 1 
ATOM   200  N N   . ILE A 1 27  ? -0.097  -29.312 6.558   1.00 46.89 ? 27  ILE A N   1 
ATOM   201  C CA  . ILE A 1 27  ? -0.359  -30.205 7.688   1.00 45.62 ? 27  ILE A CA  1 
ATOM   202  C C   . ILE A 1 27  ? -0.804  -29.415 8.936   1.00 45.44 ? 27  ILE A C   1 
ATOM   203  O O   . ILE A 1 27  ? -1.799  -29.756 9.584   1.00 45.33 ? 27  ILE A O   1 
ATOM   204  C CB  . ILE A 1 27  ? 0.897   -31.047 8.042   1.00 45.48 ? 27  ILE A CB  1 
ATOM   205  C CG1 . ILE A 1 27  ? 1.300   -31.983 6.902   1.00 44.07 ? 27  ILE A CG1 1 
ATOM   206  C CG2 . ILE A 1 27  ? 0.686   -31.839 9.304   1.00 44.87 ? 27  ILE A CG2 1 
ATOM   207  C CD1 . ILE A 1 27  ? 2.714   -32.499 7.054   1.00 41.50 ? 27  ILE A CD1 1 
ATOM   208  N N   . SER A 1 28  ? -0.064  -28.358 9.261   1.00 45.02 ? 28  SER A N   1 
ATOM   209  C CA  . SER A 1 28  ? -0.356  -27.515 10.419  1.00 44.67 ? 28  SER A CA  1 
ATOM   210  C C   . SER A 1 28  ? 0.185   -26.098 10.173  1.00 44.14 ? 28  SER A C   1 
ATOM   211  O O   . SER A 1 28  ? 1.248   -25.946 9.579   1.00 43.99 ? 28  SER A O   1 
ATOM   212  C CB  . SER A 1 28  ? 0.271   -28.125 11.678  1.00 44.34 ? 28  SER A CB  1 
ATOM   213  O OG  . SER A 1 28  ? -0.252  -27.536 12.849  1.00 45.98 ? 28  SER A OG  1 
ATOM   214  N N   . PRO A 1 29  ? -0.549  -25.049 10.611  1.00 44.21 ? 29  PRO A N   1 
ATOM   215  C CA  . PRO A 1 29  ? -1.872  -25.075 11.229  1.00 43.80 ? 29  PRO A CA  1 
ATOM   216  C C   . PRO A 1 29  ? -2.990  -25.212 10.190  1.00 43.87 ? 29  PRO A C   1 
ATOM   217  O O   . PRO A 1 29  ? -2.739  -25.141 8.980   1.00 43.77 ? 29  PRO A O   1 
ATOM   218  C CB  . PRO A 1 29  ? -1.935  -23.717 11.944  1.00 43.92 ? 29  PRO A CB  1 
ATOM   219  C CG  . PRO A 1 29  ? -1.157  -22.812 11.076  1.00 43.33 ? 29  PRO A CG  1 
ATOM   220  C CD  . PRO A 1 29  ? -0.026  -23.665 10.527  1.00 43.90 ? 29  PRO A CD  1 
ATOM   221  N N   . LYS A 1 30  ? -4.208  -25.431 10.663  1.00 44.12 ? 30  LYS A N   1 
ATOM   222  C CA  . LYS A 1 30  ? -5.374  -25.538 9.796   1.00 44.82 ? 30  LYS A CA  1 
ATOM   223  C C   . LYS A 1 30  ? -5.810  -24.161 9.319   1.00 44.15 ? 30  LYS A C   1 
ATOM   224  O O   . LYS A 1 30  ? -6.317  -24.008 8.220   1.00 44.05 ? 30  LYS A O   1 
ATOM   225  C CB  . LYS A 1 30  ? -6.529  -26.212 10.544  1.00 44.91 ? 30  LYS A CB  1 
ATOM   226  C CG  . LYS A 1 30  ? -6.283  -27.687 10.918  1.00 46.56 ? 30  LYS A CG  1 
ATOM   227  C CD  . LYS A 1 30  ? -7.407  -28.249 11.816  1.00 47.26 ? 30  LYS A CD  1 
ATOM   228  C CE  . LYS A 1 30  ? -7.496  -27.519 13.178  1.00 50.83 ? 30  LYS A CE  1 
ATOM   229  N NZ  . LYS A 1 30  ? -8.808  -27.755 13.868  1.00 51.77 ? 30  LYS A NZ  1 
ATOM   230  N N   . SER A 1 31  ? -5.616  -23.163 10.172  1.00 44.04 ? 31  SER A N   1 
ATOM   231  C CA  . SER A 1 31  ? -6.000  -21.799 9.880   1.00 43.82 ? 31  SER A CA  1 
ATOM   232  C C   . SER A 1 31  ? -5.115  -20.837 10.649  1.00 43.63 ? 31  SER A C   1 
ATOM   233  O O   . SER A 1 31  ? -4.312  -21.247 11.512  1.00 43.71 ? 31  SER A O   1 
ATOM   234  C CB  . SER A 1 31  ? -7.473  -21.560 10.221  1.00 44.01 ? 31  SER A CB  1 
ATOM   235  O OG  . SER A 1 31  ? -7.684  -21.568 11.614  1.00 45.11 ? 31  SER A OG  1 
ATOM   236  N N   . PHE A 1 32  ? -5.243  -19.557 10.310  1.00 43.08 ? 32  PHE A N   1 
ATOM   237  C CA  . PHE A 1 32  ? -4.475  -18.511 10.954  1.00 42.59 ? 32  PHE A CA  1 
ATOM   238  C C   . PHE A 1 32  ? -5.154  -17.183 10.750  1.00 42.26 ? 32  PHE A C   1 
ATOM   239  O O   . PHE A 1 32  ? -5.835  -16.975 9.756   1.00 41.81 ? 32  PHE A O   1 
ATOM   240  C CB  . PHE A 1 32  ? -3.018  -18.496 10.438  1.00 42.70 ? 32  PHE A CB  1 
ATOM   241  C CG  . PHE A 1 32  ? -2.803  -17.715 9.159   1.00 42.41 ? 32  PHE A CG  1 
ATOM   242  C CD1 . PHE A 1 32  ? -3.224  -18.220 7.933   1.00 41.69 ? 32  PHE A CD1 1 
ATOM   243  C CD2 . PHE A 1 32  ? -2.132  -16.481 9.184   1.00 43.96 ? 32  PHE A CD2 1 
ATOM   244  C CE1 . PHE A 1 32  ? -3.018  -17.506 6.749   1.00 42.62 ? 32  PHE A CE1 1 
ATOM   245  C CE2 . PHE A 1 32  ? -1.909  -15.754 7.996   1.00 42.53 ? 32  PHE A CE2 1 
ATOM   246  C CZ  . PHE A 1 32  ? -2.356  -16.271 6.780   1.00 41.62 ? 32  PHE A CZ  1 
ATOM   247  N N   . ASP A 1 33  ? -4.970  -16.283 11.707  1.00 42.52 ? 33  ASP A N   1 
ATOM   248  C CA  . ASP A 1 33  ? -5.548  -14.952 11.603  1.00 42.91 ? 33  ASP A CA  1 
ATOM   249  C C   . ASP A 1 33  ? -4.628  -14.110 10.755  1.00 41.86 ? 33  ASP A C   1 
ATOM   250  O O   . ASP A 1 33  ? -3.562  -13.720 11.203  1.00 42.16 ? 33  ASP A O   1 
ATOM   251  C CB  . ASP A 1 33  ? -5.738  -14.309 12.983  1.00 43.55 ? 33  ASP A CB  1 
ATOM   252  C CG  . ASP A 1 33  ? -6.517  -15.192 13.956  1.00 46.19 ? 33  ASP A CG  1 
ATOM   253  O OD1 . ASP A 1 33  ? -7.512  -15.848 13.553  1.00 50.28 ? 33  ASP A OD1 1 
ATOM   254  O OD2 . ASP A 1 33  ? -6.136  -15.219 15.149  1.00 49.69 ? 33  ASP A OD2 1 
ATOM   255  N N   . ALA A 1 34  ? -5.037  -13.859 9.517   1.00 41.16 ? 34  ALA A N   1 
ATOM   256  C CA  . ALA A 1 34  ? -4.254  -13.048 8.589   1.00 39.97 ? 34  ALA A CA  1 
ATOM   257  C C   . ALA A 1 34  ? -4.439  -11.543 8.819   1.00 39.31 ? 34  ALA A C   1 
ATOM   258  O O   . ALA A 1 34  ? -3.505  -10.783 8.624   1.00 39.46 ? 34  ALA A O   1 
ATOM   259  C CB  . ALA A 1 34  ? -4.614  -13.399 7.154   1.00 40.06 ? 34  ALA A CB  1 
ATOM   260  N N   . TYR A 1 35  ? -5.640  -11.131 9.240   1.00 38.62 ? 35  TYR A N   1 
ATOM   261  C CA  . TYR A 1 35  ? -6.065  -9.718  9.290   1.00 38.09 ? 35  TYR A CA  1 
ATOM   262  C C   . TYR A 1 35  ? -5.983  -9.087  7.910   1.00 38.17 ? 35  TYR A C   1 
ATOM   263  O O   . TYR A 1 35  ? -5.418  -9.669  6.999   1.00 38.29 ? 35  TYR A O   1 
ATOM   264  C CB  . TYR A 1 35  ? -5.262  -8.896  10.315  1.00 37.53 ? 35  TYR A CB  1 
ATOM   265  C CG  . TYR A 1 35  ? -5.457  -9.346  11.739  1.00 37.17 ? 35  TYR A CG  1 
ATOM   266  C CD1 . TYR A 1 35  ? -4.676  -10.355 12.286  1.00 35.95 ? 35  TYR A CD1 1 
ATOM   267  C CD2 . TYR A 1 35  ? -6.419  -8.753  12.548  1.00 37.21 ? 35  TYR A CD2 1 
ATOM   268  C CE1 . TYR A 1 35  ? -4.855  -10.782 13.594  1.00 36.55 ? 35  TYR A CE1 1 
ATOM   269  C CE2 . TYR A 1 35  ? -6.604  -9.169  13.879  1.00 37.75 ? 35  TYR A CE2 1 
ATOM   270  C CZ  . TYR A 1 35  ? -5.814  -10.189 14.388  1.00 36.81 ? 35  TYR A CZ  1 
ATOM   271  O OH  . TYR A 1 35  ? -5.993  -10.602 15.694  1.00 37.82 ? 35  TYR A OH  1 
ATOM   272  N N   . TYR A 1 36  ? -6.577  -7.908  7.749   1.00 38.56 ? 36  TYR A N   1 
ATOM   273  C CA  . TYR A 1 36  ? -6.357  -7.080  6.551   1.00 38.44 ? 36  TYR A CA  1 
ATOM   274  C C   . TYR A 1 36  ? -6.490  -5.595  6.913   1.00 38.60 ? 36  TYR A C   1 
ATOM   275  O O   . TYR A 1 36  ? -6.863  -5.263  8.029   1.00 38.02 ? 36  TYR A O   1 
ATOM   276  C CB  . TYR A 1 36  ? -7.310  -7.474  5.409   1.00 38.35 ? 36  TYR A CB  1 
ATOM   277  C CG  . TYR A 1 36  ? -8.790  -7.225  5.690   1.00 37.67 ? 36  TYR A CG  1 
ATOM   278  C CD1 . TYR A 1 36  ? -9.465  -6.137  5.118   1.00 37.12 ? 36  TYR A CD1 1 
ATOM   279  C CD2 . TYR A 1 36  ? -9.508  -8.068  6.514   1.00 36.54 ? 36  TYR A CD2 1 
ATOM   280  C CE1 . TYR A 1 36  ? -10.828 -5.918  5.371   1.00 36.94 ? 36  TYR A CE1 1 
ATOM   281  C CE2 . TYR A 1 36  ? -10.853 -7.847  6.774   1.00 37.58 ? 36  TYR A CE2 1 
ATOM   282  C CZ  . TYR A 1 36  ? -11.510 -6.775  6.202   1.00 37.68 ? 36  TYR A CZ  1 
ATOM   283  O OH  . TYR A 1 36  ? -12.869 -6.590  6.478   1.00 39.14 ? 36  TYR A OH  1 
ATOM   284  N N   . CYS A 1 37  ? -6.169  -4.720  5.969   1.00 39.59 ? 37  CYS A N   1 
ATOM   285  C CA  . CYS A 1 37  ? -6.266  -3.263  6.155   1.00 40.73 ? 37  CYS A CA  1 
ATOM   286  C C   . CYS A 1 37  ? -7.382  -2.674  5.331   1.00 40.38 ? 37  CYS A C   1 
ATOM   287  O O   . CYS A 1 37  ? -7.546  -3.036  4.169   1.00 40.38 ? 37  CYS A O   1 
ATOM   288  C CB  . CYS A 1 37  ? -4.975  -2.590  5.707   1.00 40.95 ? 37  CYS A CB  1 
ATOM   289  S SG  . CYS A 1 37  ? -3.520  -3.010  6.672   1.00 45.68 ? 37  CYS A SG  1 
ATOM   290  N N   . SER A 1 38  ? -8.135  -1.752  5.923   1.00 40.89 ? 38  SER A N   1 
ATOM   291  C CA  . SER A 1 38  ? -9.074  -0.917  5.166   1.00 41.19 ? 38  SER A CA  1 
ATOM   292  C C   . SER A 1 38  ? -9.436  0.396   5.862   1.00 41.70 ? 38  SER A C   1 
ATOM   293  O O   . SER A 1 38  ? -9.228  0.561   7.069   1.00 41.83 ? 38  SER A O   1 
ATOM   294  C CB  . SER A 1 38  ? -10.350 -1.679  4.830   1.00 41.18 ? 38  SER A CB  1 
ATOM   295  O OG  . SER A 1 38  ? -11.125 -1.893  5.990   1.00 41.93 ? 38  SER A OG  1 
ATOM   296  N N   . GLY A 1 39  ? -9.989  1.329   5.091   1.00 42.10 ? 39  GLY A N   1 
ATOM   297  C CA  . GLY A 1 39  ? -10.378 2.620   5.628   1.00 42.55 ? 39  GLY A CA  1 
ATOM   298  C C   . GLY A 1 39  ? -9.839  3.784   4.835   1.00 43.12 ? 39  GLY A C   1 
ATOM   299  O O   . GLY A 1 39  ? -9.002  3.614   3.953   1.00 43.11 ? 39  GLY A O   1 
ATOM   300  N N   . ALA A 1 40  ? -10.320 4.980   5.171   1.00 44.21 ? 40  ALA A N   1 
ATOM   301  C CA  . ALA A 1 40  ? -9.966  6.199   4.454   1.00 45.02 ? 40  ALA A CA  1 
ATOM   302  C C   . ALA A 1 40  ? -8.571  6.685   4.784   1.00 45.72 ? 40  ALA A C   1 
ATOM   303  O O   . ALA A 1 40  ? -8.139  6.613   5.938   1.00 45.81 ? 40  ALA A O   1 
ATOM   304  C CB  . ALA A 1 40  ? -10.988 7.307   4.740   1.00 44.94 ? 40  ALA A CB  1 
ATOM   305  N N   . CYS A 1 41  ? -7.875  7.162   3.745   1.00 46.90 ? 41  CYS A N   1 
ATOM   306  C CA  . CYS A 1 41  ? -6.666  7.998   3.865   1.00 47.60 ? 41  CYS A CA  1 
ATOM   307  C C   . CYS A 1 41  ? -6.969  9.372   3.256   1.00 48.36 ? 41  CYS A C   1 
ATOM   308  O O   . CYS A 1 41  ? -6.718  9.635   2.074   1.00 48.32 ? 41  CYS A O   1 
ATOM   309  C CB  . CYS A 1 41  ? -5.465  7.341   3.176   1.00 47.35 ? 41  CYS A CB  1 
ATOM   310  S SG  . CYS A 1 41  ? -4.975  5.753   3.892   1.00 46.94 ? 41  CYS A SG  1 
ATOM   311  N N   . GLN A 1 42  ? -7.522  10.243  4.087   1.00 49.49 ? 42  GLN A N   1 
ATOM   312  C CA  . GLN A 1 42  ? -8.152  11.478  3.627   1.00 50.55 ? 42  GLN A CA  1 
ATOM   313  C C   . GLN A 1 42  ? -7.433  12.683  4.219   1.00 50.69 ? 42  GLN A C   1 
ATOM   314  O O   . GLN A 1 42  ? -7.007  12.631  5.380   1.00 50.82 ? 42  GLN A O   1 
ATOM   315  C CB  . GLN A 1 42  ? -9.602  11.462  4.095   1.00 50.73 ? 42  GLN A CB  1 
ATOM   316  C CG  . GLN A 1 42  ? -10.573 12.300  3.303   1.00 52.68 ? 42  GLN A CG  1 
ATOM   317  C CD  . GLN A 1 42  ? -12.004 12.049  3.753   1.00 55.13 ? 42  GLN A CD  1 
ATOM   318  O OE1 . GLN A 1 42  ? -12.808 12.976  3.838   1.00 55.98 ? 42  GLN A OE1 1 
ATOM   319  N NE2 . GLN A 1 42  ? -12.324 10.784  4.063   1.00 55.75 ? 42  GLN A NE2 1 
ATOM   320  N N   . PHE A 1 43  ? -7.296  13.757  3.436   1.00 50.82 ? 43  PHE A N   1 
ATOM   321  C CA  . PHE A 1 43  ? -6.714  15.004  3.947   1.00 51.40 ? 43  PHE A CA  1 
ATOM   322  C C   . PHE A 1 43  ? -7.622  15.680  4.994   1.00 51.60 ? 43  PHE A C   1 
ATOM   323  O O   . PHE A 1 43  ? -8.829  15.804  4.755   1.00 51.32 ? 43  PHE A O   1 
ATOM   324  C CB  . PHE A 1 43  ? -6.399  15.990  2.807   1.00 51.60 ? 43  PHE A CB  1 
ATOM   325  C CG  . PHE A 1 43  ? -5.779  17.277  3.283   1.00 51.92 ? 43  PHE A CG  1 
ATOM   326  C CD1 . PHE A 1 43  ? -4.418  17.343  3.576   1.00 52.01 ? 43  PHE A CD1 1 
ATOM   327  C CD2 . PHE A 1 43  ? -6.560  18.408  3.480   1.00 52.53 ? 43  PHE A CD2 1 
ATOM   328  C CE1 . PHE A 1 43  ? -3.846  18.514  4.052   1.00 52.59 ? 43  PHE A CE1 1 
ATOM   329  C CE2 . PHE A 1 43  ? -5.990  19.592  3.951   1.00 53.15 ? 43  PHE A CE2 1 
ATOM   330  C CZ  . PHE A 1 43  ? -4.632  19.643  4.238   1.00 52.15 ? 43  PHE A CZ  1 
ATOM   331  N N   . PRO A 1 44  ? -7.054  16.096  6.162   1.00 52.03 ? 44  PRO A N   1 
ATOM   332  C CA  . PRO A 1 44  ? -5.674  15.879  6.625   1.00 52.33 ? 44  PRO A CA  1 
ATOM   333  C C   . PRO A 1 44  ? -5.535  14.610  7.474   1.00 52.70 ? 44  PRO A C   1 
ATOM   334  O O   . PRO A 1 44  ? -6.242  14.451  8.480   1.00 53.09 ? 44  PRO A O   1 
ATOM   335  C CB  . PRO A 1 44  ? -5.388  17.125  7.476   1.00 52.03 ? 44  PRO A CB  1 
ATOM   336  C CG  . PRO A 1 44  ? -6.733  17.612  7.924   1.00 51.94 ? 44  PRO A CG  1 
ATOM   337  C CD  . PRO A 1 44  ? -7.813  16.876  7.158   1.00 51.94 ? 44  PRO A CD  1 
ATOM   338  N N   . MET A 1 45  ? -4.637  13.717  7.063   1.00 52.82 ? 45  MET A N   1 
ATOM   339  C CA  . MET A 1 45  ? -4.434  12.445  7.758   1.00 53.02 ? 45  MET A CA  1 
ATOM   340  C C   . MET A 1 45  ? -3.760  12.635  9.118   1.00 53.26 ? 45  MET A C   1 
ATOM   341  O O   . MET A 1 45  ? -2.775  13.372  9.228   1.00 53.41 ? 45  MET A O   1 
ATOM   342  C CB  . MET A 1 45  ? -3.606  11.469  6.910   1.00 52.80 ? 45  MET A CB  1 
ATOM   343  C CG  . MET A 1 45  ? -4.281  10.985  5.642   1.00 52.63 ? 45  MET A CG  1 
ATOM   344  S SD  . MET A 1 45  ? -3.130  10.114  4.570   1.00 53.13 ? 45  MET A SD  1 
ATOM   345  C CE  . MET A 1 45  ? -2.228  11.464  3.811   1.00 53.02 ? 45  MET A CE  1 
ATOM   346  N N   . PRO A 1 46  ? -4.293  11.969  10.161  1.00 53.54 ? 46  PRO A N   1 
ATOM   347  C CA  . PRO A 1 46  ? -3.628  11.968  11.460  1.00 53.59 ? 46  PRO A CA  1 
ATOM   348  C C   . PRO A 1 46  ? -2.253  11.324  11.359  1.00 53.51 ? 46  PRO A C   1 
ATOM   349  O O   . PRO A 1 46  ? -2.051  10.443  10.524  1.00 53.72 ? 46  PRO A O   1 
ATOM   350  C CB  . PRO A 1 46  ? -4.554  11.107  12.326  1.00 53.55 ? 46  PRO A CB  1 
ATOM   351  C CG  . PRO A 1 46  ? -5.882  11.169  11.643  1.00 53.62 ? 46  PRO A CG  1 
ATOM   352  C CD  . PRO A 1 46  ? -5.552  11.200  10.193  1.00 53.44 ? 46  PRO A CD  1 
ATOM   353  N N   . LYS A 1 47  ? -1.329  11.765  12.208  1.00 53.50 ? 47  LYS A N   1 
ATOM   354  C CA  . LYS A 1 47  ? 0.051   11.266  12.236  1.00 53.63 ? 47  LYS A CA  1 
ATOM   355  C C   . LYS A 1 47  ? 0.152   9.770   12.547  1.00 53.24 ? 47  LYS A C   1 
ATOM   356  O O   . LYS A 1 47  ? 1.166   9.140   12.247  1.00 53.37 ? 47  LYS A O   1 
ATOM   357  C CB  . LYS A 1 47  ? 0.895   12.067  13.238  1.00 54.07 ? 47  LYS A CB  1 
ATOM   358  C CG  . LYS A 1 47  ? 0.628   13.577  13.202  1.00 55.91 ? 47  LYS A CG  1 
ATOM   359  C CD  . LYS A 1 47  ? 1.878   14.409  13.487  1.00 58.54 ? 47  LYS A CD  1 
ATOM   360  C CE  . LYS A 1 47  ? 1.650   15.865  13.080  1.00 59.75 ? 47  LYS A CE  1 
ATOM   361  N NZ  . LYS A 1 47  ? 2.925   16.645  12.977  1.00 60.79 ? 47  LYS A NZ  1 
ATOM   362  N N   . SER A 1 48  ? -0.900  9.207   13.147  1.00 52.65 ? 48  SER A N   1 
ATOM   363  C CA  . SER A 1 48  ? -0.931  7.785   13.502  1.00 51.87 ? 48  SER A CA  1 
ATOM   364  C C   . SER A 1 48  ? -1.107  6.878   12.272  1.00 51.63 ? 48  SER A C   1 
ATOM   365  O O   . SER A 1 48  ? -0.762  5.689   12.318  1.00 52.24 ? 48  SER A O   1 
ATOM   366  C CB  . SER A 1 48  ? -2.006  7.501   14.560  1.00 51.76 ? 48  SER A CB  1 
ATOM   367  O OG  . SER A 1 48  ? -3.273  7.988   14.155  1.00 51.10 ? 48  SER A OG  1 
ATOM   368  N N   . LEU A 1 49  ? -1.633  7.442   11.182  1.00 50.42 ? 49  LEU A N   1 
ATOM   369  C CA  . LEU A 1 49  ? -1.744  6.738   9.909   1.00 49.38 ? 49  LEU A CA  1 
ATOM   370  C C   . LEU A 1 49  ? -0.390  6.659   9.187   1.00 48.86 ? 49  LEU A C   1 
ATOM   371  O O   . LEU A 1 49  ? -0.283  6.037   8.134   1.00 48.69 ? 49  LEU A O   1 
ATOM   372  C CB  . LEU A 1 49  ? -2.797  7.415   9.016   1.00 49.39 ? 49  LEU A CB  1 
ATOM   373  C CG  . LEU A 1 49  ? -4.236  7.531   9.535   1.00 49.06 ? 49  LEU A CG  1 
ATOM   374  C CD1 . LEU A 1 49  ? -5.169  7.976   8.423   1.00 48.44 ? 49  LEU A CD1 1 
ATOM   375  C CD2 . LEU A 1 49  ? -4.734  6.216   10.131  1.00 49.14 ? 49  LEU A CD2 1 
ATOM   376  N N   . LYS A 1 50  ? 0.627   7.306   9.756   1.00 48.11 ? 50  LYS A N   1 
ATOM   377  C CA  . LYS A 1 50  ? 2.008   7.298   9.257   1.00 47.29 ? 50  LYS A CA  1 
ATOM   378  C C   . LYS A 1 50  ? 2.164   7.429   7.740   1.00 46.27 ? 50  LYS A C   1 
ATOM   379  O O   . LYS A 1 50  ? 2.787   6.562   7.112   1.00 46.10 ? 50  LYS A O   1 
ATOM   380  C CB  . LYS A 1 50  ? 2.733   6.047   9.735   1.00 47.95 ? 50  LYS A CB  1 
ATOM   381  C CG  . LYS A 1 50  ? 2.829   5.930   11.237  1.00 50.24 ? 50  LYS A CG  1 
ATOM   382  C CD  . LYS A 1 50  ? 3.879   4.923   11.601  1.00 54.45 ? 50  LYS A CD  1 
ATOM   383  C CE  . LYS A 1 50  ? 3.954   4.744   13.103  1.00 57.67 ? 50  LYS A CE  1 
ATOM   384  N NZ  . LYS A 1 50  ? 4.596   3.434   13.432  1.00 60.11 ? 50  LYS A NZ  1 
ATOM   385  N N   . PRO A 1 51  ? 1.609   8.512   7.145   1.00 44.93 ? 51  PRO A N   1 
ATOM   386  C CA  . PRO A 1 51  ? 1.708   8.629   5.695   1.00 43.68 ? 51  PRO A CA  1 
ATOM   387  C C   . PRO A 1 51  ? 3.130   8.954   5.270   1.00 42.77 ? 51  PRO A C   1 
ATOM   388  O O   . PRO A 1 51  ? 3.867   9.576   6.030   1.00 43.19 ? 51  PRO A O   1 
ATOM   389  C CB  . PRO A 1 51  ? 0.777   9.795   5.378   1.00 43.48 ? 51  PRO A CB  1 
ATOM   390  C CG  . PRO A 1 51  ? 0.746   10.609  6.626   1.00 44.16 ? 51  PRO A CG  1 
ATOM   391  C CD  . PRO A 1 51  ? 0.887   9.653   7.749   1.00 44.57 ? 51  PRO A CD  1 
ATOM   392  N N   . SER A 1 52  ? 3.523   8.506   4.082   1.00 41.46 ? 52  SER A N   1 
ATOM   393  C CA  . SER A 1 52  ? 4.783   8.915   3.483   1.00 40.03 ? 52  SER A CA  1 
ATOM   394  C C   . SER A 1 52  ? 4.630   10.343  2.984   1.00 39.06 ? 52  SER A C   1 
ATOM   395  O O   . SER A 1 52  ? 3.524   10.884  2.980   1.00 38.54 ? 52  SER A O   1 
ATOM   396  C CB  . SER A 1 52  ? 5.209   7.955   2.354   1.00 40.49 ? 52  SER A CB  1 
ATOM   397  O OG  . SER A 1 52  ? 4.233   7.846   1.330   1.00 40.19 ? 52  SER A OG  1 
ATOM   398  N N   . ASN A 1 53  ? 5.738   10.972  2.608   1.00 38.23 ? 53  ASN A N   1 
ATOM   399  C CA  . ASN A 1 53  ? 5.694   12.309  2.015   1.00 37.33 ? 53  ASN A CA  1 
ATOM   400  C C   . ASN A 1 53  ? 4.833   12.309  0.761   1.00 37.09 ? 53  ASN A C   1 
ATOM   401  O O   . ASN A 1 53  ? 4.050   13.243  0.534   1.00 37.18 ? 53  ASN A O   1 
ATOM   402  C CB  . ASN A 1 53  ? 7.102   12.816  1.690   1.00 37.18 ? 53  ASN A CB  1 
ATOM   403  C CG  . ASN A 1 53  ? 7.843   13.325  2.915   1.00 36.54 ? 53  ASN A CG  1 
ATOM   404  O OD1 . ASN A 1 53  ? 7.223   13.856  3.842   1.00 36.67 ? 53  ASN A OD1 1 
ATOM   405  N ND2 . ASN A 1 53  ? 9.176   13.177  2.921   1.00 32.43 ? 53  ASN A ND2 1 
ATOM   406  N N   . HIS A 1 54  ? 4.969   11.247  -0.033  1.00 36.22 ? 54  HIS A N   1 
ATOM   407  C CA  . HIS A 1 54  ? 4.167   11.084  -1.231  1.00 35.43 ? 54  HIS A CA  1 
ATOM   408  C C   . HIS A 1 54  ? 2.653   11.023  -0.973  1.00 34.87 ? 54  HIS A C   1 
ATOM   409  O O   . HIS A 1 54  ? 1.903   11.697  -1.651  1.00 34.47 ? 54  HIS A O   1 
ATOM   410  C CB  . HIS A 1 54  ? 4.620   9.876   -2.041  1.00 35.10 ? 54  HIS A CB  1 
ATOM   411  C CG  . HIS A 1 54  ? 3.930   9.777   -3.358  1.00 35.62 ? 54  HIS A CG  1 
ATOM   412  N ND1 . HIS A 1 54  ? 2.752   9.080   -3.528  1.00 36.03 ? 54  HIS A ND1 1 
ATOM   413  C CD2 . HIS A 1 54  ? 4.206   10.352  -4.549  1.00 33.96 ? 54  HIS A CD2 1 
ATOM   414  C CE1 . HIS A 1 54  ? 2.346   9.215   -4.777  1.00 35.43 ? 54  HIS A CE1 1 
ATOM   415  N NE2 . HIS A 1 54  ? 3.210   9.982   -5.416  1.00 34.34 ? 54  HIS A NE2 1 
ATOM   416  N N   . ALA A 1 55  ? 2.226   10.214  -0.007  1.00 35.15 ? 55  ALA A N   1 
ATOM   417  C CA  . ALA A 1 55  ? 0.814   10.034  0.336   1.00 35.75 ? 55  ALA A CA  1 
ATOM   418  C C   . ALA A 1 55  ? 0.171   11.311  0.867   1.00 36.58 ? 55  ALA A C   1 
ATOM   419  O O   . ALA A 1 55  ? -1.014  11.544  0.657   1.00 37.34 ? 55  ALA A O   1 
ATOM   420  C CB  . ALA A 1 55  ? 0.638   8.904   1.340   1.00 34.82 ? 55  ALA A CB  1 
ATOM   421  N N   . THR A 1 56  ? 0.957   12.119  1.576   1.00 37.29 ? 56  THR A N   1 
ATOM   422  C CA  . THR A 1 56  ? 0.544   13.444  2.034   1.00 37.35 ? 56  THR A CA  1 
ATOM   423  C C   . THR A 1 56  ? 0.269   14.375  0.860   1.00 37.52 ? 56  THR A C   1 
ATOM   424  O O   . THR A 1 56  ? -0.741  15.065  0.839   1.00 38.19 ? 56  THR A O   1 
ATOM   425  C CB  . THR A 1 56  ? 1.630   14.057  2.953   1.00 37.61 ? 56  THR A CB  1 
ATOM   426  O OG1 . THR A 1 56  ? 1.742   13.254  4.136   1.00 37.42 ? 56  THR A OG1 1 
ATOM   427  C CG2 . THR A 1 56  ? 1.291   15.507  3.342   1.00 37.01 ? 56  THR A CG2 1 
ATOM   428  N N   . ILE A 1 57  ? 1.167   14.389  -0.113  1.00 37.30 ? 57  ILE A N   1 
ATOM   429  C CA  . ILE A 1 57  ? 0.995   15.198  -1.300  1.00 37.65 ? 57  ILE A CA  1 
ATOM   430  C C   . ILE A 1 57  ? -0.139  14.704  -2.184  1.00 37.71 ? 57  ILE A C   1 
ATOM   431  O O   . ILE A 1 57  ? -0.907  15.498  -2.698  1.00 38.72 ? 57  ILE A O   1 
ATOM   432  C CB  . ILE A 1 57  ? 2.295   15.281  -2.127  1.00 37.84 ? 57  ILE A CB  1 
ATOM   433  C CG1 . ILE A 1 57  ? 3.400   15.952  -1.313  1.00 37.62 ? 57  ILE A CG1 1 
ATOM   434  C CG2 . ILE A 1 57  ? 2.058   16.061  -3.433  1.00 37.72 ? 57  ILE A CG2 1 
ATOM   435  C CD1 . ILE A 1 57  ? 4.736   15.848  -1.953  1.00 37.27 ? 57  ILE A CD1 1 
ATOM   436  N N   . GLN A 1 58  ? -0.225  13.398  -2.384  1.00 38.12 ? 58  GLN A N   1 
ATOM   437  C CA  . GLN A 1 58  ? -1.325  12.801  -3.122  1.00 38.18 ? 58  GLN A CA  1 
ATOM   438  C C   . GLN A 1 58  ? -2.683  13.137  -2.500  1.00 38.41 ? 58  GLN A C   1 
ATOM   439  O O   . GLN A 1 58  ? -3.649  13.428  -3.224  1.00 38.14 ? 58  GLN A O   1 
ATOM   440  C CB  . GLN A 1 58  ? -1.150  11.282  -3.207  1.00 37.97 ? 58  GLN A CB  1 
ATOM   441  C CG  . GLN A 1 58  ? -2.174  10.623  -4.105  1.00 37.96 ? 58  GLN A CG  1 
ATOM   442  C CD  . GLN A 1 58  ? -1.969  9.145   -4.279  1.00 39.67 ? 58  GLN A CD  1 
ATOM   443  O OE1 . GLN A 1 58  ? -0.840  8.663   -4.331  1.00 41.15 ? 58  GLN A OE1 1 
ATOM   444  N NE2 . GLN A 1 58  ? -3.065  8.410   -4.387  1.00 37.23 ? 58  GLN A NE2 1 
ATOM   445  N N   . SER A 1 59  ? -2.752  13.104  -1.165  1.00 38.90 ? 59  SER A N   1 
ATOM   446  C CA  . SER A 1 59  ? -3.998  13.391  -0.444  1.00 39.54 ? 59  SER A CA  1 
ATOM   447  C C   . SER A 1 59  ? -4.478  14.838  -0.614  1.00 39.82 ? 59  SER A C   1 
ATOM   448  O O   . SER A 1 59  ? -5.681  15.095  -0.663  1.00 40.54 ? 59  SER A O   1 
ATOM   449  C CB  . SER A 1 59  ? -3.898  12.989  1.039   1.00 39.36 ? 59  SER A CB  1 
ATOM   450  O OG  . SER A 1 59  ? -3.402  14.045  1.840   1.00 40.54 ? 59  SER A OG  1 
ATOM   451  N N   . ILE A 1 60  ? -3.525  15.769  -0.722  1.00 40.42 ? 60  ILE A N   1 
ATOM   452  C CA  . ILE A 1 60  ? -3.787  17.196  -0.970  1.00 39.92 ? 60  ILE A CA  1 
ATOM   453  C C   . ILE A 1 60  ? -4.232  17.433  -2.420  1.00 40.07 ? 60  ILE A C   1 
ATOM   454  O O   . ILE A 1 60  ? -5.207  18.123  -2.656  1.00 39.91 ? 60  ILE A O   1 
ATOM   455  C CB  . ILE A 1 60  ? -2.556  18.092  -0.608  1.00 40.02 ? 60  ILE A CB  1 
ATOM   456  C CG1 . ILE A 1 60  ? -2.138  17.891  0.855   1.00 39.99 ? 60  ILE A CG1 1 
ATOM   457  C CG2 . ILE A 1 60  ? -2.877  19.554  -0.827  1.00 40.11 ? 60  ILE A CG2 1 
ATOM   458  C CD1 . ILE A 1 60  ? -0.777  18.480  1.222   1.00 39.47 ? 60  ILE A CD1 1 
ATOM   459  N N   . VAL A 1 61  ? -3.530  16.844  -3.387  1.00 40.47 ? 61  VAL A N   1 
ATOM   460  C CA  . VAL A 1 61  ? -3.941  16.907  -4.791  1.00 40.78 ? 61  VAL A CA  1 
ATOM   461  C C   . VAL A 1 61  ? -5.385  16.414  -5.000  1.00 41.57 ? 61  VAL A C   1 
ATOM   462  O O   . VAL A 1 61  ? -6.128  16.969  -5.815  1.00 41.35 ? 61  VAL A O   1 
ATOM   463  C CB  . VAL A 1 61  ? -2.932  16.153  -5.693  1.00 40.58 ? 61  VAL A CB  1 
ATOM   464  C CG1 . VAL A 1 61  ? -3.367  16.155  -7.144  1.00 40.49 ? 61  VAL A CG1 1 
ATOM   465  C CG2 . VAL A 1 61  ? -1.575  16.803  -5.592  1.00 40.89 ? 61  VAL A CG2 1 
ATOM   466  N N   . ARG A 1 62  ? -5.775  15.376  -4.258  1.00 42.76 ? 62  ARG A N   1 
ATOM   467  C CA  . ARG A 1 62  ? -7.143  14.859  -4.289  1.00 43.83 ? 62  ARG A CA  1 
ATOM   468  C C   . ARG A 1 62  ? -8.140  15.842  -3.657  1.00 44.96 ? 62  ARG A C   1 
ATOM   469  O O   . ARG A 1 62  ? -9.179  16.142  -4.251  1.00 45.17 ? 62  ARG A O   1 
ATOM   470  C CB  . ARG A 1 62  ? -7.231  13.480  -3.610  1.00 43.40 ? 62  ARG A CB  1 
ATOM   471  C CG  . ARG A 1 62  ? -8.602  12.846  -3.746  1.00 42.97 ? 62  ARG A CG  1 
ATOM   472  C CD  . ARG A 1 62  ? -8.742  11.548  -2.988  1.00 42.39 ? 62  ARG A CD  1 
ATOM   473  N NE  . ARG A 1 62  ? -10.150 11.173  -2.828  1.00 42.56 ? 62  ARG A NE  1 
ATOM   474  C CZ  . ARG A 1 62  ? -10.882 10.530  -3.742  1.00 42.60 ? 62  ARG A CZ  1 
ATOM   475  N NH1 . ARG A 1 62  ? -10.357 10.164  -4.903  1.00 42.46 ? 62  ARG A NH1 1 
ATOM   476  N NH2 . ARG A 1 62  ? -12.154 10.248  -3.497  1.00 42.97 ? 62  ARG A NH2 1 
ATOM   477  N N   . ALA A 1 63  ? -7.812  16.334  -2.460  1.00 46.34 ? 63  ALA A N   1 
ATOM   478  C CA  . ALA A 1 63  ? -8.655  17.270  -1.721  1.00 47.72 ? 63  ALA A CA  1 
ATOM   479  C C   . ALA A 1 63  ? -8.834  18.578  -2.481  1.00 49.21 ? 63  ALA A C   1 
ATOM   480  O O   . ALA A 1 63  ? -9.950  19.077  -2.646  1.00 49.19 ? 63  ALA A O   1 
ATOM   481  C CB  . ALA A 1 63  ? -8.067  17.535  -0.345  1.00 47.29 ? 63  ALA A CB  1 
ATOM   482  N N   . VAL A 1 64  ? -7.717  19.115  -2.957  1.00 51.16 ? 64  VAL A N   1 
ATOM   483  C CA  . VAL A 1 64  ? -7.678  20.397  -3.655  1.00 52.89 ? 64  VAL A CA  1 
ATOM   484  C C   . VAL A 1 64  ? -8.093  20.251  -5.146  1.00 53.95 ? 64  VAL A C   1 
ATOM   485  O O   . VAL A 1 64  ? -7.502  20.861  -6.047  1.00 54.55 ? 64  VAL A O   1 
ATOM   486  C CB  . VAL A 1 64  ? -6.299  21.146  -3.383  1.00 52.77 ? 64  VAL A CB  1 
ATOM   487  C CG1 . VAL A 1 64  ? -5.999  22.215  -4.405  1.00 53.22 ? 64  VAL A CG1 1 
ATOM   488  C CG2 . VAL A 1 64  ? -6.288  21.764  -1.973  1.00 53.13 ? 64  VAL A CG2 1 
ATOM   489  N N   . GLY A 1 65  ? -9.115  19.435  -5.382  1.00 54.88 ? 65  GLY A N   1 
ATOM   490  C CA  . GLY A 1 65  ? -9.953  19.583  -6.558  1.00 55.88 ? 65  GLY A CA  1 
ATOM   491  C C   . GLY A 1 65  ? -9.264  19.112  -7.824  1.00 56.45 ? 65  GLY A C   1 
ATOM   492  O O   . GLY A 1 65  ? -9.610  18.069  -8.380  1.00 56.58 ? 65  GLY A O   1 
ATOM   493  N N   . VAL A 1 66  ? -8.283  19.884  -8.280  1.00 56.79 ? 66  VAL A N   1 
ATOM   494  C CA  . VAL A 1 66  ? -7.849  19.830  -9.671  1.00 57.06 ? 66  VAL A CA  1 
ATOM   495  C C   . VAL A 1 66  ? -7.044  18.565  -9.949  1.00 57.05 ? 66  VAL A C   1 
ATOM   496  O O   . VAL A 1 66  ? -6.527  17.931  -9.029  1.00 57.17 ? 66  VAL A O   1 
ATOM   497  C CB  . VAL A 1 66  ? -7.002  21.060  -10.046 1.00 57.27 ? 66  VAL A CB  1 
ATOM   498  C CG1 . VAL A 1 66  ? -7.023  21.279  -11.551 1.00 57.66 ? 66  VAL A CG1 1 
ATOM   499  C CG2 . VAL A 1 66  ? -7.505  22.294  -9.313  1.00 57.31 ? 66  VAL A CG2 1 
ATOM   500  N N   . VAL A 1 67  ? -6.940  18.204  -11.224 1.00 56.71 ? 67  VAL A N   1 
ATOM   501  C CA  . VAL A 1 67  ? -6.382  16.890  -11.618 1.00 55.97 ? 67  VAL A CA  1 
ATOM   502  C C   . VAL A 1 67  ? -7.369  15.749  -11.312 1.00 55.68 ? 67  VAL A C   1 
ATOM   503  O O   . VAL A 1 67  ? -7.404  15.227  -10.186 1.00 55.59 ? 67  VAL A O   1 
ATOM   504  C CB  . VAL A 1 67  ? -4.946  16.578  -11.076 1.00 55.93 ? 67  VAL A CB  1 
ATOM   505  C CG1 . VAL A 1 67  ? -4.384  15.341  -11.775 1.00 55.46 ? 67  VAL A CG1 1 
ATOM   506  C CG2 . VAL A 1 67  ? -4.001  17.770  -11.269 1.00 55.58 ? 67  VAL A CG2 1 
ATOM   507  N N   . PRO A 1 68  ? -8.194  15.386  -12.324 1.00 55.27 ? 68  PRO A N   1 
ATOM   508  C CA  . PRO A 1 68  ? -9.191  14.314  -12.222 1.00 54.46 ? 68  PRO A CA  1 
ATOM   509  C C   . PRO A 1 68  ? -8.586  12.949  -11.935 1.00 53.40 ? 68  PRO A C   1 
ATOM   510  O O   . PRO A 1 68  ? -7.435  12.689  -12.285 1.00 53.48 ? 68  PRO A O   1 
ATOM   511  C CB  . PRO A 1 68  ? -9.850  14.305  -13.615 1.00 54.62 ? 68  PRO A CB  1 
ATOM   512  C CG  . PRO A 1 68  ? -8.879  15.005  -14.523 1.00 55.08 ? 68  PRO A CG  1 
ATOM   513  C CD  . PRO A 1 68  ? -8.228  16.037  -13.653 1.00 55.28 ? 68  PRO A CD  1 
ATOM   514  N N   . GLY A 1 69  ? -9.372  12.100  -11.283 1.00 52.32 ? 69  GLY A N   1 
ATOM   515  C CA  . GLY A 1 69  ? -9.067  10.679  -11.180 1.00 50.81 ? 69  GLY A CA  1 
ATOM   516  C C   . GLY A 1 69  ? -7.958  10.271  -10.235 1.00 49.86 ? 69  GLY A C   1 
ATOM   517  O O   . GLY A 1 69  ? -7.510  9.120   -10.287 1.00 49.97 ? 69  GLY A O   1 
ATOM   518  N N   . ILE A 1 70  ? -7.519  11.194  -9.374  1.00 48.56 ? 70  ILE A N   1 
ATOM   519  C CA  . ILE A 1 70  ? -6.472  10.907  -8.382  1.00 47.13 ? 70  ILE A CA  1 
ATOM   520  C C   . ILE A 1 70  ? -7.097  10.198  -7.182  1.00 46.39 ? 70  ILE A C   1 
ATOM   521  O O   . ILE A 1 70  ? -7.842  10.829  -6.430  1.00 46.54 ? 70  ILE A O   1 
ATOM   522  C CB  . ILE A 1 70  ? -5.719  12.203  -7.912  1.00 47.08 ? 70  ILE A CB  1 
ATOM   523  C CG1 . ILE A 1 70  ? -5.005  12.896  -9.080  1.00 46.80 ? 70  ILE A CG1 1 
ATOM   524  C CG2 . ILE A 1 70  ? -4.712  11.902  -6.789  1.00 46.47 ? 70  ILE A CG2 1 
ATOM   525  C CD1 . ILE A 1 70  ? -3.861  12.105  -9.707  1.00 45.49 ? 70  ILE A CD1 1 
ATOM   526  N N   . PRO A 1 71  ? -6.800  8.889   -7.002  1.00 45.48 ? 71  PRO A N   1 
ATOM   527  C CA  . PRO A 1 71  ? -7.335  8.100   -5.891  1.00 44.80 ? 71  PRO A CA  1 
ATOM   528  C C   . PRO A 1 71  ? -6.784  8.532   -4.533  1.00 44.54 ? 71  PRO A C   1 
ATOM   529  O O   . PRO A 1 71  ? -5.876  9.358   -4.478  1.00 44.31 ? 71  PRO A O   1 
ATOM   530  C CB  . PRO A 1 71  ? -6.856  6.679   -6.216  1.00 44.90 ? 71  PRO A CB  1 
ATOM   531  C CG  . PRO A 1 71  ? -5.653  6.858   -7.062  1.00 44.80 ? 71  PRO A CG  1 
ATOM   532  C CD  . PRO A 1 71  ? -5.932  8.072   -7.876  1.00 45.34 ? 71  PRO A CD  1 
ATOM   533  N N   . GLU A 1 72  ? -7.347  7.986   -3.455  1.00 44.17 ? 72  GLU A N   1 
ATOM   534  C CA  . GLU A 1 72  ? -6.824  8.160   -2.103  1.00 44.20 ? 72  GLU A CA  1 
ATOM   535  C C   . GLU A 1 72  ? -5.559  7.312   -1.938  1.00 43.89 ? 72  GLU A C   1 
ATOM   536  O O   . GLU A 1 72  ? -5.428  6.257   -2.575  1.00 43.55 ? 72  GLU A O   1 
ATOM   537  C CB  . GLU A 1 72  ? -7.868  7.714   -1.057  1.00 44.14 ? 72  GLU A CB  1 
ATOM   538  C CG  . GLU A 1 72  ? -8.858  8.783   -0.544  1.00 45.04 ? 72  GLU A CG  1 
ATOM   539  C CD  . GLU A 1 72  ? -9.813  8.265   0.569   1.00 45.72 ? 72  GLU A CD  1 
ATOM   540  O OE1 . GLU A 1 72  ? -9.501  7.228   1.221   1.00 47.36 ? 72  GLU A OE1 1 
ATOM   541  O OE2 . GLU A 1 72  ? -10.877 8.910   0.800   1.00 46.51 ? 72  GLU A OE2 1 
ATOM   542  N N   . PRO A 1 73  ? -4.610  7.765   -1.089  1.00 43.72 ? 73  PRO A N   1 
ATOM   543  C CA  . PRO A 1 73  ? -3.535  6.858   -0.702  1.00 43.70 ? 73  PRO A CA  1 
ATOM   544  C C   . PRO A 1 73  ? -4.078  5.535   -0.168  1.00 44.32 ? 73  PRO A C   1 
ATOM   545  O O   . PRO A 1 73  ? -5.192  5.449   0.343   1.00 44.15 ? 73  PRO A O   1 
ATOM   546  C CB  . PRO A 1 73  ? -2.813  7.624   0.403   1.00 43.31 ? 73  PRO A CB  1 
ATOM   547  C CG  . PRO A 1 73  ? -3.067  9.042   0.090   1.00 43.17 ? 73  PRO A CG  1 
ATOM   548  C CD  . PRO A 1 73  ? -4.443  9.100   -0.482  1.00 43.41 ? 73  PRO A CD  1 
ATOM   549  N N   . CYS A 1 74  ? -3.279  4.504   -0.292  1.00 45.16 ? 74  CYS A N   1 
ATOM   550  C CA  . CYS A 1 74  ? -3.719  3.182   0.045   1.00 46.72 ? 74  CYS A CA  1 
ATOM   551  C C   . CYS A 1 74  ? -3.553  2.853   1.506   1.00 46.19 ? 74  CYS A C   1 
ATOM   552  O O   . CYS A 1 74  ? -2.547  3.186   2.100   1.00 46.42 ? 74  CYS A O   1 
ATOM   553  C CB  . CYS A 1 74  ? -2.938  2.189   -0.788  1.00 47.11 ? 74  CYS A CB  1 
ATOM   554  S SG  . CYS A 1 74  ? -3.858  1.708   -2.225  1.00 52.82 ? 74  CYS A SG  1 
ATOM   555  N N   . CYS A 1 75  ? -4.549  2.188   2.074   1.00 46.41 ? 75  CYS A N   1 
ATOM   556  C CA  . CYS A 1 75  ? -4.410  1.608   3.391   1.00 46.04 ? 75  CYS A CA  1 
ATOM   557  C C   . CYS A 1 75  ? -3.737  0.225   3.281   1.00 45.62 ? 75  CYS A C   1 
ATOM   558  O O   . CYS A 1 75  ? -4.355  -0.744  2.855   1.00 45.71 ? 75  CYS A O   1 
ATOM   559  C CB  . CYS A 1 75  ? -5.759  1.561   4.104   1.00 45.70 ? 75  CYS A CB  1 
ATOM   560  S SG  . CYS A 1 75  ? -5.622  1.119   5.861   1.00 47.32 ? 75  CYS A SG  1 
ATOM   561  N N   . VAL A 1 76  ? -2.456  0.170   3.659   1.00 45.28 ? 76  VAL A N   1 
ATOM   562  C CA  . VAL A 1 76  ? -1.601  -1.008  3.462   1.00 45.06 ? 76  VAL A CA  1 
ATOM   563  C C   . VAL A 1 76  ? -0.946  -1.481  4.745   1.00 44.94 ? 76  VAL A C   1 
ATOM   564  O O   . VAL A 1 76  ? -0.753  -0.677  5.649   1.00 44.16 ? 76  VAL A O   1 
ATOM   565  C CB  . VAL A 1 76  ? -0.460  -0.757  2.426   1.00 44.89 ? 76  VAL A CB  1 
ATOM   566  C CG1 . VAL A 1 76  ? -1.032  -0.736  1.053   1.00 46.65 ? 76  VAL A CG1 1 
ATOM   567  C CG2 . VAL A 1 76  ? 0.321   0.519   2.720   1.00 44.30 ? 76  VAL A CG2 1 
ATOM   568  N N   . PRO A 1 77  ? -0.574  -2.786  4.808   1.00 45.38 ? 77  PRO A N   1 
ATOM   569  C CA  . PRO A 1 77  ? 0.197   -3.329  5.924   1.00 45.86 ? 77  PRO A CA  1 
ATOM   570  C C   . PRO A 1 77  ? 1.528   -2.634  6.083   1.00 46.52 ? 77  PRO A C   1 
ATOM   571  O O   . PRO A 1 77  ? 2.269   -2.487  5.118   1.00 47.07 ? 77  PRO A O   1 
ATOM   572  C CB  . PRO A 1 77  ? 0.415   -4.786  5.519   1.00 45.44 ? 77  PRO A CB  1 
ATOM   573  C CG  . PRO A 1 77  ? -0.694  -5.097  4.610   1.00 45.38 ? 77  PRO A CG  1 
ATOM   574  C CD  . PRO A 1 77  ? -0.877  -3.842  3.821   1.00 45.43 ? 77  PRO A CD  1 
ATOM   575  N N   . GLU A 1 78  ? 1.815   -2.193  7.298   1.00 47.70 ? 78  GLU A N   1 
ATOM   576  C CA  . GLU A 1 78  ? 3.073   -1.552  7.606   1.00 48.92 ? 78  GLU A CA  1 
ATOM   577  C C   . GLU A 1 78  ? 3.934   -2.560  8.369   1.00 49.16 ? 78  GLU A C   1 
ATOM   578  O O   . GLU A 1 78  ? 4.886   -3.081  7.819   1.00 50.37 ? 78  GLU A O   1 
ATOM   579  C CB  . GLU A 1 78  ? 2.845   -0.288  8.409   1.00 48.88 ? 78  GLU A CB  1 
ATOM   580  C CG  . GLU A 1 78  ? 4.106   0.493   8.672   1.00 53.65 ? 78  GLU A CG  1 
ATOM   581  C CD  . GLU A 1 78  ? 4.057   1.251   9.999   1.00 60.39 ? 78  GLU A CD  1 
ATOM   582  O OE1 . GLU A 1 78  ? 4.828   2.237   10.147  1.00 63.49 ? 78  GLU A OE1 1 
ATOM   583  O OE2 . GLU A 1 78  ? 3.262   0.857   10.902  1.00 62.56 ? 78  GLU A OE2 1 
ATOM   584  N N   . LYS A 1 79  ? 3.589   -2.866  9.613   1.00 49.00 ? 79  LYS A N   1 
ATOM   585  C CA  . LYS A 1 79  ? 4.240   -3.954  10.338  1.00 49.07 ? 79  LYS A CA  1 
ATOM   586  C C   . LYS A 1 79  ? 3.523   -5.297  10.052  1.00 48.92 ? 79  LYS A C   1 
ATOM   587  O O   . LYS A 1 79  ? 2.291   -5.369  10.001  1.00 48.16 ? 79  LYS A O   1 
ATOM   588  C CB  . LYS A 1 79  ? 4.320   -3.625  11.838  1.00 49.75 ? 79  LYS A CB  1 
ATOM   589  C CG  . LYS A 1 79  ? 4.829   -4.745  12.755  1.00 51.17 ? 79  LYS A CG  1 
ATOM   590  C CD  . LYS A 1 79  ? 6.344   -4.744  12.962  1.00 54.11 ? 79  LYS A CD  1 
ATOM   591  C CE  . LYS A 1 79  ? 6.790   -6.045  13.645  1.00 53.76 ? 79  LYS A CE  1 
ATOM   592  N NZ  . LYS A 1 79  ? 8.251   -6.054  13.955  1.00 56.54 ? 79  LYS A NZ  1 
ATOM   593  N N   . MET A 1 80  ? 4.315   -6.346  9.833   1.00 48.98 ? 80  MET A N   1 
ATOM   594  C CA  . MET A 1 80  ? 3.812   -7.701  9.594   1.00 49.69 ? 80  MET A CA  1 
ATOM   595  C C   . MET A 1 80  ? 4.544   -8.743  10.423  1.00 49.06 ? 80  MET A C   1 
ATOM   596  O O   . MET A 1 80  ? 5.607   -8.473  10.983  1.00 49.20 ? 80  MET A O   1 
ATOM   597  C CB  . MET A 1 80  ? 3.894   -8.045  8.112   1.00 49.38 ? 80  MET A CB  1 
ATOM   598  C CG  . MET A 1 80  ? 3.217   -7.009  7.251   1.00 49.78 ? 80  MET A CG  1 
ATOM   599  S SD  . MET A 1 80  ? 2.719   -7.672  5.694   1.00 54.07 ? 80  MET A SD  1 
ATOM   600  C CE  . MET A 1 80  ? 1.142   -8.375  6.107   1.00 50.95 ? 80  MET A CE  1 
ATOM   601  N N   . SER A 1 81  ? 3.952   -9.927  10.546  1.00 48.33 ? 81  SER A N   1 
ATOM   602  C CA  . SER A 1 81  ? 4.650   -11.027 11.185  1.00 47.72 ? 81  SER A CA  1 
ATOM   603  C C   . SER A 1 81  ? 4.575   -12.332 10.389  1.00 46.87 ? 81  SER A C   1 
ATOM   604  O O   . SER A 1 81  ? 3.786   -12.462 9.449   1.00 46.02 ? 81  SER A O   1 
ATOM   605  C CB  . SER A 1 81  ? 4.225   -11.196 12.654  1.00 48.37 ? 81  SER A CB  1 
ATOM   606  O OG  . SER A 1 81  ? 2.837   -11.448 12.785  1.00 49.51 ? 81  SER A OG  1 
ATOM   607  N N   . SER A 1 82  ? 5.453   -13.263 10.758  1.00 46.08 ? 82  SER A N   1 
ATOM   608  C CA  . SER A 1 82  ? 5.621   -14.546 10.092  1.00 45.61 ? 82  SER A CA  1 
ATOM   609  C C   . SER A 1 82  ? 4.598   -15.563 10.536  1.00 44.81 ? 82  SER A C   1 
ATOM   610  O O   . SER A 1 82  ? 3.954   -15.407 11.569  1.00 44.43 ? 82  SER A O   1 
ATOM   611  C CB  . SER A 1 82  ? 7.000   -15.120 10.413  1.00 45.89 ? 82  SER A CB  1 
ATOM   612  O OG  . SER A 1 82  ? 8.020   -14.260 9.957   1.00 47.79 ? 82  SER A OG  1 
ATOM   613  N N   . LEU A 1 83  ? 4.471   -16.617 9.737   1.00 44.14 ? 83  LEU A N   1 
ATOM   614  C CA  . LEU A 1 83  ? 3.757   -17.822 10.128  1.00 43.19 ? 83  LEU A CA  1 
ATOM   615  C C   . LEU A 1 83  ? 4.641   -19.051 9.882   1.00 43.00 ? 83  LEU A C   1 
ATOM   616  O O   . LEU A 1 83  ? 5.205   -19.226 8.804   1.00 43.34 ? 83  LEU A O   1 
ATOM   617  C CB  . LEU A 1 83  ? 2.443   -17.951 9.352   1.00 42.70 ? 83  LEU A CB  1 
ATOM   618  C CG  . LEU A 1 83  ? 1.485   -19.044 9.815   1.00 41.50 ? 83  LEU A CG  1 
ATOM   619  C CD1 . LEU A 1 83  ? 0.944   -18.741 11.203  1.00 39.00 ? 83  LEU A CD1 1 
ATOM   620  C CD2 . LEU A 1 83  ? 0.377   -19.177 8.817   1.00 41.49 ? 83  LEU A CD2 1 
ATOM   621  N N   . SER A 1 84  ? 4.769   -19.883 10.902  1.00 42.97 ? 84  SER A N   1 
ATOM   622  C CA  . SER A 1 84  ? 5.434   -21.181 10.782  1.00 43.04 ? 84  SER A CA  1 
ATOM   623  C C   . SER A 1 84  ? 4.467   -22.205 10.215  1.00 42.68 ? 84  SER A C   1 
ATOM   624  O O   . SER A 1 84  ? 3.432   -22.469 10.802  1.00 42.77 ? 84  SER A O   1 
ATOM   625  C CB  . SER A 1 84  ? 5.920   -21.627 12.145  1.00 42.67 ? 84  SER A CB  1 
ATOM   626  O OG  . SER A 1 84  ? 6.846   -20.678 12.626  1.00 44.95 ? 84  SER A OG  1 
ATOM   627  N N   . ILE A 1 85  ? 4.793   -22.769 9.059   1.00 42.60 ? 85  ILE A N   1 
ATOM   628  C CA  . ILE A 1 85  ? 3.910   -23.746 8.440   1.00 42.18 ? 85  ILE A CA  1 
ATOM   629  C C   . ILE A 1 85  ? 4.594   -25.118 8.330   1.00 41.58 ? 85  ILE A C   1 
ATOM   630  O O   . ILE A 1 85  ? 5.718   -25.222 7.831   1.00 41.73 ? 85  ILE A O   1 
ATOM   631  C CB  . ILE A 1 85  ? 3.383   -23.238 7.048   1.00 42.18 ? 85  ILE A CB  1 
ATOM   632  C CG1 . ILE A 1 85  ? 2.657   -21.896 7.211   1.00 42.83 ? 85  ILE A CG1 1 
ATOM   633  C CG2 . ILE A 1 85  ? 2.434   -24.254 6.407   1.00 42.00 ? 85  ILE A CG2 1 
ATOM   634  C CD1 . ILE A 1 85  ? 2.389   -21.151 5.908   1.00 41.82 ? 85  ILE A CD1 1 
ATOM   635  N N   . LEU A 1 86  ? 3.906   -26.150 8.818   1.00 41.39 ? 86  LEU A N   1 
ATOM   636  C CA  . LEU A 1 86  ? 4.250   -27.553 8.556   1.00 40.91 ? 86  LEU A CA  1 
ATOM   637  C C   . LEU A 1 86  ? 3.470   -28.105 7.335   1.00 40.56 ? 86  LEU A C   1 
ATOM   638  O O   . LEU A 1 86  ? 2.255   -28.041 7.289   1.00 40.47 ? 86  LEU A O   1 
ATOM   639  C CB  . LEU A 1 86  ? 3.983   -28.404 9.806   1.00 41.04 ? 86  LEU A CB  1 
ATOM   640  C CG  . LEU A 1 86  ? 4.516   -29.833 9.830   1.00 39.74 ? 86  LEU A CG  1 
ATOM   641  C CD1 . LEU A 1 86  ? 6.048   -29.844 9.920   1.00 39.23 ? 86  LEU A CD1 1 
ATOM   642  C CD2 . LEU A 1 86  ? 3.897   -30.581 10.983  1.00 39.82 ? 86  LEU A CD2 1 
ATOM   643  N N   . PHE A 1 87  ? 4.180   -28.626 6.344   1.00 40.35 ? 87  PHE A N   1 
ATOM   644  C CA  . PHE A 1 87  ? 3.561   -29.004 5.085   1.00 39.99 ? 87  PHE A CA  1 
ATOM   645  C C   . PHE A 1 87  ? 4.351   -30.061 4.317   1.00 40.30 ? 87  PHE A C   1 
ATOM   646  O O   . PHE A 1 87  ? 5.493   -30.360 4.660   1.00 39.21 ? 87  PHE A O   1 
ATOM   647  C CB  . PHE A 1 87  ? 3.330   -27.767 4.206   1.00 40.25 ? 87  PHE A CB  1 
ATOM   648  C CG  . PHE A 1 87  ? 4.588   -27.140 3.697   1.00 40.03 ? 87  PHE A CG  1 
ATOM   649  C CD1 . PHE A 1 87  ? 5.326   -26.287 4.503   1.00 40.64 ? 87  PHE A CD1 1 
ATOM   650  C CD2 . PHE A 1 87  ? 5.036   -27.409 2.414   1.00 39.85 ? 87  PHE A CD2 1 
ATOM   651  C CE1 . PHE A 1 87  ? 6.505   -25.725 4.040   1.00 42.07 ? 87  PHE A CE1 1 
ATOM   652  C CE2 . PHE A 1 87  ? 6.202   -26.864 1.942   1.00 40.39 ? 87  PHE A CE2 1 
ATOM   653  C CZ  . PHE A 1 87  ? 6.946   -26.020 2.749   1.00 41.87 ? 87  PHE A CZ  1 
ATOM   654  N N   . PHE A 1 88  ? 3.707   -30.620 3.283   1.00 40.58 ? 88  PHE A N   1 
ATOM   655  C CA  . PHE A 1 88  ? 4.323   -31.545 2.345   1.00 40.91 ? 88  PHE A CA  1 
ATOM   656  C C   . PHE A 1 88  ? 4.874   -30.833 1.116   1.00 42.02 ? 88  PHE A C   1 
ATOM   657  O O   . PHE A 1 88  ? 4.206   -29.994 0.496   1.00 42.71 ? 88  PHE A O   1 
ATOM   658  C CB  . PHE A 1 88  ? 3.326   -32.610 1.864   1.00 40.17 ? 88  PHE A CB  1 
ATOM   659  C CG  . PHE A 1 88  ? 2.890   -33.577 2.918   1.00 38.75 ? 88  PHE A CG  1 
ATOM   660  C CD1 . PHE A 1 88  ? 3.769   -34.520 3.425   1.00 38.11 ? 88  PHE A CD1 1 
ATOM   661  C CD2 . PHE A 1 88  ? 1.577   -33.571 3.380   1.00 38.31 ? 88  PHE A CD2 1 
ATOM   662  C CE1 . PHE A 1 88  ? 3.349   -35.446 4.404   1.00 38.45 ? 88  PHE A CE1 1 
ATOM   663  C CE2 . PHE A 1 88  ? 1.150   -34.483 4.351   1.00 38.03 ? 88  PHE A CE2 1 
ATOM   664  C CZ  . PHE A 1 88  ? 2.037   -35.423 4.863   1.00 37.84 ? 88  PHE A CZ  1 
ATOM   665  N N   . ASP A 1 89  ? 6.106   -31.187 0.779   1.00 43.04 ? 89  ASP A N   1 
ATOM   666  C CA  . ASP A 1 89  ? 6.712   -30.945 -0.520  1.00 44.45 ? 89  ASP A CA  1 
ATOM   667  C C   . ASP A 1 89  ? 5.925   -31.508 -1.689  1.00 44.99 ? 89  ASP A C   1 
ATOM   668  O O   . ASP A 1 89  ? 5.116   -32.436 -1.540  1.00 45.06 ? 89  ASP A O   1 
ATOM   669  C CB  . ASP A 1 89  ? 8.035   -31.717 -0.586  1.00 44.88 ? 89  ASP A CB  1 
ATOM   670  C CG  . ASP A 1 89  ? 9.201   -30.855 -0.368  1.00 46.05 ? 89  ASP A CG  1 
ATOM   671  O OD1 . ASP A 1 89  ? 8.991   -29.640 -0.173  1.00 49.45 ? 89  ASP A OD1 1 
ATOM   672  O OD2 . ASP A 1 89  ? 10.320  -31.389 -0.392  1.00 47.50 ? 89  ASP A OD2 1 
ATOM   673  N N   . GLU A 1 90  ? 6.268   -30.988 -2.864  1.00 45.28 ? 90  GLU A N   1 
ATOM   674  C CA  . GLU A 1 90  ? 5.947   -31.582 -4.152  1.00 46.08 ? 90  GLU A CA  1 
ATOM   675  C C   . GLU A 1 90  ? 6.349   -33.067 -4.185  1.00 45.20 ? 90  GLU A C   1 
ATOM   676  O O   . GLU A 1 90  ? 5.781   -33.855 -4.946  1.00 45.41 ? 90  GLU A O   1 
ATOM   677  C CB  . GLU A 1 90  ? 6.669   -30.781 -5.244  1.00 46.07 ? 90  GLU A CB  1 
ATOM   678  C CG  . GLU A 1 90  ? 6.177   -29.360 -5.455  1.00 47.90 ? 90  GLU A CG  1 
ATOM   679  C CD  . GLU A 1 90  ? 6.980   -28.609 -6.521  1.00 48.54 ? 90  GLU A CD  1 
ATOM   680  O OE1 . GLU A 1 90  ? 7.954   -29.192 -7.070  1.00 50.76 ? 90  GLU A OE1 1 
ATOM   681  O OE2 . GLU A 1 90  ? 6.628   -27.437 -6.815  1.00 52.08 ? 90  GLU A OE2 1 
ATOM   682  N N   . ASN A 1 91  ? 7.314   -33.434 -3.340  1.00 44.50 ? 91  ASN A N   1 
ATOM   683  C CA  . ASN A 1 91  ? 7.830   -34.808 -3.245  1.00 43.48 ? 91  ASN A CA  1 
ATOM   684  C C   . ASN A 1 91  ? 7.404   -35.566 -1.993  1.00 42.69 ? 91  ASN A C   1 
ATOM   685  O O   . ASN A 1 91  ? 7.892   -36.666 -1.743  1.00 42.97 ? 91  ASN A O   1 
ATOM   686  C CB  . ASN A 1 91  ? 9.350   -34.801 -3.328  1.00 43.56 ? 91  ASN A CB  1 
ATOM   687  C CG  . ASN A 1 91  ? 9.847   -34.331 -4.670  1.00 44.21 ? 91  ASN A CG  1 
ATOM   688  O OD1 . ASN A 1 91  ? 10.183  -33.157 -4.839  1.00 44.32 ? 91  ASN A OD1 1 
ATOM   689  N ND2 . ASN A 1 91  ? 9.902   -35.241 -5.635  1.00 43.68 ? 91  ASN A ND2 1 
ATOM   690  N N   . LYS A 1 92  ? 6.491   -34.976 -1.223  1.00 41.77 ? 92  LYS A N   1 
ATOM   691  C CA  . LYS A 1 92  ? 5.987   -35.549 0.029   1.00 41.10 ? 92  LYS A CA  1 
ATOM   692  C C   . LYS A 1 92  ? 7.034   -35.628 1.160   1.00 40.26 ? 92  LYS A C   1 
ATOM   693  O O   . LYS A 1 92  ? 6.932   -36.461 2.053   1.00 39.44 ? 92  LYS A O   1 
ATOM   694  C CB  . LYS A 1 92  ? 5.288   -36.900 -0.198  1.00 41.25 ? 92  LYS A CB  1 
ATOM   695  C CG  . LYS A 1 92  ? 4.055   -36.844 -1.103  1.00 42.92 ? 92  LYS A CG  1 
ATOM   696  C CD  . LYS A 1 92  ? 2.818   -36.293 -0.389  1.00 44.46 ? 92  LYS A CD  1 
ATOM   697  C CE  . LYS A 1 92  ? 2.282   -37.302 0.618   1.00 45.71 ? 92  LYS A CE  1 
ATOM   698  N NZ  . LYS A 1 92  ? 0.888   -36.995 1.016   1.00 46.41 ? 92  LYS A NZ  1 
ATOM   699  N N   . ASN A 1 93  ? 8.033   -34.747 1.107   1.00 40.04 ? 93  ASN A N   1 
ATOM   700  C CA  . ASN A 1 93  ? 8.903   -34.471 2.251   1.00 39.59 ? 93  ASN A CA  1 
ATOM   701  C C   . ASN A 1 93  ? 8.157   -33.560 3.188   1.00 39.39 ? 93  ASN A C   1 
ATOM   702  O O   . ASN A 1 93  ? 7.544   -32.608 2.742   1.00 39.18 ? 93  ASN A O   1 
ATOM   703  C CB  . ASN A 1 93  ? 10.185  -33.761 1.824   1.00 39.39 ? 93  ASN A CB  1 
ATOM   704  C CG  . ASN A 1 93  ? 11.051  -34.606 0.954   1.00 39.30 ? 93  ASN A CG  1 
ATOM   705  O OD1 . ASN A 1 93  ? 11.515  -35.664 1.357   1.00 40.85 ? 93  ASN A OD1 1 
ATOM   706  N ND2 . ASN A 1 93  ? 11.284  -34.146 -0.255  1.00 40.61 ? 93  ASN A ND2 1 
ATOM   707  N N   . VAL A 1 94  ? 8.205   -33.855 4.482   1.00 39.72 ? 94  VAL A N   1 
ATOM   708  C CA  . VAL A 1 94  ? 7.586   -33.010 5.493   1.00 40.08 ? 94  VAL A CA  1 
ATOM   709  C C   . VAL A 1 94  ? 8.548   -31.870 5.778   1.00 40.71 ? 94  VAL A C   1 
ATOM   710  O O   . VAL A 1 94  ? 9.711   -32.111 6.083   1.00 40.98 ? 94  VAL A O   1 
ATOM   711  C CB  . VAL A 1 94  ? 7.263   -33.811 6.777   1.00 40.52 ? 94  VAL A CB  1 
ATOM   712  C CG1 . VAL A 1 94  ? 6.658   -32.906 7.878   1.00 41.01 ? 94  VAL A CG1 1 
ATOM   713  C CG2 . VAL A 1 94  ? 6.316   -34.955 6.456   1.00 39.25 ? 94  VAL A CG2 1 
ATOM   714  N N   . VAL A 1 95  ? 8.066   -30.634 5.647   1.00 40.98 ? 95  VAL A N   1 
ATOM   715  C CA  . VAL A 1 95  ? 8.889   -29.435 5.770   1.00 41.15 ? 95  VAL A CA  1 
ATOM   716  C C   . VAL A 1 95  ? 8.277   -28.486 6.799   1.00 41.69 ? 95  VAL A C   1 
ATOM   717  O O   . VAL A 1 95  ? 7.058   -28.362 6.896   1.00 41.81 ? 95  VAL A O   1 
ATOM   718  C CB  . VAL A 1 95  ? 9.013   -28.703 4.395   1.00 41.29 ? 95  VAL A CB  1 
ATOM   719  C CG1 . VAL A 1 95  ? 9.873   -27.436 4.480   1.00 40.73 ? 95  VAL A CG1 1 
ATOM   720  C CG2 . VAL A 1 95  ? 9.587   -29.617 3.350   1.00 41.21 ? 95  VAL A CG2 1 
ATOM   721  N N   . LEU A 1 96  ? 9.140   -27.832 7.573   1.00 42.45 ? 96  LEU A N   1 
ATOM   722  C CA  . LEU A 1 96  ? 8.752   -26.771 8.488   1.00 42.45 ? 96  LEU A CA  1 
ATOM   723  C C   . LEU A 1 96  ? 9.429   -25.480 8.047   1.00 42.10 ? 96  LEU A C   1 
ATOM   724  O O   . LEU A 1 96  ? 10.638  -25.385 8.041   1.00 42.29 ? 96  LEU A O   1 
ATOM   725  C CB  . LEU A 1 96  ? 9.148   -27.122 9.924   1.00 42.70 ? 96  LEU A CB  1 
ATOM   726  C CG  . LEU A 1 96  ? 8.845   -26.060 10.988  1.00 43.65 ? 96  LEU A CG  1 
ATOM   727  C CD1 . LEU A 1 96  ? 7.341   -25.733 11.038  1.00 42.63 ? 96  LEU A CD1 1 
ATOM   728  C CD2 . LEU A 1 96  ? 9.361   -26.516 12.356  1.00 42.88 ? 96  LEU A CD2 1 
ATOM   729  N N   . LYS A 1 97  ? 8.635   -24.491 7.665   1.00 42.35 ? 97  LYS A N   1 
ATOM   730  C CA  . LYS A 1 97  ? 9.163   -23.248 7.150   1.00 42.40 ? 97  LYS A CA  1 
ATOM   731  C C   . LYS A 1 97  ? 8.475   -22.059 7.817   1.00 42.83 ? 97  LYS A C   1 
ATOM   732  O O   . LYS A 1 97  ? 7.285   -22.098 8.109   1.00 43.00 ? 97  LYS A O   1 
ATOM   733  C CB  . LYS A 1 97  ? 9.000   -23.210 5.635   1.00 42.21 ? 97  LYS A CB  1 
ATOM   734  C CG  . LYS A 1 97  ? 9.483   -21.928 4.986   1.00 43.32 ? 97  LYS A CG  1 
ATOM   735  C CD  . LYS A 1 97  ? 9.620   -22.084 3.492   1.00 46.42 ? 97  LYS A CD  1 
ATOM   736  C CE  . LYS A 1 97  ? 9.805   -20.743 2.821   1.00 49.36 ? 97  LYS A CE  1 
ATOM   737  N NZ  . LYS A 1 97  ? 10.291  -20.936 1.424   1.00 52.80 ? 97  LYS A NZ  1 
ATOM   738  N N   . VAL A 1 98  ? 9.243   -21.013 8.075   1.00 43.45 ? 98  VAL A N   1 
ATOM   739  C CA  . VAL A 1 98  ? 8.705   -19.753 8.569   1.00 43.57 ? 98  VAL A CA  1 
ATOM   740  C C   . VAL A 1 98  ? 8.462   -18.870 7.354   1.00 43.64 ? 98  VAL A C   1 
ATOM   741  O O   . VAL A 1 98  ? 9.394   -18.484 6.670   1.00 43.61 ? 98  VAL A O   1 
ATOM   742  C CB  . VAL A 1 98  ? 9.681   -19.063 9.566   1.00 43.67 ? 98  VAL A CB  1 
ATOM   743  C CG1 . VAL A 1 98  ? 9.055   -17.788 10.151  1.00 43.22 ? 98  VAL A CG1 1 
ATOM   744  C CG2 . VAL A 1 98  ? 10.079  -20.025 10.678  1.00 43.61 ? 98  VAL A CG2 1 
ATOM   745  N N   . TYR A 1 99  ? 7.195   -18.589 7.074   1.00 44.42 ? 99  TYR A N   1 
ATOM   746  C CA  . TYR A 1 99  ? 6.822   -17.716 5.965   1.00 44.87 ? 99  TYR A CA  1 
ATOM   747  C C   . TYR A 1 99  ? 6.702   -16.273 6.435   1.00 44.59 ? 99  TYR A C   1 
ATOM   748  O O   . TYR A 1 99  ? 5.966   -15.990 7.382   1.00 44.32 ? 99  TYR A O   1 
ATOM   749  C CB  . TYR A 1 99  ? 5.501   -18.170 5.348   1.00 45.81 ? 99  TYR A CB  1 
ATOM   750  C CG  . TYR A 1 99  ? 5.637   -19.356 4.426   1.00 47.09 ? 99  TYR A CG  1 
ATOM   751  C CD1 . TYR A 1 99  ? 5.547   -20.670 4.916   1.00 48.11 ? 99  TYR A CD1 1 
ATOM   752  C CD2 . TYR A 1 99  ? 5.854   -19.179 3.064   1.00 48.62 ? 99  TYR A CD2 1 
ATOM   753  C CE1 . TYR A 1 99  ? 5.666   -21.774 4.071   1.00 46.99 ? 99  TYR A CE1 1 
ATOM   754  C CE2 . TYR A 1 99  ? 5.983   -20.282 2.207   1.00 49.23 ? 99  TYR A CE2 1 
ATOM   755  C CZ  . TYR A 1 99  ? 5.881   -21.573 2.719   1.00 47.93 ? 99  TYR A CZ  1 
ATOM   756  O OH  . TYR A 1 99  ? 5.994   -22.657 1.866   1.00 48.34 ? 99  TYR A OH  1 
ATOM   757  N N   . PRO A 1 100 ? 7.420   -15.347 5.763   1.00 44.60 ? 100 PRO A N   1 
ATOM   758  C CA  . PRO A 1 100 ? 7.381   -13.961 6.193   1.00 44.48 ? 100 PRO A CA  1 
ATOM   759  C C   . PRO A 1 100 ? 6.120   -13.262 5.693   1.00 44.22 ? 100 PRO A C   1 
ATOM   760  O O   . PRO A 1 100 ? 5.462   -13.757 4.786   1.00 44.40 ? 100 PRO A O   1 
ATOM   761  C CB  . PRO A 1 100 ? 8.629   -13.378 5.544   1.00 44.49 ? 100 PRO A CB  1 
ATOM   762  C CG  . PRO A 1 100 ? 8.734   -14.139 4.250   1.00 44.76 ? 100 PRO A CG  1 
ATOM   763  C CD  . PRO A 1 100 ? 8.268   -15.528 4.565   1.00 44.18 ? 100 PRO A CD  1 
ATOM   764  N N   . ASN A 1 101 ? 5.783   -12.129 6.303   1.00 44.18 ? 101 ASN A N   1 
ATOM   765  C CA  . ASN A 1 101 ? 4.704   -11.259 5.822   1.00 43.74 ? 101 ASN A CA  1 
ATOM   766  C C   . ASN A 1 101 ? 3.384   -11.966 5.620   1.00 43.30 ? 101 ASN A C   1 
ATOM   767  O O   . ASN A 1 101 ? 2.777   -11.865 4.548   1.00 43.63 ? 101 ASN A O   1 
ATOM   768  C CB  . ASN A 1 101 ? 5.107   -10.540 4.519   1.00 44.10 ? 101 ASN A CB  1 
ATOM   769  C CG  . ASN A 1 101 ? 6.463   -9.889  4.608   1.00 44.53 ? 101 ASN A CG  1 
ATOM   770  O OD1 . ASN A 1 101 ? 6.791   -9.228  5.597   1.00 45.39 ? 101 ASN A OD1 1 
ATOM   771  N ND2 . ASN A 1 101 ? 7.276   -10.091 3.575   1.00 45.14 ? 101 ASN A ND2 1 
ATOM   772  N N   . MET A 1 102 ? 2.935   -12.663 6.658   1.00 42.96 ? 102 MET A N   1 
ATOM   773  C CA  . MET A 1 102 ? 1.711   -13.435 6.588   1.00 42.35 ? 102 MET A CA  1 
ATOM   774  C C   . MET A 1 102 ? 0.556   -12.786 7.312   1.00 42.45 ? 102 MET A C   1 
ATOM   775  O O   . MET A 1 102 ? -0.585  -12.905 6.878   1.00 41.99 ? 102 MET A O   1 
ATOM   776  C CB  . MET A 1 102 ? 1.939   -14.839 7.142   1.00 42.62 ? 102 MET A CB  1 
ATOM   777  C CG  . MET A 1 102 ? 2.888   -15.652 6.284   1.00 42.60 ? 102 MET A CG  1 
ATOM   778  S SD  . MET A 1 102 ? 2.114   -16.228 4.763   1.00 46.05 ? 102 MET A SD  1 
ATOM   779  C CE  . MET A 1 102 ? 0.993   -17.467 5.407   1.00 43.73 ? 102 MET A CE  1 
ATOM   780  N N   . THR A 1 103 ? 0.830   -12.137 8.439   1.00 42.38 ? 103 THR A N   1 
ATOM   781  C CA  . THR A 1 103 ? -0.244  -11.481 9.197   1.00 42.69 ? 103 THR A CA  1 
ATOM   782  C C   . THR A 1 103 ? 0.027   -9.974  9.396   1.00 41.97 ? 103 THR A C   1 
ATOM   783  O O   . THR A 1 103 ? 1.140   -9.578  9.711   1.00 41.25 ? 103 THR A O   1 
ATOM   784  C CB  . THR A 1 103 ? -0.638  -12.216 10.551  1.00 42.69 ? 103 THR A CB  1 
ATOM   785  O OG1 . THR A 1 103 ? -0.141  -11.491 11.670  1.00 45.85 ? 103 THR A OG1 1 
ATOM   786  C CG2 . THR A 1 103 ? -0.162  -13.652 10.626  1.00 42.79 ? 103 THR A CG2 1 
ATOM   787  N N   . VAL A 1 104 ? -0.999  -9.146  9.172   1.00 41.46 ? 104 VAL A N   1 
ATOM   788  C CA  . VAL A 1 104 ? -0.904  -7.688  9.382   1.00 40.12 ? 104 VAL A CA  1 
ATOM   789  C C   . VAL A 1 104 ? -0.881  -7.380  10.874  1.00 40.09 ? 104 VAL A C   1 
ATOM   790  O O   . VAL A 1 104 ? -1.762  -7.818  11.611  1.00 39.70 ? 104 VAL A O   1 
ATOM   791  C CB  . VAL A 1 104 ? -2.083  -6.924  8.700   1.00 39.96 ? 104 VAL A CB  1 
ATOM   792  C CG1 . VAL A 1 104 ? -1.930  -5.432  8.842   1.00 38.93 ? 104 VAL A CG1 1 
ATOM   793  C CG2 . VAL A 1 104 ? -2.160  -7.277  7.237   1.00 38.79 ? 104 VAL A CG2 1 
ATOM   794  N N   . GLU A 1 105 ? 0.140   -6.642  11.311  1.00 39.91 ? 105 GLU A N   1 
ATOM   795  C CA  . GLU A 1 105 ? 0.210   -6.124  12.675  1.00 40.06 ? 105 GLU A CA  1 
ATOM   796  C C   . GLU A 1 105 ? -0.204  -4.660  12.760  1.00 40.17 ? 105 GLU A C   1 
ATOM   797  O O   . GLU A 1 105 ? -0.794  -4.268  13.751  1.00 39.80 ? 105 GLU A O   1 
ATOM   798  C CB  . GLU A 1 105 ? 1.599   -6.315  13.301  1.00 40.19 ? 105 GLU A CB  1 
ATOM   799  C CG  . GLU A 1 105 ? 2.011   -7.775  13.575  1.00 42.09 ? 105 GLU A CG  1 
ATOM   800  C CD  . GLU A 1 105 ? 1.083   -8.540  14.536  1.00 43.45 ? 105 GLU A CD  1 
ATOM   801  O OE1 . GLU A 1 105 ? 0.454   -7.921  15.428  1.00 44.11 ? 105 GLU A OE1 1 
ATOM   802  O OE2 . GLU A 1 105 ? 0.989   -9.780  14.396  1.00 45.46 ? 105 GLU A OE2 1 
ATOM   803  N N   . SER A 1 106 ? 0.122   -3.858  11.742  1.00 41.25 ? 106 SER A N   1 
ATOM   804  C CA  . SER A 1 106 ? -0.329  -2.453  11.661  1.00 42.21 ? 106 SER A CA  1 
ATOM   805  C C   . SER A 1 106 ? -0.500  -1.977  10.224  1.00 42.50 ? 106 SER A C   1 
ATOM   806  O O   . SER A 1 106 ? -0.016  -2.616  9.294   1.00 42.70 ? 106 SER A O   1 
ATOM   807  C CB  . SER A 1 106 ? 0.608   -1.501  12.412  1.00 42.35 ? 106 SER A CB  1 
ATOM   808  O OG  . SER A 1 106 ? 1.821   -1.339  11.706  1.00 44.14 ? 106 SER A OG  1 
ATOM   809  N N   . CYS A 1 107 ? -1.207  -0.862  10.059  1.00 42.97 ? 107 CYS A N   1 
ATOM   810  C CA  . CYS A 1 107 ? -1.536  -0.328  8.737   1.00 43.72 ? 107 CYS A CA  1 
ATOM   811  C C   . CYS A 1 107 ? -1.029  1.110   8.630   1.00 43.15 ? 107 CYS A C   1 
ATOM   812  O O   . CYS A 1 107 ? -0.875  1.781   9.629   1.00 42.70 ? 107 CYS A O   1 
ATOM   813  C CB  . CYS A 1 107 ? -3.051  -0.415  8.466   1.00 43.63 ? 107 CYS A CB  1 
ATOM   814  S SG  . CYS A 1 107 ? -3.801  -2.123  8.510   1.00 48.12 ? 107 CYS A SG  1 
ATOM   815  N N   . ALA A 1 108 ? -0.739  1.560   7.415   1.00 43.35 ? 108 ALA A N   1 
ATOM   816  C CA  . ALA A 1 108 ? -0.297  2.938   7.151   1.00 43.77 ? 108 ALA A CA  1 
ATOM   817  C C   . ALA A 1 108 ? -0.898  3.460   5.825   1.00 44.09 ? 108 ALA A C   1 
ATOM   818  O O   . ALA A 1 108 ? -1.377  2.681   5.022   1.00 44.40 ? 108 ALA A O   1 
ATOM   819  C CB  . ALA A 1 108 ? 1.223   3.018   7.134   1.00 43.07 ? 108 ALA A CB  1 
ATOM   820  N N   . CYS A 1 109 ? -0.911  4.772   5.617   1.00 45.06 ? 109 CYS A N   1 
ATOM   821  C CA  . CYS A 1 109 ? -1.371  5.350   4.340   1.00 46.10 ? 109 CYS A CA  1 
ATOM   822  C C   . CYS A 1 109 ? -0.212  5.622   3.400   1.00 46.44 ? 109 CYS A C   1 
ATOM   823  O O   . CYS A 1 109 ? 0.700   6.384   3.738   1.00 46.78 ? 109 CYS A O   1 
ATOM   824  C CB  . CYS A 1 109 ? -2.168  6.622   4.566   1.00 45.72 ? 109 CYS A CB  1 
ATOM   825  S SG  . CYS A 1 109 ? -3.715  6.304   5.396   1.00 48.57 ? 109 CYS A SG  1 
ATOM   826  N N   . ARG A 1 110 ? -0.241  4.994   2.224   1.00 46.92 ? 110 ARG A N   1 
ATOM   827  C CA  . ARG A 1 110 ? 0.917   5.008   1.316   1.00 47.56 ? 110 ARG A CA  1 
ATOM   828  C C   . ARG A 1 110 ? 0.563   5.132   -0.170  1.00 48.44 ? 110 ARG A C   1 
ATOM   829  O O   . ARG A 1 110 ? 1.365   5.712   -0.922  1.00 49.46 ? 110 ARG A O   1 
ATOM   830  C CB  . ARG A 1 110 ? 1.823   3.782   1.540   1.00 47.33 ? 110 ARG A CB  1 
ATOM   831  C CG  . ARG A 1 110 ? 2.355   3.614   2.967   1.00 46.40 ? 110 ARG A CG  1 
ATOM   832  C CD  . ARG A 1 110 ? 3.448   4.595   3.338   1.00 43.96 ? 110 ARG A CD  1 
ATOM   833  N NE  . ARG A 1 110 ? 3.624   4.678   4.788   1.00 43.94 ? 110 ARG A NE  1 
ATOM   834  C CZ  . ARG A 1 110 ? 4.376   3.842   5.511   1.00 44.68 ? 110 ARG A CZ  1 
ATOM   835  N NH1 . ARG A 1 110 ? 5.019   2.842   4.937   1.00 44.02 ? 110 ARG A NH1 1 
ATOM   836  N NH2 . ARG A 1 110 ? 4.479   3.998   6.819   1.00 45.22 ? 110 ARG A NH2 1 
ATOM   837  O OXT . ARG A 1 110 ? -0.491  4.695   -0.669  1.00 48.80 ? 110 ARG A OXT 1 
ATOM   838  N N   . ILE B 1 3   ? -11.540 4.019   -9.891  1.00 67.94 ? 3   ILE B N   1 
ATOM   839  C CA  . ILE B 1 3   ? -11.197 2.568   -9.989  1.00 67.90 ? 3   ILE B CA  1 
ATOM   840  C C   . ILE B 1 3   ? -10.661 2.239   -11.406 1.00 67.50 ? 3   ILE B C   1 
ATOM   841  O O   . ILE B 1 3   ? -11.443 2.032   -12.350 1.00 67.44 ? 3   ILE B O   1 
ATOM   842  C CB  . ILE B 1 3   ? -12.419 1.669   -9.591  1.00 68.10 ? 3   ILE B CB  1 
ATOM   843  C CG1 . ILE B 1 3   ? -13.187 2.290   -8.409  1.00 68.49 ? 3   ILE B CG1 1 
ATOM   844  C CG2 . ILE B 1 3   ? -11.971 0.230   -9.276  1.00 68.06 ? 3   ILE B CG2 1 
ATOM   845  C CD1 . ILE B 1 3   ? -14.713 2.064   -8.447  1.00 69.00 ? 3   ILE B CD1 1 
ATOM   846  N N   . GLU B 1 4   ? -9.326  2.218   -11.535 1.00 66.74 ? 4   GLU B N   1 
ATOM   847  C CA  . GLU B 1 4   ? -8.624  1.913   -12.799 1.00 65.84 ? 4   GLU B CA  1 
ATOM   848  C C   . GLU B 1 4   ? -8.662  0.392   -13.111 1.00 64.79 ? 4   GLU B C   1 
ATOM   849  O O   . GLU B 1 4   ? -8.180  -0.406  -12.298 1.00 64.82 ? 4   GLU B O   1 
ATOM   850  C CB  . GLU B 1 4   ? -7.178  2.449   -12.728 1.00 65.87 ? 4   GLU B CB  1 
ATOM   851  C CG  . GLU B 1 4   ? -6.230  2.072   -13.890 1.00 66.83 ? 4   GLU B CG  1 
ATOM   852  C CD  . GLU B 1 4   ? -6.300  3.020   -15.088 1.00 68.55 ? 4   GLU B CD  1 
ATOM   853  O OE1 . GLU B 1 4   ? -7.285  2.945   -15.859 1.00 69.76 ? 4   GLU B OE1 1 
ATOM   854  O OE2 . GLU B 1 4   ? -5.356  3.824   -15.276 1.00 68.75 ? 4   GLU B OE2 1 
ATOM   855  N N   . PRO B 1 5   ? -9.241  -0.010  -14.280 1.00 63.56 ? 5   PRO B N   1 
ATOM   856  C CA  . PRO B 1 5   ? -9.399  -1.442  -14.633 1.00 62.45 ? 5   PRO B CA  1 
ATOM   857  C C   . PRO B 1 5   ? -8.130  -2.199  -15.111 1.00 61.07 ? 5   PRO B C   1 
ATOM   858  O O   . PRO B 1 5   ? -8.130  -3.441  -15.121 1.00 60.98 ? 5   PRO B O   1 
ATOM   859  C CB  . PRO B 1 5   ? -10.476 -1.421  -15.731 1.00 62.54 ? 5   PRO B CB  1 
ATOM   860  C CG  . PRO B 1 5   ? -10.339 -0.076  -16.369 1.00 63.17 ? 5   PRO B CG  1 
ATOM   861  C CD  . PRO B 1 5   ? -9.801  0.876   -15.323 1.00 63.51 ? 5   PRO B CD  1 
ATOM   862  N N   . ARG B 1 6   ? -7.081  -1.468  -15.508 1.00 59.25 ? 6   ARG B N   1 
ATOM   863  C CA  . ARG B 1 6   ? -5.774  -2.066  -15.837 1.00 57.38 ? 6   ARG B CA  1 
ATOM   864  C C   . ARG B 1 6   ? -5.083  -2.596  -14.588 1.00 55.68 ? 6   ARG B C   1 
ATOM   865  O O   . ARG B 1 6   ? -5.494  -2.292  -13.474 1.00 55.16 ? 6   ARG B O   1 
ATOM   866  C CB  . ARG B 1 6   ? -4.840  -1.035  -16.462 1.00 57.50 ? 6   ARG B CB  1 
ATOM   867  C CG  . ARG B 1 6   ? -5.333  -0.402  -17.717 1.00 58.60 ? 6   ARG B CG  1 
ATOM   868  C CD  . ARG B 1 6   ? -4.438  0.749   -18.039 1.00 59.88 ? 6   ARG B CD  1 
ATOM   869  N NE  . ARG B 1 6   ? -4.817  1.376   -19.291 1.00 61.32 ? 6   ARG B NE  1 
ATOM   870  C CZ  . ARG B 1 6   ? -4.397  2.577   -19.672 1.00 62.52 ? 6   ARG B CZ  1 
ATOM   871  N NH1 . ARG B 1 6   ? -3.586  3.273   -18.880 1.00 61.52 ? 6   ARG B NH1 1 
ATOM   872  N NH2 . ARG B 1 6   ? -4.795  3.081   -20.843 1.00 63.18 ? 6   ARG B NH2 1 
ATOM   873  N N   . ASN B 1 7   ? -4.016  -3.368  -14.786 1.00 53.91 ? 7   ASN B N   1 
ATOM   874  C CA  . ASN B 1 7   ? -3.179  -3.850  -13.693 1.00 51.92 ? 7   ASN B CA  1 
ATOM   875  C C   . ASN B 1 7   ? -2.436  -2.740  -12.968 1.00 50.65 ? 7   ASN B C   1 
ATOM   876  O O   . ASN B 1 7   ? -2.223  -1.651  -13.502 1.00 50.55 ? 7   ASN B O   1 
ATOM   877  C CB  . ASN B 1 7   ? -2.174  -4.887  -14.190 1.00 51.93 ? 7   ASN B CB  1 
ATOM   878  C CG  . ASN B 1 7   ? -2.763  -6.287  -14.261 1.00 52.27 ? 7   ASN B CG  1 
ATOM   879  O OD1 . ASN B 1 7   ? -3.957  -6.498  -14.032 1.00 51.24 ? 7   ASN B OD1 1 
ATOM   880  N ND2 . ASN B 1 7   ? -1.917  -7.254  -14.584 1.00 52.79 ? 7   ASN B ND2 1 
ATOM   881  N N   . CYS B 1 8   ? -2.052  -3.048  -11.738 1.00 48.96 ? 8   CYS B N   1 
ATOM   882  C CA  . CYS B 1 8   ? -1.312  -2.144  -10.874 1.00 47.75 ? 8   CYS B CA  1 
ATOM   883  C C   . CYS B 1 8   ? -0.063  -1.605  -11.576 1.00 46.54 ? 8   CYS B C   1 
ATOM   884  O O   . CYS B 1 8   ? 0.861   -2.366  -11.906 1.00 46.57 ? 8   CYS B O   1 
ATOM   885  C CB  . CYS B 1 8   ? -0.957  -2.878  -9.574  1.00 47.30 ? 8   CYS B CB  1 
ATOM   886  S SG  . CYS B 1 8   ? 0.092   -1.994  -8.424  1.00 48.36 ? 8   CYS B SG  1 
ATOM   887  N N   . ALA B 1 9   ? -0.053  -0.296  -11.820 1.00 44.75 ? 9   ALA B N   1 
ATOM   888  C CA  . ALA B 1 9   ? 1.093   0.341   -12.440 1.00 43.31 ? 9   ALA B CA  1 
ATOM   889  C C   . ALA B 1 9   ? 1.233   1.791   -12.010 1.00 42.66 ? 9   ALA B C   1 
ATOM   890  O O   . ALA B 1 9   ? 0.357   2.359   -11.371 1.00 42.11 ? 9   ALA B O   1 
ATOM   891  C CB  . ALA B 1 9   ? 1.022   0.227   -13.964 1.00 43.09 ? 9   ALA B CB  1 
ATOM   892  N N   . ARG B 1 10  ? 2.360   2.375   -12.380 1.00 41.82 ? 10  ARG B N   1 
ATOM   893  C CA  . ARG B 1 10  ? 2.720   3.719   -12.012 1.00 40.89 ? 10  ARG B CA  1 
ATOM   894  C C   . ARG B 1 10  ? 2.147   4.633   -13.083 1.00 40.56 ? 10  ARG B C   1 
ATOM   895  O O   . ARG B 1 10  ? 2.223   4.328   -14.272 1.00 40.41 ? 10  ARG B O   1 
ATOM   896  C CB  . ARG B 1 10  ? 4.234   3.765   -11.941 1.00 40.77 ? 10  ARG B CB  1 
ATOM   897  C CG  . ARG B 1 10  ? 4.873   5.087   -11.861 1.00 40.80 ? 10  ARG B CG  1 
ATOM   898  C CD  . ARG B 1 10  ? 6.048   5.058   -12.804 1.00 41.63 ? 10  ARG B CD  1 
ATOM   899  N NE  . ARG B 1 10  ? 7.078   5.941   -12.320 1.00 41.76 ? 10  ARG B NE  1 
ATOM   900  C CZ  . ARG B 1 10  ? 8.057   6.440   -13.052 1.00 40.59 ? 10  ARG B CZ  1 
ATOM   901  N NH1 . ARG B 1 10  ? 8.171   6.146   -14.341 1.00 40.20 ? 10  ARG B NH1 1 
ATOM   902  N NH2 . ARG B 1 10  ? 8.919   7.250   -12.468 1.00 40.61 ? 10  ARG B NH2 1 
ATOM   903  N N   . ARG B 1 11  ? 1.518   5.722   -12.651 1.00 40.47 ? 11  ARG B N   1 
ATOM   904  C CA  . ARG B 1 11  ? 0.848   6.665   -13.558 1.00 40.02 ? 11  ARG B CA  1 
ATOM   905  C C   . ARG B 1 11  ? 1.419   8.058   -13.379 1.00 40.27 ? 11  ARG B C   1 
ATOM   906  O O   . ARG B 1 11  ? 1.919   8.389   -12.315 1.00 40.30 ? 11  ARG B O   1 
ATOM   907  C CB  . ARG B 1 11  ? -0.656  6.702   -13.288 1.00 39.99 ? 11  ARG B CB  1 
ATOM   908  C CG  . ARG B 1 11  ? -1.285  5.374   -12.963 1.00 38.59 ? 11  ARG B CG  1 
ATOM   909  C CD  . ARG B 1 11  ? -1.546  4.558   -14.209 1.00 38.88 ? 11  ARG B CD  1 
ATOM   910  N NE  . ARG B 1 11  ? -2.077  3.243   -13.847 1.00 39.65 ? 11  ARG B NE  1 
ATOM   911  C CZ  . ARG B 1 11  ? -2.117  2.175   -14.646 1.00 39.32 ? 11  ARG B CZ  1 
ATOM   912  N NH1 . ARG B 1 11  ? -1.643  2.241   -15.878 1.00 40.36 ? 11  ARG B NH1 1 
ATOM   913  N NH2 . ARG B 1 11  ? -2.619  1.027   -14.202 1.00 39.30 ? 11  ARG B NH2 1 
ATOM   914  N N   . TYR B 1 12  ? 1.332   8.874   -14.424 1.00 40.99 ? 12  TYR B N   1 
ATOM   915  C CA  . TYR B 1 12  ? 1.870   10.235  -14.424 1.00 41.61 ? 12  TYR B CA  1 
ATOM   916  C C   . TYR B 1 12  ? 1.077   11.244  -13.566 1.00 41.28 ? 12  TYR B C   1 
ATOM   917  O O   . TYR B 1 12  ? -0.137  11.346  -13.666 1.00 41.74 ? 12  TYR B O   1 
ATOM   918  C CB  . TYR B 1 12  ? 2.021   10.752  -15.873 1.00 42.08 ? 12  TYR B CB  1 
ATOM   919  C CG  . TYR B 1 12  ? 2.712   12.094  -15.935 1.00 43.16 ? 12  TYR B CG  1 
ATOM   920  C CD1 . TYR B 1 12  ? 4.088   12.200  -15.705 1.00 44.44 ? 12  TYR B CD1 1 
ATOM   921  C CD2 . TYR B 1 12  ? 1.990   13.268  -16.210 1.00 43.30 ? 12  TYR B CD2 1 
ATOM   922  C CE1 . TYR B 1 12  ? 4.732   13.444  -15.745 1.00 44.84 ? 12  TYR B CE1 1 
ATOM   923  C CE2 . TYR B 1 12  ? 2.617   14.512  -16.246 1.00 43.05 ? 12  TYR B CE2 1 
ATOM   924  C CZ  . TYR B 1 12  ? 3.989   14.592  -16.014 1.00 43.95 ? 12  TYR B CZ  1 
ATOM   925  O OH  . TYR B 1 12  ? 4.621   15.818  -16.050 1.00 45.47 ? 12  TYR B OH  1 
ATOM   926  N N   . LEU B 1 13  ? 1.783   11.989  -12.728 1.00 40.83 ? 13  LEU B N   1 
ATOM   927  C CA  . LEU B 1 13  ? 1.203   13.117  -12.017 1.00 40.82 ? 13  LEU B CA  1 
ATOM   928  C C   . LEU B 1 13  ? 2.287   14.158  -11.798 1.00 41.09 ? 13  LEU B C   1 
ATOM   929  O O   . LEU B 1 13  ? 3.316   13.887  -11.187 1.00 41.04 ? 13  LEU B O   1 
ATOM   930  C CB  . LEU B 1 13  ? 0.558   12.710  -10.677 1.00 40.57 ? 13  LEU B CB  1 
ATOM   931  C CG  . LEU B 1 13  ? 0.229   13.781  -9.616  1.00 40.00 ? 13  LEU B CG  1 
ATOM   932  C CD1 . LEU B 1 13  ? -1.023  14.552  -9.976  1.00 38.92 ? 13  LEU B CD1 1 
ATOM   933  C CD2 . LEU B 1 13  ? 0.068   13.161  -8.249  1.00 40.46 ? 13  LEU B CD2 1 
ATOM   934  N N   . LYS B 1 14  ? 2.041   15.350  -12.326 1.00 41.81 ? 14  LYS B N   1 
ATOM   935  C CA  . LYS B 1 14  ? 2.882   16.498  -12.061 1.00 42.28 ? 14  LYS B CA  1 
ATOM   936  C C   . LYS B 1 14  ? 2.225   17.328  -10.953 1.00 42.69 ? 14  LYS B C   1 
ATOM   937  O O   . LYS B 1 14  ? 1.070   17.729  -11.061 1.00 42.39 ? 14  LYS B O   1 
ATOM   938  C CB  . LYS B 1 14  ? 3.068   17.304  -13.338 1.00 42.12 ? 14  LYS B CB  1 
ATOM   939  C CG  . LYS B 1 14  ? 4.022   18.477  -13.224 1.00 43.34 ? 14  LYS B CG  1 
ATOM   940  C CD  . LYS B 1 14  ? 3.520   19.611  -14.083 1.00 45.45 ? 14  LYS B CD  1 
ATOM   941  C CE  . LYS B 1 14  ? 4.657   20.486  -14.558 1.00 47.32 ? 14  LYS B CE  1 
ATOM   942  N NZ  . LYS B 1 14  ? 4.147   21.646  -15.357 1.00 48.27 ? 14  LYS B NZ  1 
ATOM   943  N N   . VAL B 1 15  ? 2.969   17.545  -9.872  1.00 43.64 ? 15  VAL B N   1 
ATOM   944  C CA  . VAL B 1 15  ? 2.500   18.340  -8.738  1.00 44.40 ? 15  VAL B CA  1 
ATOM   945  C C   . VAL B 1 15  ? 3.099   19.743  -8.821  1.00 45.00 ? 15  VAL B C   1 
ATOM   946  O O   . VAL B 1 15  ? 4.320   19.910  -8.840  1.00 45.03 ? 15  VAL B O   1 
ATOM   947  C CB  . VAL B 1 15  ? 2.868   17.672  -7.377  1.00 44.00 ? 15  VAL B CB  1 
ATOM   948  C CG1 . VAL B 1 15  ? 2.561   18.597  -6.212  1.00 44.36 ? 15  VAL B CG1 1 
ATOM   949  C CG2 . VAL B 1 15  ? 2.121   16.357  -7.207  1.00 43.76 ? 15  VAL B CG2 1 
ATOM   950  N N   . ASP B 1 16  ? 2.222   20.735  -8.867  1.00 45.87 ? 16  ASP B N   1 
ATOM   951  C CA  . ASP B 1 16  ? 2.603   22.135  -8.845  1.00 47.00 ? 16  ASP B CA  1 
ATOM   952  C C   . ASP B 1 16  ? 2.441   22.649  -7.420  1.00 47.03 ? 16  ASP B C   1 
ATOM   953  O O   . ASP B 1 16  ? 1.347   22.618  -6.886  1.00 46.96 ? 16  ASP B O   1 
ATOM   954  C CB  . ASP B 1 16  ? 1.689   22.902  -9.797  1.00 47.68 ? 16  ASP B CB  1 
ATOM   955  C CG  . ASP B 1 16  ? 2.290   24.217  -10.283 1.00 50.59 ? 16  ASP B CG  1 
ATOM   956  O OD1 . ASP B 1 16  ? 2.876   24.983  -9.477  1.00 53.64 ? 16  ASP B OD1 1 
ATOM   957  O OD2 . ASP B 1 16  ? 2.143   24.501  -11.493 1.00 54.30 ? 16  ASP B OD2 1 
ATOM   958  N N   . PHE B 1 17  ? 3.525   23.118  -6.807  1.00 47.53 ? 17  PHE B N   1 
ATOM   959  C CA  . PHE B 1 17  ? 3.505   23.573  -5.411  1.00 48.38 ? 17  PHE B CA  1 
ATOM   960  C C   . PHE B 1 17  ? 2.570   24.756  -5.126  1.00 49.10 ? 17  PHE B C   1 
ATOM   961  O O   . PHE B 1 17  ? 1.999   24.841  -4.042  1.00 49.18 ? 17  PHE B O   1 
ATOM   962  C CB  . PHE B 1 17  ? 4.929   23.867  -4.912  1.00 48.43 ? 17  PHE B CB  1 
ATOM   963  C CG  . PHE B 1 17  ? 5.778   22.631  -4.747  1.00 48.80 ? 17  PHE B CG  1 
ATOM   964  C CD1 . PHE B 1 17  ? 5.401   21.618  -3.858  1.00 49.05 ? 17  PHE B CD1 1 
ATOM   965  C CD2 . PHE B 1 17  ? 6.945   22.470  -5.485  1.00 48.92 ? 17  PHE B CD2 1 
ATOM   966  C CE1 . PHE B 1 17  ? 6.175   20.471  -3.708  1.00 48.95 ? 17  PHE B CE1 1 
ATOM   967  C CE2 . PHE B 1 17  ? 7.731   21.325  -5.344  1.00 48.03 ? 17  PHE B CE2 1 
ATOM   968  C CZ  . PHE B 1 17  ? 7.346   20.329  -4.448  1.00 49.66 ? 17  PHE B CZ  1 
ATOM   969  N N   . ALA B 1 18  ? 2.429   25.663  -6.091  1.00 49.91 ? 18  ALA B N   1 
ATOM   970  C CA  . ALA B 1 18  ? 1.441   26.745  -6.027  1.00 50.83 ? 18  ALA B CA  1 
ATOM   971  C C   . ALA B 1 18  ? -0.011  26.223  -5.994  1.00 51.55 ? 18  ALA B C   1 
ATOM   972  O O   . ALA B 1 18  ? -0.904  26.870  -5.442  1.00 51.65 ? 18  ALA B O   1 
ATOM   973  C CB  . ALA B 1 18  ? 1.636   27.709  -7.196  1.00 50.69 ? 18  ALA B CB  1 
ATOM   974  N N   . ASP B 1 19  ? -0.229  25.051  -6.585  1.00 52.31 ? 19  ASP B N   1 
ATOM   975  C CA  . ASP B 1 19  ? -1.541  24.415  -6.626  1.00 53.22 ? 19  ASP B CA  1 
ATOM   976  C C   . ASP B 1 19  ? -1.890  23.610  -5.366  1.00 53.79 ? 19  ASP B C   1 
ATOM   977  O O   . ASP B 1 19  ? -3.057  23.257  -5.175  1.00 54.38 ? 19  ASP B O   1 
ATOM   978  C CB  . ASP B 1 19  ? -1.647  23.501  -7.849  1.00 53.30 ? 19  ASP B CB  1 
ATOM   979  C CG  . ASP B 1 19  ? -1.900  24.261  -9.138  1.00 54.48 ? 19  ASP B CG  1 
ATOM   980  O OD1 . ASP B 1 19  ? -1.754  25.503  -9.168  1.00 54.19 ? 19  ASP B OD1 1 
ATOM   981  O OD2 . ASP B 1 19  ? -2.250  23.598  -10.137 1.00 56.64 ? 19  ASP B OD2 1 
ATOM   982  N N   . ILE B 1 20  ? -0.897  23.294  -4.529  1.00 54.01 ? 20  ILE B N   1 
ATOM   983  C CA  . ILE B 1 20  ? -1.160  22.665  -3.220  1.00 54.13 ? 20  ILE B CA  1 
ATOM   984  C C   . ILE B 1 20  ? -0.991  23.628  -2.037  1.00 54.69 ? 20  ILE B C   1 
ATOM   985  O O   . ILE B 1 20  ? -1.018  23.217  -0.880  1.00 54.80 ? 20  ILE B O   1 
ATOM   986  C CB  . ILE B 1 20  ? -0.387  21.318  -2.988  1.00 54.14 ? 20  ILE B CB  1 
ATOM   987  C CG1 . ILE B 1 20  ? 1.131   21.509  -2.995  1.00 53.45 ? 20  ILE B CG1 1 
ATOM   988  C CG2 . ILE B 1 20  ? -0.846  20.244  -3.985  1.00 54.33 ? 20  ILE B CG2 1 
ATOM   989  C CD1 . ILE B 1 20  ? 1.889   20.266  -2.682  1.00 53.39 ? 20  ILE B CD1 1 
ATOM   990  N N   . GLY B 1 21  ? -0.822  24.910  -2.341  1.00 55.25 ? 21  GLY B N   1 
ATOM   991  C CA  . GLY B 1 21  ? -0.702  25.955  -1.325  1.00 56.37 ? 21  GLY B CA  1 
ATOM   992  C C   . GLY B 1 21  ? 0.652   26.095  -0.639  1.00 56.96 ? 21  GLY B C   1 
ATOM   993  O O   . GLY B 1 21  ? 0.739   26.689  0.440   1.00 57.24 ? 21  GLY B O   1 
ATOM   994  N N   . TRP B 1 22  ? 1.709   25.573  -1.260  1.00 57.20 ? 22  TRP B N   1 
ATOM   995  C CA  . TRP B 1 22  ? 3.047   25.617  -0.662  1.00 57.37 ? 22  TRP B CA  1 
ATOM   996  C C   . TRP B 1 22  ? 3.995   26.668  -1.270  1.00 57.68 ? 22  TRP B C   1 
ATOM   997  O O   . TRP B 1 22  ? 5.176   26.675  -0.955  1.00 57.86 ? 22  TRP B O   1 
ATOM   998  C CB  . TRP B 1 22  ? 3.695   24.224  -0.694  1.00 57.14 ? 22  TRP B CB  1 
ATOM   999  C CG  . TRP B 1 22  ? 3.002   23.184  0.155   1.00 56.95 ? 22  TRP B CG  1 
ATOM   1000 C CD1 . TRP B 1 22  ? 1.856   23.342  0.882   1.00 56.90 ? 22  TRP B CD1 1 
ATOM   1001 C CD2 . TRP B 1 22  ? 3.394   21.817  0.322   1.00 56.57 ? 22  TRP B CD2 1 
ATOM   1002 N NE1 . TRP B 1 22  ? 1.522   22.167  1.503   1.00 55.98 ? 22  TRP B NE1 1 
ATOM   1003 C CE2 . TRP B 1 22  ? 2.445   21.212  1.175   1.00 56.52 ? 22  TRP B CE2 1 
ATOM   1004 C CE3 . TRP B 1 22  ? 4.461   21.045  -0.157  1.00 57.05 ? 22  TRP B CE3 1 
ATOM   1005 C CZ2 . TRP B 1 22  ? 2.531   19.868  1.564   1.00 56.64 ? 22  TRP B CZ2 1 
ATOM   1006 C CZ3 . TRP B 1 22  ? 4.543   19.707  0.223   1.00 56.96 ? 22  TRP B CZ3 1 
ATOM   1007 C CH2 . TRP B 1 22  ? 3.582   19.133  1.077   1.00 57.14 ? 22  TRP B CH2 1 
ATOM   1008 N N   . SER B 1 23  ? 3.480   27.563  -2.108  1.00 58.22 ? 23  SER B N   1 
ATOM   1009 C CA  . SER B 1 23  ? 4.330   28.527  -2.820  1.00 58.54 ? 23  SER B CA  1 
ATOM   1010 C C   . SER B 1 23  ? 4.875   29.672  -1.954  1.00 58.85 ? 23  SER B C   1 
ATOM   1011 O O   . SER B 1 23  ? 5.919   30.251  -2.294  1.00 58.97 ? 23  SER B O   1 
ATOM   1012 C CB  . SER B 1 23  ? 3.619   29.080  -4.062  1.00 58.71 ? 23  SER B CB  1 
ATOM   1013 O OG  . SER B 1 23  ? 2.390   29.694  -3.714  1.00 58.78 ? 23  SER B OG  1 
ATOM   1014 N N   . GLU B 1 24  ? 4.178   29.992  -0.853  1.00 58.81 ? 24  GLU B N   1 
ATOM   1015 C CA  . GLU B 1 24  ? 4.665   30.936  0.180   1.00 58.98 ? 24  GLU B CA  1 
ATOM   1016 C C   . GLU B 1 24  ? 6.108   30.653  0.648   1.00 58.08 ? 24  GLU B C   1 
ATOM   1017 O O   . GLU B 1 24  ? 6.913   31.585  0.780   1.00 58.18 ? 24  GLU B O   1 
ATOM   1018 C CB  . GLU B 1 24  ? 3.743   30.915  1.411   1.00 59.13 ? 24  GLU B CB  1 
ATOM   1019 C CG  . GLU B 1 24  ? 2.654   32.006  1.458   1.00 60.70 ? 24  GLU B CG  1 
ATOM   1020 C CD  . GLU B 1 24  ? 1.547   31.706  2.490   1.00 60.63 ? 24  GLU B CD  1 
ATOM   1021 O OE1 . GLU B 1 24  ? 1.429   30.535  2.944   1.00 62.20 ? 24  GLU B OE1 1 
ATOM   1022 O OE2 . GLU B 1 24  ? 0.788   32.645  2.838   1.00 62.08 ? 24  GLU B OE2 1 
ATOM   1023 N N   . TRP B 1 25  ? 6.410   29.371  0.897   1.00 56.78 ? 25  TRP B N   1 
ATOM   1024 C CA  . TRP B 1 25  ? 7.690   28.946  1.467   1.00 55.41 ? 25  TRP B CA  1 
ATOM   1025 C C   . TRP B 1 25  ? 8.664   28.198  0.523   1.00 53.68 ? 25  TRP B C   1 
ATOM   1026 O O   . TRP B 1 25  ? 9.862   28.257  0.731   1.00 52.76 ? 25  TRP B O   1 
ATOM   1027 C CB  . TRP B 1 25  ? 7.491   28.195  2.804   1.00 56.69 ? 25  TRP B CB  1 
ATOM   1028 C CG  . TRP B 1 25  ? 6.573   26.970  2.783   1.00 58.12 ? 25  TRP B CG  1 
ATOM   1029 C CD1 . TRP B 1 25  ? 5.198   26.962  2.916   1.00 59.29 ? 25  TRP B CD1 1 
ATOM   1030 C CD2 . TRP B 1 25  ? 6.972   25.578  2.678   1.00 59.64 ? 25  TRP B CD2 1 
ATOM   1031 N NE1 . TRP B 1 25  ? 4.725   25.656  2.870   1.00 59.98 ? 25  TRP B NE1 1 
ATOM   1032 C CE2 . TRP B 1 25  ? 5.787   24.794  2.727   1.00 59.75 ? 25  TRP B CE2 1 
ATOM   1033 C CE3 . TRP B 1 25  ? 8.215   24.919  2.543   1.00 59.96 ? 25  TRP B CE3 1 
ATOM   1034 C CZ2 . TRP B 1 25  ? 5.811   23.381  2.634   1.00 59.39 ? 25  TRP B CZ2 1 
ATOM   1035 C CZ3 . TRP B 1 25  ? 8.238   23.502  2.447   1.00 59.00 ? 25  TRP B CZ3 1 
ATOM   1036 C CH2 . TRP B 1 25  ? 7.043   22.758  2.494   1.00 59.04 ? 25  TRP B CH2 1 
ATOM   1037 N N   . ILE B 1 26  ? 8.167   27.526  -0.515  1.00 51.80 ? 26  ILE B N   1 
ATOM   1038 C CA  . ILE B 1 26  ? 9.050   26.831  -1.472  1.00 50.06 ? 26  ILE B CA  1 
ATOM   1039 C C   . ILE B 1 26  ? 9.611   27.773  -2.535  1.00 48.88 ? 26  ILE B C   1 
ATOM   1040 O O   . ILE B 1 26  ? 8.855   28.481  -3.175  1.00 49.30 ? 26  ILE B O   1 
ATOM   1041 C CB  . ILE B 1 26  ? 8.369   25.581  -2.093  1.00 50.11 ? 26  ILE B CB  1 
ATOM   1042 C CG1 . ILE B 1 26  ? 8.170   24.522  -1.002  1.00 50.07 ? 26  ILE B CG1 1 
ATOM   1043 C CG2 . ILE B 1 26  ? 9.207   24.979  -3.229  1.00 49.42 ? 26  ILE B CG2 1 
ATOM   1044 C CD1 . ILE B 1 26  ? 7.361   23.304  -1.394  1.00 50.30 ? 26  ILE B CD1 1 
ATOM   1045 N N   . ILE B 1 27  ? 10.937  27.793  -2.688  1.00 47.29 ? 27  ILE B N   1 
ATOM   1046 C CA  . ILE B 1 27  ? 11.630  28.642  -3.665  1.00 45.87 ? 27  ILE B CA  1 
ATOM   1047 C C   . ILE B 1 27  ? 11.871  27.872  -4.978  1.00 45.80 ? 27  ILE B C   1 
ATOM   1048 O O   . ILE B 1 27  ? 11.572  28.366  -6.072  1.00 45.90 ? 27  ILE B O   1 
ATOM   1049 C CB  . ILE B 1 27  ? 12.991  29.162  -3.111  1.00 45.70 ? 27  ILE B CB  1 
ATOM   1050 C CG1 . ILE B 1 27  ? 12.803  30.043  -1.877  1.00 43.88 ? 27  ILE B CG1 1 
ATOM   1051 C CG2 . ILE B 1 27  ? 13.769  29.911  -4.167  1.00 45.14 ? 27  ILE B CG2 1 
ATOM   1052 C CD1 . ILE B 1 27  ? 14.021  30.069  -0.996  1.00 41.28 ? 27  ILE B CD1 1 
ATOM   1053 N N   . SER B 1 28  ? 12.413  26.663  -4.860  1.00 45.21 ? 28  SER B N   1 
ATOM   1054 C CA  . SER B 1 28  ? 12.694  25.820  -6.013  1.00 44.94 ? 28  SER B CA  1 
ATOM   1055 C C   . SER B 1 28  ? 12.619  24.338  -5.630  1.00 43.93 ? 28  SER B C   1 
ATOM   1056 O O   . SER B 1 28  ? 13.015  23.982  -4.526  1.00 43.85 ? 28  SER B O   1 
ATOM   1057 C CB  . SER B 1 28  ? 14.075  26.151  -6.577  1.00 44.98 ? 28  SER B CB  1 
ATOM   1058 O OG  . SER B 1 28  ? 14.192  25.679  -7.910  1.00 47.01 ? 28  SER B OG  1 
ATOM   1059 N N   . PRO B 1 29  ? 12.111  23.465  -6.536  1.00 43.71 ? 29  PRO B N   1 
ATOM   1060 C CA  . PRO B 1 29  ? 11.528  23.768  -7.842  1.00 43.13 ? 29  PRO B CA  1 
ATOM   1061 C C   . PRO B 1 29  ? 10.083  24.219  -7.672  1.00 42.91 ? 29  PRO B C   1 
ATOM   1062 O O   . PRO B 1 29  ? 9.567   24.224  -6.553  1.00 43.25 ? 29  PRO B O   1 
ATOM   1063 C CB  . PRO B 1 29  ? 11.608  22.418  -8.565  1.00 42.81 ? 29  PRO B CB  1 
ATOM   1064 C CG  . PRO B 1 29  ? 11.388  21.444  -7.498  1.00 43.43 ? 29  PRO B CG  1 
ATOM   1065 C CD  . PRO B 1 29  ? 12.108  22.006  -6.288  1.00 43.35 ? 29  PRO B CD  1 
ATOM   1066 N N   . LYS B 1 30  ? 9.433   24.590  -8.764  1.00 42.62 ? 30  LYS B N   1 
ATOM   1067 C CA  . LYS B 1 30  ? 8.057   25.061  -8.701  1.00 42.93 ? 30  LYS B CA  1 
ATOM   1068 C C   . LYS B 1 30  ? 7.075   23.916  -8.862  1.00 42.49 ? 30  LYS B C   1 
ATOM   1069 O O   . LYS B 1 30  ? 5.924   24.005  -8.440  1.00 41.86 ? 30  LYS B O   1 
ATOM   1070 C CB  . LYS B 1 30  ? 7.826   26.139  -9.766  1.00 43.45 ? 30  LYS B CB  1 
ATOM   1071 C CG  . LYS B 1 30  ? 8.487   27.475  -9.398  1.00 45.71 ? 30  LYS B CG  1 
ATOM   1072 C CD  . LYS B 1 30  ? 8.865   28.301  -10.622 1.00 49.17 ? 30  LYS B CD  1 
ATOM   1073 C CE  . LYS B 1 30  ? 10.080  29.166  -10.283 1.00 51.49 ? 30  LYS B CE  1 
ATOM   1074 N NZ  . LYS B 1 30  ? 10.660  29.828  -11.490 1.00 53.75 ? 30  LYS B NZ  1 
ATOM   1075 N N   . SER B 1 31  ? 7.551   22.843  -9.489  1.00 42.58 ? 31  SER B N   1 
ATOM   1076 C CA  . SER B 1 31  ? 6.807   21.604  -9.614  1.00 42.78 ? 31  SER B CA  1 
ATOM   1077 C C   . SER B 1 31  ? 7.742   20.418  -9.728  1.00 42.74 ? 31  SER B C   1 
ATOM   1078 O O   . SER B 1 31  ? 8.960   20.569  -9.900  1.00 42.94 ? 31  SER B O   1 
ATOM   1079 C CB  . SER B 1 31  ? 5.825   21.641  -10.794 1.00 42.82 ? 31  SER B CB  1 
ATOM   1080 O OG  . SER B 1 31  ? 6.497   21.787  -12.021 1.00 44.00 ? 31  SER B OG  1 
ATOM   1081 N N   . PHE B 1 32  ? 7.160   19.232  -9.596  1.00 42.31 ? 32  PHE B N   1 
ATOM   1082 C CA  . PHE B 1 32  ? 7.909   17.995  -9.718  1.00 42.13 ? 32  PHE B CA  1 
ATOM   1083 C C   . PHE B 1 32  ? 6.970   16.900  -10.162 1.00 41.76 ? 32  PHE B C   1 
ATOM   1084 O O   . PHE B 1 32  ? 5.758   16.990  -9.964  1.00 40.88 ? 32  PHE B O   1 
ATOM   1085 C CB  . PHE B 1 32  ? 8.655   17.638  -8.409  1.00 42.07 ? 32  PHE B CB  1 
ATOM   1086 C CG  . PHE B 1 32  ? 7.782   17.008  -7.324  1.00 42.62 ? 32  PHE B CG  1 
ATOM   1087 C CD1 . PHE B 1 32  ? 6.871   17.775  -6.596  1.00 41.01 ? 32  PHE B CD1 1 
ATOM   1088 C CD2 . PHE B 1 32  ? 7.917   15.643  -7.001  1.00 42.71 ? 32  PHE B CD2 1 
ATOM   1089 C CE1 . PHE B 1 32  ? 6.082   17.201  -5.597  1.00 41.42 ? 32  PHE B CE1 1 
ATOM   1090 C CE2 . PHE B 1 32  ? 7.135   15.057  -5.997  1.00 41.90 ? 32  PHE B CE2 1 
ATOM   1091 C CZ  . PHE B 1 32  ? 6.220   15.836  -5.296  1.00 41.51 ? 32  PHE B CZ  1 
ATOM   1092 N N   . ASP B 1 33  ? 7.534   15.874  -10.781 1.00 41.96 ? 33  ASP B N   1 
ATOM   1093 C CA  . ASP B 1 33  ? 6.729   14.744  -11.209 1.00 42.40 ? 33  ASP B CA  1 
ATOM   1094 C C   . ASP B 1 33  ? 6.625   13.784  -10.054 1.00 41.48 ? 33  ASP B C   1 
ATOM   1095 O O   . ASP B 1 33  ? 7.586   13.101  -9.725  1.00 41.84 ? 33  ASP B O   1 
ATOM   1096 C CB  . ASP B 1 33  ? 7.334   14.067  -12.439 1.00 42.98 ? 33  ASP B CB  1 
ATOM   1097 C CG  . ASP B 1 33  ? 7.386   14.986  -13.652 1.00 44.88 ? 33  ASP B CG  1 
ATOM   1098 O OD1 . ASP B 1 33  ? 6.386   15.686  -13.919 1.00 48.36 ? 33  ASP B OD1 1 
ATOM   1099 O OD2 . ASP B 1 33  ? 8.425   15.003  -14.351 1.00 48.32 ? 33  ASP B OD2 1 
ATOM   1100 N N   . ALA B 1 34  ? 5.457   13.763  -9.418  1.00 41.08 ? 34  ALA B N   1 
ATOM   1101 C CA  . ALA B 1 34  ? 5.217   12.900  -8.254  1.00 40.23 ? 34  ALA B CA  1 
ATOM   1102 C C   . ALA B 1 34  ? 4.900   11.455  -8.665  1.00 39.77 ? 34  ALA B C   1 
ATOM   1103 O O   . ALA B 1 34  ? 5.330   10.510  -8.005  1.00 40.20 ? 34  ALA B O   1 
ATOM   1104 C CB  . ALA B 1 34  ? 4.092   13.465  -7.402  1.00 39.85 ? 34  ALA B CB  1 
ATOM   1105 N N   . TYR B 1 35  ? 4.169   11.304  -9.772  1.00 39.31 ? 35  TYR B N   1 
ATOM   1106 C CA  . TYR B 1 35  ? 3.527   10.044  -10.184 1.00 38.82 ? 35  TYR B CA  1 
ATOM   1107 C C   . TYR B 1 35  ? 2.575   9.556   -9.099  1.00 38.95 ? 35  TYR B C   1 
ATOM   1108 O O   . TYR B 1 35  ? 2.547   10.114  -7.995  1.00 38.76 ? 35  TYR B O   1 
ATOM   1109 C CB  . TYR B 1 35  ? 4.546   8.961   -10.583 1.00 38.55 ? 35  TYR B CB  1 
ATOM   1110 C CG  . TYR B 1 35  ? 5.388   9.332   -11.783 1.00 38.26 ? 35  TYR B CG  1 
ATOM   1111 C CD1 . TYR B 1 35  ? 6.558   10.076  -11.632 1.00 37.96 ? 35  TYR B CD1 1 
ATOM   1112 C CD2 . TYR B 1 35  ? 5.022   8.946   -13.069 1.00 37.70 ? 35  TYR B CD2 1 
ATOM   1113 C CE1 . TYR B 1 35  ? 7.336   10.438  -12.719 1.00 37.94 ? 35  TYR B CE1 1 
ATOM   1114 C CE2 . TYR B 1 35  ? 5.802   9.307   -14.175 1.00 38.61 ? 35  TYR B CE2 1 
ATOM   1115 C CZ  . TYR B 1 35  ? 6.961   10.049  -13.979 1.00 38.53 ? 35  TYR B CZ  1 
ATOM   1116 O OH  . TYR B 1 35  ? 7.751   10.416  -15.052 1.00 40.77 ? 35  TYR B OH  1 
ATOM   1117 N N   . TYR B 1 36  ? 1.765   8.551   -9.420  1.00 38.96 ? 36  TYR B N   1 
ATOM   1118 C CA  . TYR B 1 36  ? 0.991   7.822   -8.405  1.00 39.32 ? 36  TYR B CA  1 
ATOM   1119 C C   . TYR B 1 36  ? 0.775   6.386   -8.881  1.00 39.42 ? 36  TYR B C   1 
ATOM   1120 O O   . TYR B 1 36  ? 1.103   6.070   -10.016 1.00 39.06 ? 36  TYR B O   1 
ATOM   1121 C CB  . TYR B 1 36  ? -0.340  8.538   -8.073  1.00 38.80 ? 36  TYR B CB  1 
ATOM   1122 C CG  . TYR B 1 36  ? -1.365  8.540   -9.189  1.00 38.70 ? 36  TYR B CG  1 
ATOM   1123 C CD1 . TYR B 1 36  ? -2.429  7.623   -9.194  1.00 38.21 ? 36  TYR B CD1 1 
ATOM   1124 C CD2 . TYR B 1 36  ? -1.279  9.446   -10.235 1.00 36.57 ? 36  TYR B CD2 1 
ATOM   1125 C CE1 . TYR B 1 36  ? -3.377  7.628   -10.221 1.00 38.13 ? 36  TYR B CE1 1 
ATOM   1126 C CE2 . TYR B 1 36  ? -2.213  9.450   -11.256 1.00 38.23 ? 36  TYR B CE2 1 
ATOM   1127 C CZ  . TYR B 1 36  ? -3.263  8.541   -11.246 1.00 38.36 ? 36  TYR B CZ  1 
ATOM   1128 O OH  . TYR B 1 36  ? -4.192  8.555   -12.276 1.00 38.58 ? 36  TYR B OH  1 
ATOM   1129 N N   . CYS B 1 37  ? 0.245   5.526   -8.011  1.00 40.50 ? 37  CYS B N   1 
ATOM   1130 C CA  . CYS B 1 37  ? -0.088  4.132   -8.354  1.00 41.05 ? 37  CYS B CA  1 
ATOM   1131 C C   . CYS B 1 37  ? -1.574  3.924   -8.418  1.00 40.75 ? 37  CYS B C   1 
ATOM   1132 O O   . CYS B 1 37  ? -2.303  4.420   -7.560  1.00 40.85 ? 37  CYS B O   1 
ATOM   1133 C CB  . CYS B 1 37  ? 0.436   3.177   -7.289  1.00 41.45 ? 37  CYS B CB  1 
ATOM   1134 S SG  . CYS B 1 37  ? 2.211   3.188   -7.036  1.00 45.12 ? 37  CYS B SG  1 
ATOM   1135 N N   . SER B 1 38  ? -2.018  3.169   -9.420  1.00 40.96 ? 38  SER B N   1 
ATOM   1136 C CA  . SER B 1 38  ? -3.388  2.645   -9.473  1.00 40.88 ? 38  SER B CA  1 
ATOM   1137 C C   . SER B 1 38  ? -3.487  1.385   -10.322 1.00 41.20 ? 38  SER B C   1 
ATOM   1138 O O   . SER B 1 38  ? -2.589  1.079   -11.117 1.00 41.32 ? 38  SER B O   1 
ATOM   1139 C CB  . SER B 1 38  ? -4.363  3.691   -10.000 1.00 40.94 ? 38  SER B CB  1 
ATOM   1140 O OG  . SER B 1 38  ? -4.162  3.926   -11.381 1.00 41.05 ? 38  SER B OG  1 
ATOM   1141 N N   . GLY B 1 39  ? -4.587  0.655   -10.159 1.00 41.24 ? 39  GLY B N   1 
ATOM   1142 C CA  . GLY B 1 39  ? -4.812  -0.536  -10.950 1.00 41.61 ? 39  GLY B CA  1 
ATOM   1143 C C   . GLY B 1 39  ? -5.137  -1.782  -10.154 1.00 42.11 ? 39  GLY B C   1 
ATOM   1144 O O   . GLY B 1 39  ? -4.996  -1.804  -8.930  1.00 41.81 ? 39  GLY B O   1 
ATOM   1145 N N   . ALA B 1 40  ? -5.562  -2.824  -10.875 1.00 42.92 ? 40  ALA B N   1 
ATOM   1146 C CA  . ALA B 1 40  ? -6.050  -4.067  -10.292 1.00 43.66 ? 40  ALA B CA  1 
ATOM   1147 C C   . ALA B 1 40  ? -4.940  -4.902  -9.685  1.00 44.41 ? 40  ALA B C   1 
ATOM   1148 O O   . ALA B 1 40  ? -3.826  -4.955  -10.222 1.00 44.69 ? 40  ALA B O   1 
ATOM   1149 C CB  . ALA B 1 40  ? -6.804  -4.884  -11.338 1.00 43.34 ? 40  ALA B CB  1 
ATOM   1150 N N   . CYS B 1 41  ? -5.271  -5.537  -8.552  1.00 45.43 ? 41  CYS B N   1 
ATOM   1151 C CA  . CYS B 1 41  ? -4.443  -6.537  -7.854  1.00 45.75 ? 41  CYS B CA  1 
ATOM   1152 C C   . CYS B 1 41  ? -5.309  -7.774  -7.602  1.00 46.43 ? 41  CYS B C   1 
ATOM   1153 O O   . CYS B 1 41  ? -5.574  -8.144  -6.459  1.00 46.28 ? 41  CYS B O   1 
ATOM   1154 C CB  . CYS B 1 41  ? -3.937  -5.987  -6.514  1.00 45.35 ? 41  CYS B CB  1 
ATOM   1155 S SG  . CYS B 1 41  ? -2.652  -4.701  -6.593  1.00 45.88 ? 41  CYS B SG  1 
ATOM   1156 N N   . GLN B 1 42  ? -5.772  -8.406  -8.673  1.00 47.49 ? 42  GLN B N   1 
ATOM   1157 C CA  . GLN B 1 42  ? -6.695  -9.528  -8.511  1.00 48.47 ? 42  GLN B CA  1 
ATOM   1158 C C   . GLN B 1 42  ? -6.068  -10.881 -8.829  1.00 48.51 ? 42  GLN B C   1 
ATOM   1159 O O   . GLN B 1 42  ? -5.116  -10.963 -9.607  1.00 48.19 ? 42  GLN B O   1 
ATOM   1160 C CB  . GLN B 1 42  ? -8.015  -9.300  -9.264  1.00 48.63 ? 42  GLN B CB  1 
ATOM   1161 C CG  . GLN B 1 42  ? -7.928  -9.124  -10.758 1.00 50.41 ? 42  GLN B CG  1 
ATOM   1162 C CD  . GLN B 1 42  ? -9.236  -9.525  -11.452 1.00 53.83 ? 42  GLN B CD  1 
ATOM   1163 O OE1 . GLN B 1 42  ? -10.086 -10.220 -10.873 1.00 54.09 ? 42  GLN B OE1 1 
ATOM   1164 N NE2 . GLN B 1 42  ? -9.396  -9.094  -12.700 1.00 55.10 ? 42  GLN B NE2 1 
ATOM   1165 N N   . PHE B 1 43  ? -6.606  -11.926 -8.199  1.00 49.09 ? 43  PHE B N   1 
ATOM   1166 C CA  . PHE B 1 43  ? -6.146  -13.297 -8.402  1.00 50.15 ? 43  PHE B CA  1 
ATOM   1167 C C   . PHE B 1 43  ? -6.401  -13.786 -9.834  1.00 50.55 ? 43  PHE B C   1 
ATOM   1168 O O   . PHE B 1 43  ? -7.536  -13.686 -10.320 1.00 50.67 ? 43  PHE B O   1 
ATOM   1169 C CB  . PHE B 1 43  ? -6.809  -14.253 -7.395  1.00 50.35 ? 43  PHE B CB  1 
ATOM   1170 C CG  . PHE B 1 43  ? -6.396  -15.687 -7.576  1.00 51.22 ? 43  PHE B CG  1 
ATOM   1171 C CD1 . PHE B 1 43  ? -5.157  -16.134 -7.115  1.00 51.55 ? 43  PHE B CD1 1 
ATOM   1172 C CD2 . PHE B 1 43  ? -7.227  -16.585 -8.241  1.00 52.57 ? 43  PHE B CD2 1 
ATOM   1173 C CE1 . PHE B 1 43  ? -4.755  -17.452 -7.310  1.00 52.22 ? 43  PHE B CE1 1 
ATOM   1174 C CE2 . PHE B 1 43  ? -6.837  -17.915 -8.433  1.00 52.51 ? 43  PHE B CE2 1 
ATOM   1175 C CZ  . PHE B 1 43  ? -5.597  -18.345 -7.968  1.00 51.88 ? 43  PHE B CZ  1 
ATOM   1176 N N   . PRO B 1 44  ? -5.356  -14.327 -10.512 1.00 51.07 ? 44  PRO B N   1 
ATOM   1177 C CA  . PRO B 1 44  ? -3.974  -14.485 -10.039 1.00 51.25 ? 44  PRO B CA  1 
ATOM   1178 C C   . PRO B 1 44  ? -3.062  -13.322 -10.444 1.00 51.53 ? 44  PRO B C   1 
ATOM   1179 O O   . PRO B 1 44  ? -2.993  -12.972 -11.629 1.00 51.91 ? 44  PRO B O   1 
ATOM   1180 C CB  . PRO B 1 44  ? -3.521  -15.787 -10.719 1.00 51.12 ? 44  PRO B CB  1 
ATOM   1181 C CG  . PRO B 1 44  ? -4.490  -16.001 -11.883 1.00 51.09 ? 44  PRO B CG  1 
ATOM   1182 C CD  . PRO B 1 44  ? -5.500  -14.879 -11.872 1.00 51.00 ? 44  PRO B CD  1 
ATOM   1183 N N   . MET B 1 45  ? -2.373  -12.733 -9.468  1.00 51.58 ? 45  MET B N   1 
ATOM   1184 C CA  . MET B 1 45  ? -1.466  -11.618 -9.731  1.00 51.65 ? 45  MET B CA  1 
ATOM   1185 C C   . MET B 1 45  ? -0.176  -12.108 -10.388 1.00 51.70 ? 45  MET B C   1 
ATOM   1186 O O   . MET B 1 45  ? 0.414   -13.093 -9.936  1.00 51.52 ? 45  MET B O   1 
ATOM   1187 C CB  . MET B 1 45  ? -1.149  -10.833 -8.448  1.00 51.31 ? 45  MET B CB  1 
ATOM   1188 C CG  . MET B 1 45  ? -2.340  -10.098 -7.851  1.00 50.84 ? 45  MET B CG  1 
ATOM   1189 S SD  . MET B 1 45  ? -1.970  -9.384  -6.241  1.00 52.20 ? 45  MET B SD  1 
ATOM   1190 C CE  . MET B 1 45  ? -2.095  -10.806 -5.169  1.00 50.33 ? 45  MET B CE  1 
ATOM   1191 N N   . PRO B 1 46  ? 0.253   -11.431 -11.470 1.00 51.86 ? 46  PRO B N   1 
ATOM   1192 C CA  . PRO B 1 46  ? 1.542   -11.738 -12.079 1.00 52.02 ? 46  PRO B CA  1 
ATOM   1193 C C   . PRO B 1 46  ? 2.688   -11.457 -11.114 1.00 51.99 ? 46  PRO B C   1 
ATOM   1194 O O   . PRO B 1 46  ? 2.551   -10.615 -10.227 1.00 52.09 ? 46  PRO B O   1 
ATOM   1195 C CB  . PRO B 1 46  ? 1.605   -10.771 -13.275 1.00 52.00 ? 46  PRO B CB  1 
ATOM   1196 C CG  . PRO B 1 46  ? 0.188   -10.401 -13.549 1.00 51.82 ? 46  PRO B CG  1 
ATOM   1197 C CD  . PRO B 1 46  ? -0.452  -10.360 -12.202 1.00 51.85 ? 46  PRO B CD  1 
ATOM   1198 N N   . LYS B 1 47  ? 3.802   -12.158 -11.296 1.00 52.03 ? 47  LYS B N   1 
ATOM   1199 C CA  . LYS B 1 47  ? 4.994   -11.968 -10.471 1.00 52.24 ? 47  LYS B CA  1 
ATOM   1200 C C   . LYS B 1 47  ? 5.556   -10.551 -10.518 1.00 51.76 ? 47  LYS B C   1 
ATOM   1201 O O   . LYS B 1 47  ? 6.193   -10.113 -9.559  1.00 51.92 ? 47  LYS B O   1 
ATOM   1202 C CB  . LYS B 1 47  ? 6.075   -12.989 -10.839 1.00 52.37 ? 47  LYS B CB  1 
ATOM   1203 C CG  . LYS B 1 47  ? 5.806   -14.376 -10.249 1.00 53.45 ? 47  LYS B CG  1 
ATOM   1204 C CD  . LYS B 1 47  ? 6.624   -15.491 -10.899 1.00 53.54 ? 47  LYS B CD  1 
ATOM   1205 C CE  . LYS B 1 47  ? 6.317   -16.827 -10.214 1.00 54.94 ? 47  LYS B CE  1 
ATOM   1206 N NZ  . LYS B 1 47  ? 6.794   -17.990 -11.013 1.00 55.90 ? 47  LYS B NZ  1 
ATOM   1207 N N   . SER B 1 48  ? 5.305   -9.835  -11.616 1.00 51.28 ? 48  SER B N   1 
ATOM   1208 C CA  . SER B 1 48  ? 5.818   -8.464  -11.798 1.00 50.80 ? 48  SER B CA  1 
ATOM   1209 C C   . SER B 1 48  ? 5.178   -7.444  -10.856 1.00 50.46 ? 48  SER B C   1 
ATOM   1210 O O   . SER B 1 48  ? 5.761   -6.379  -10.604 1.00 50.74 ? 48  SER B O   1 
ATOM   1211 C CB  . SER B 1 48  ? 5.665   -8.002  -13.251 1.00 50.82 ? 48  SER B CB  1 
ATOM   1212 O OG  . SER B 1 48  ? 4.408   -8.386  -13.777 1.00 51.16 ? 48  SER B OG  1 
ATOM   1213 N N   . LEU B 1 49  ? 3.990   -7.773  -10.342 1.00 49.51 ? 49  LEU B N   1 
ATOM   1214 C CA  . LEU B 1 49  ? 3.294   -6.932  -9.368  1.00 48.44 ? 49  LEU B CA  1 
ATOM   1215 C C   . LEU B 1 49  ? 3.854   -7.111  -7.950  1.00 47.76 ? 49  LEU B C   1 
ATOM   1216 O O   . LEU B 1 49  ? 3.392   -6.456  -7.021  1.00 47.86 ? 49  LEU B O   1 
ATOM   1217 C CB  . LEU B 1 49  ? 1.782   -7.210  -9.398  1.00 48.45 ? 49  LEU B CB  1 
ATOM   1218 C CG  . LEU B 1 49  ? 0.988   -7.002  -10.698 1.00 48.45 ? 49  LEU B CG  1 
ATOM   1219 C CD1 . LEU B 1 49  ? -0.494  -7.044  -10.408 1.00 48.44 ? 49  LEU B CD1 1 
ATOM   1220 C CD2 . LEU B 1 49  ? 1.326   -5.682  -11.385 1.00 48.75 ? 49  LEU B CD2 1 
ATOM   1221 N N   . LYS B 1 50  ? 4.835   -8.010  -7.802  1.00 46.87 ? 50  LYS B N   1 
ATOM   1222 C CA  . LYS B 1 50  ? 5.535   -8.301  -6.534  1.00 45.80 ? 50  LYS B CA  1 
ATOM   1223 C C   . LYS B 1 50  ? 4.641   -8.349  -5.283  1.00 44.51 ? 50  LYS B C   1 
ATOM   1224 O O   . LYS B 1 50  ? 4.890   -7.600  -4.332  1.00 44.39 ? 50  LYS B O   1 
ATOM   1225 C CB  . LYS B 1 50  ? 6.680   -7.297  -6.317  1.00 46.31 ? 50  LYS B CB  1 
ATOM   1226 C CG  . LYS B 1 50  ? 7.938   -7.563  -7.142  1.00 48.64 ? 50  LYS B CG  1 
ATOM   1227 C CD  . LYS B 1 50  ? 8.750   -6.292  -7.341  1.00 53.45 ? 50  LYS B CD  1 
ATOM   1228 C CE  . LYS B 1 50  ? 8.380   -5.617  -8.665  1.00 57.14 ? 50  LYS B CE  1 
ATOM   1229 N NZ  . LYS B 1 50  ? 8.830   -4.188  -8.753  1.00 59.56 ? 50  LYS B NZ  1 
ATOM   1230 N N   . PRO B 1 51  ? 3.602   -9.226  -5.270  1.00 42.97 ? 51  PRO B N   1 
ATOM   1231 C CA  . PRO B 1 51  ? 2.758   -9.256  -4.077  1.00 41.58 ? 51  PRO B CA  1 
ATOM   1232 C C   . PRO B 1 51  ? 3.501   -9.863  -2.903  1.00 41.14 ? 51  PRO B C   1 
ATOM   1233 O O   . PRO B 1 51  ? 4.382   -10.700 -3.112  1.00 41.69 ? 51  PRO B O   1 
ATOM   1234 C CB  . PRO B 1 51  ? 1.594   -10.155 -4.490  1.00 41.21 ? 51  PRO B CB  1 
ATOM   1235 C CG  . PRO B 1 51  ? 2.092   -10.965 -5.607  1.00 41.54 ? 51  PRO B CG  1 
ATOM   1236 C CD  . PRO B 1 51  ? 3.145   -10.185 -6.300  1.00 42.45 ? 51  PRO B CD  1 
ATOM   1237 N N   . SER B 1 52  ? 3.173   -9.437  -1.684  1.00 40.21 ? 52  SER B N   1 
ATOM   1238 C CA  . SER B 1 52  ? 3.657   -10.103 -0.471  1.00 39.13 ? 52  SER B CA  1 
ATOM   1239 C C   . SER B 1 52  ? 2.884   -11.402 -0.285  1.00 38.64 ? 52  SER B C   1 
ATOM   1240 O O   . SER B 1 52  ? 1.899   -11.645 -0.971  1.00 38.80 ? 52  SER B O   1 
ATOM   1241 C CB  . SER B 1 52  ? 3.478   -9.196  0.740   1.00 39.28 ? 52  SER B CB  1 
ATOM   1242 O OG  . SER B 1 52  ? 2.135   -8.784  0.861   1.00 38.55 ? 52  SER B OG  1 
ATOM   1243 N N   . ASN B 1 53  ? 3.321   -12.251 0.635   1.00 38.27 ? 53  ASN B N   1 
ATOM   1244 C CA  . ASN B 1 53  ? 2.568   -13.460 0.930   1.00 37.12 ? 53  ASN B CA  1 
ATOM   1245 C C   . ASN B 1 53  ? 1.139   -13.113 1.346   1.00 37.05 ? 53  ASN B C   1 
ATOM   1246 O O   . ASN B 1 53  ? 0.177   -13.739 0.891   1.00 36.81 ? 53  ASN B O   1 
ATOM   1247 C CB  . ASN B 1 53  ? 3.268   -14.286 2.012   1.00 36.83 ? 53  ASN B CB  1 
ATOM   1248 C CG  . ASN B 1 53  ? 4.539   -14.959 1.509   1.00 36.72 ? 53  ASN B CG  1 
ATOM   1249 O OD1 . ASN B 1 53  ? 4.602   -15.392 0.354   1.00 37.11 ? 53  ASN B OD1 1 
ATOM   1250 N ND2 . ASN B 1 53  ? 5.556   -15.054 2.374   1.00 32.01 ? 53  ASN B ND2 1 
ATOM   1251 N N   . HIS B 1 54  ? 1.009   -12.097 2.199   1.00 37.02 ? 54  HIS B N   1 
ATOM   1252 C CA  . HIS B 1 54  ? -0.300  -11.627 2.639   1.00 36.55 ? 54  HIS B CA  1 
ATOM   1253 C C   . HIS B 1 54  ? -1.249  -11.208 1.503   1.00 35.93 ? 54  HIS B C   1 
ATOM   1254 O O   . HIS B 1 54  ? -2.418  -11.562 1.517   1.00 35.66 ? 54  HIS B O   1 
ATOM   1255 C CB  . HIS B 1 54  ? -0.166  -10.495 3.654   1.00 36.28 ? 54  HIS B CB  1 
ATOM   1256 C CG  . HIS B 1 54  ? -1.458  -10.168 4.331   1.00 36.97 ? 54  HIS B CG  1 
ATOM   1257 N ND1 . HIS B 1 54  ? -2.333  -9.218  3.846   1.00 37.25 ? 54  HIS B ND1 1 
ATOM   1258 C CD2 . HIS B 1 54  ? -2.051  -10.705 5.420   1.00 35.44 ? 54  HIS B CD2 1 
ATOM   1259 C CE1 . HIS B 1 54  ? -3.402  -9.177  4.618   1.00 36.58 ? 54  HIS B CE1 1 
ATOM   1260 N NE2 . HIS B 1 54  ? -3.256  -10.067 5.581   1.00 35.98 ? 54  HIS B NE2 1 
ATOM   1261 N N   . ALA B 1 55  ? -0.743  -10.450 0.535   1.00 36.29 ? 55  ALA B N   1 
ATOM   1262 C CA  . ALA B 1 55  ? -1.533  -9.971  -0.596  1.00 36.65 ? 55  ALA B CA  1 
ATOM   1263 C C   . ALA B 1 55  ? -2.000  -11.120 -1.489  1.00 37.43 ? 55  ALA B C   1 
ATOM   1264 O O   . ALA B 1 55  ? -3.110  -11.094 -2.021  1.00 38.00 ? 55  ALA B O   1 
ATOM   1265 C CB  . ALA B 1 55  ? -0.744  -8.965  -1.408  1.00 36.18 ? 55  ALA B CB  1 
ATOM   1266 N N   . THR B 1 56  ? -1.145  -12.123 -1.659  1.00 37.80 ? 56  THR B N   1 
ATOM   1267 C CA  . THR B 1 56  ? -1.489  -13.335 -2.403  1.00 38.10 ? 56  THR B CA  1 
ATOM   1268 C C   . THR B 1 56  ? -2.658  -14.017 -1.722  1.00 37.92 ? 56  THR B C   1 
ATOM   1269 O O   . THR B 1 56  ? -3.630  -14.386 -2.365  1.00 38.63 ? 56  THR B O   1 
ATOM   1270 C CB  . THR B 1 56  ? -0.261  -14.270 -2.488  1.00 38.20 ? 56  THR B CB  1 
ATOM   1271 O OG1 . THR B 1 56  ? 0.740   -13.642 -3.300  1.00 39.06 ? 56  THR B OG1 1 
ATOM   1272 C CG2 . THR B 1 56  ? -0.612  -15.630 -3.075  1.00 38.07 ? 56  THR B CG2 1 
ATOM   1273 N N   . ILE B 1 57  ? -2.580  -14.148 -0.408  1.00 38.00 ? 57  ILE B N   1 
ATOM   1274 C CA  . ILE B 1 57  ? -3.648  -14.775 0.359   1.00 38.36 ? 57  ILE B CA  1 
ATOM   1275 C C   . ILE B 1 57  ? -4.952  -13.964 0.351   1.00 38.59 ? 57  ILE B C   1 
ATOM   1276 O O   . ILE B 1 57  ? -6.017  -14.517 0.097   1.00 39.06 ? 57  ILE B O   1 
ATOM   1277 C CB  . ILE B 1 57  ? -3.206  -15.079 1.795   1.00 38.41 ? 57  ILE B CB  1 
ATOM   1278 C CG1 . ILE B 1 57  ? -2.119  -16.158 1.777   1.00 38.18 ? 57  ILE B CG1 1 
ATOM   1279 C CG2 . ILE B 1 57  ? -4.419  -15.503 2.643   1.00 38.39 ? 57  ILE B CG2 1 
ATOM   1280 C CD1 . ILE B 1 57  ? -1.472  -16.370 3.095   1.00 37.99 ? 57  ILE B CD1 1 
ATOM   1281 N N   . GLN B 1 58  ? -4.859  -12.662 0.632   1.00 38.93 ? 58  GLN B N   1 
ATOM   1282 C CA  . GLN B 1 58  ? -5.998  -11.738 0.552   1.00 38.76 ? 58  GLN B CA  1 
ATOM   1283 C C   . GLN B 1 58  ? -6.751  -11.811 -0.782  1.00 38.92 ? 58  GLN B C   1 
ATOM   1284 O O   . GLN B 1 58  ? -7.991  -11.785 -0.807  1.00 38.64 ? 58  GLN B O   1 
ATOM   1285 C CB  . GLN B 1 58  ? -5.536  -10.304 0.803   1.00 38.82 ? 58  GLN B CB  1 
ATOM   1286 C CG  . GLN B 1 58  ? -6.683  -9.351  1.007   1.00 38.40 ? 58  GLN B CG  1 
ATOM   1287 C CD  . GLN B 1 58  ? -6.255  -7.982  1.453   1.00 39.61 ? 58  GLN B CD  1 
ATOM   1288 O OE1 . GLN B 1 58  ? -5.297  -7.824  2.216   1.00 40.31 ? 58  GLN B OE1 1 
ATOM   1289 N NE2 . GLN B 1 58  ? -6.971  -6.971  0.986   1.00 37.58 ? 58  GLN B NE2 1 
ATOM   1290 N N   . SER B 1 59  ? -6.000  -11.915 -1.880  1.00 39.15 ? 59  SER B N   1 
ATOM   1291 C CA  . SER B 1 59  ? -6.578  -11.987 -3.216  1.00 39.45 ? 59  SER B CA  1 
ATOM   1292 C C   . SER B 1 59  ? -7.316  -13.295 -3.493  1.00 39.54 ? 59  SER B C   1 
ATOM   1293 O O   . SER B 1 59  ? -8.267  -13.312 -4.286  1.00 39.93 ? 59  SER B O   1 
ATOM   1294 C CB  . SER B 1 59  ? -5.508  -11.749 -4.283  1.00 39.70 ? 59  SER B CB  1 
ATOM   1295 O OG  . SER B 1 59  ? -4.770  -12.929 -4.531  1.00 40.55 ? 59  SER B OG  1 
ATOM   1296 N N   . ILE B 1 60  ? -6.879  -14.384 -2.855  1.00 39.42 ? 60  ILE B N   1 
ATOM   1297 C CA  . ILE B 1 60  ? -7.551  -15.690 -2.978  1.00 38.90 ? 60  ILE B CA  1 
ATOM   1298 C C   . ILE B 1 60  ? -8.845  -15.702 -2.152  1.00 38.94 ? 60  ILE B C   1 
ATOM   1299 O O   . ILE B 1 60  ? -9.888  -16.113 -2.646  1.00 38.96 ? 60  ILE B O   1 
ATOM   1300 C CB  . ILE B 1 60  ? -6.615  -16.899 -2.612  1.00 38.90 ? 60  ILE B CB  1 
ATOM   1301 C CG1 . ILE B 1 60  ? -5.377  -16.937 -3.519  1.00 38.31 ? 60  ILE B CG1 1 
ATOM   1302 C CG2 . ILE B 1 60  ? -7.373  -18.229 -2.750  1.00 39.13 ? 60  ILE B CG2 1 
ATOM   1303 C CD1 . ILE B 1 60  ? -4.233  -17.800 -3.016  1.00 38.42 ? 60  ILE B CD1 1 
ATOM   1304 N N   . VAL B 1 61  ? -8.771  -15.239 -0.905  1.00 39.18 ? 61  VAL B N   1 
ATOM   1305 C CA  . VAL B 1 61  ? -9.951  -15.054 -0.057  1.00 39.38 ? 61  VAL B CA  1 
ATOM   1306 C C   . VAL B 1 61  ? -11.028 -14.191 -0.737  1.00 40.23 ? 61  VAL B C   1 
ATOM   1307 O O   . VAL B 1 61  ? -12.230 -14.452 -0.584  1.00 39.78 ? 61  VAL B O   1 
ATOM   1308 C CB  . VAL B 1 61  ? -9.563  -14.489 1.332   1.00 39.21 ? 61  VAL B CB  1 
ATOM   1309 C CG1 . VAL B 1 61  ? -10.784 -14.248 2.195   1.00 38.67 ? 61  VAL B CG1 1 
ATOM   1310 C CG2 . VAL B 1 61  ? -8.655  -15.456 2.039   1.00 39.11 ? 61  VAL B CG2 1 
ATOM   1311 N N   . ARG B 1 62  ? -10.594 -13.172 -1.485  1.00 41.19 ? 62  ARG B N   1 
ATOM   1312 C CA  . ARG B 1 62  ? -11.506 -12.342 -2.273  1.00 42.34 ? 62  ARG B CA  1 
ATOM   1313 C C   . ARG B 1 62  ? -12.149 -13.085 -3.469  1.00 43.25 ? 62  ARG B C   1 
ATOM   1314 O O   . ARG B 1 62  ? -13.361 -12.982 -3.677  1.00 43.21 ? 62  ARG B O   1 
ATOM   1315 C CB  . ARG B 1 62  ? -10.817 -11.054 -2.743  1.00 42.29 ? 62  ARG B CB  1 
ATOM   1316 C CG  . ARG B 1 62  ? -11.789 -10.065 -3.331  1.00 42.17 ? 62  ARG B CG  1 
ATOM   1317 C CD  . ARG B 1 62  ? -11.094 -8.931  -4.016  1.00 43.20 ? 62  ARG B CD  1 
ATOM   1318 N NE  . ARG B 1 62  ? -11.991 -8.251  -4.946  1.00 44.96 ? 62  ARG B NE  1 
ATOM   1319 C CZ  . ARG B 1 62  ? -12.938 -7.382  -4.598  1.00 45.77 ? 62  ARG B CZ  1 
ATOM   1320 N NH1 . ARG B 1 62  ? -13.139 -7.068  -3.326  1.00 45.72 ? 62  ARG B NH1 1 
ATOM   1321 N NH2 . ARG B 1 62  ? -13.695 -6.820  -5.529  1.00 46.35 ? 62  ARG B NH2 1 
ATOM   1322 N N   . ALA B 1 63  ? -11.333 -13.815 -4.236  1.00 44.44 ? 63  ALA B N   1 
ATOM   1323 C CA  . ALA B 1 63  ? -11.761 -14.567 -5.418  1.00 45.81 ? 63  ALA B CA  1 
ATOM   1324 C C   . ALA B 1 63  ? -12.843 -15.627 -5.120  1.00 47.11 ? 63  ALA B C   1 
ATOM   1325 O O   . ALA B 1 63  ? -13.838 -15.727 -5.842  1.00 46.94 ? 63  ALA B O   1 
ATOM   1326 C CB  . ALA B 1 63  ? -10.551 -15.198 -6.094  1.00 45.55 ? 63  ALA B CB  1 
ATOM   1327 N N   . VAL B 1 64  ? -12.624 -16.410 -4.062  1.00 48.84 ? 64  VAL B N   1 
ATOM   1328 C CA  . VAL B 1 64  ? -13.644 -17.266 -3.431  1.00 50.34 ? 64  VAL B CA  1 
ATOM   1329 C C   . VAL B 1 64  ? -14.698 -16.382 -2.744  1.00 51.35 ? 64  VAL B C   1 
ATOM   1330 O O   . VAL B 1 64  ? -14.362 -15.542 -1.920  1.00 51.78 ? 64  VAL B O   1 
ATOM   1331 C CB  . VAL B 1 64  ? -12.999 -18.182 -2.342  1.00 50.33 ? 64  VAL B CB  1 
ATOM   1332 C CG1 . VAL B 1 64  ? -14.048 -19.073 -1.692  1.00 50.84 ? 64  VAL B CG1 1 
ATOM   1333 C CG2 . VAL B 1 64  ? -11.852 -19.023 -2.919  1.00 50.18 ? 64  VAL B CG2 1 
ATOM   1334 N N   . GLY B 1 65  ? -15.971 -16.564 -3.071  1.00 52.62 ? 65  GLY B N   1 
ATOM   1335 C CA  . GLY B 1 65  ? -17.032 -15.728 -2.479  1.00 53.84 ? 65  GLY B CA  1 
ATOM   1336 C C   . GLY B 1 65  ? -17.035 -15.634 -0.952  1.00 54.39 ? 65  GLY B C   1 
ATOM   1337 O O   . GLY B 1 65  ? -17.427 -14.602 -0.388  1.00 54.46 ? 65  GLY B O   1 
ATOM   1338 N N   . VAL B 1 66  ? -16.590 -16.715 -0.299  1.00 54.84 ? 66  VAL B N   1 
ATOM   1339 C CA  . VAL B 1 66  ? -16.607 -16.861 1.169   1.00 55.27 ? 66  VAL B CA  1 
ATOM   1340 C C   . VAL B 1 66  ? -15.830 -15.735 1.891   1.00 55.25 ? 66  VAL B C   1 
ATOM   1341 O O   . VAL B 1 66  ? -14.686 -15.417 1.529   1.00 55.39 ? 66  VAL B O   1 
ATOM   1342 C CB  . VAL B 1 66  ? -16.107 -18.286 1.622   1.00 55.42 ? 66  VAL B CB  1 
ATOM   1343 C CG1 . VAL B 1 66  ? -16.407 -18.532 3.103   1.00 56.06 ? 66  VAL B CG1 1 
ATOM   1344 C CG2 . VAL B 1 66  ? -16.746 -19.397 0.775   1.00 55.44 ? 66  VAL B CG2 1 
ATOM   1345 N N   . VAL B 1 67  ? -16.469 -15.159 2.914   1.00 54.96 ? 67  VAL B N   1 
ATOM   1346 C CA  . VAL B 1 67  ? -16.008 -13.948 3.639   1.00 54.25 ? 67  VAL B CA  1 
ATOM   1347 C C   . VAL B 1 67  ? -16.287 -12.656 2.848   1.00 53.96 ? 67  VAL B C   1 
ATOM   1348 O O   . VAL B 1 67  ? -15.478 -12.249 2.005   1.00 54.13 ? 67  VAL B O   1 
ATOM   1349 C CB  . VAL B 1 67  ? -14.521 -13.998 4.145   1.00 54.19 ? 67  VAL B CB  1 
ATOM   1350 C CG1 . VAL B 1 67  ? -14.251 -12.842 5.108   1.00 53.45 ? 67  VAL B CG1 1 
ATOM   1351 C CG2 . VAL B 1 67  ? -14.206 -15.324 4.829   1.00 54.08 ? 67  VAL B CG2 1 
ATOM   1352 N N   . PRO B 1 68  ? -17.453 -12.026 3.103   1.00 53.52 ? 68  PRO B N   1 
ATOM   1353 C CA  . PRO B 1 68  ? -17.823 -10.725 2.531   1.00 52.85 ? 68  PRO B CA  1 
ATOM   1354 C C   . PRO B 1 68  ? -16.937 -9.569  2.977   1.00 51.91 ? 68  PRO B C   1 
ATOM   1355 O O   . PRO B 1 68  ? -16.391 -9.591  4.082   1.00 51.97 ? 68  PRO B O   1 
ATOM   1356 C CB  . PRO B 1 68  ? -19.247 -10.506 3.059   1.00 53.09 ? 68  PRO B CB  1 
ATOM   1357 C CG  . PRO B 1 68  ? -19.754 -11.895 3.376   1.00 53.39 ? 68  PRO B CG  1 
ATOM   1358 C CD  . PRO B 1 68  ? -18.544 -12.580 3.931   1.00 53.61 ? 68  PRO B CD  1 
ATOM   1359 N N   . GLY B 1 69  ? -16.800 -8.572  2.110   1.00 50.82 ? 69  GLY B N   1 
ATOM   1360 C CA  . GLY B 1 69  ? -16.160 -7.310  2.470   1.00 49.40 ? 69  GLY B CA  1 
ATOM   1361 C C   . GLY B 1 69  ? -14.654 -7.196  2.292   1.00 48.53 ? 69  GLY B C   1 
ATOM   1362 O O   . GLY B 1 69  ? -14.083 -6.129  2.561   1.00 48.54 ? 69  GLY B O   1 
ATOM   1363 N N   . ILE B 1 70  ? -14.005 -8.275  1.843   1.00 47.13 ? 70  ILE B N   1 
ATOM   1364 C CA  . ILE B 1 70  ? -12.548 -8.293  1.672   1.00 45.58 ? 70  ILE B CA  1 
ATOM   1365 C C   . ILE B 1 70  ? -12.179 -7.545  0.389   1.00 45.05 ? 70  ILE B C   1 
ATOM   1366 O O   . ILE B 1 70  ? -12.515 -8.012  -0.697  1.00 45.11 ? 70  ILE B O   1 
ATOM   1367 C CB  . ILE B 1 70  ? -11.985 -9.746  1.630   1.00 45.40 ? 70  ILE B CB  1 
ATOM   1368 C CG1 . ILE B 1 70  ? -12.458 -10.563 2.842   1.00 44.57 ? 70  ILE B CG1 1 
ATOM   1369 C CG2 . ILE B 1 70  ? -10.449 -9.758  1.540   1.00 44.54 ? 70  ILE B CG2 1 
ATOM   1370 C CD1 . ILE B 1 70  ? -11.898 -10.114 4.182   1.00 43.33 ? 70  ILE B CD1 1 
ATOM   1371 N N   . PRO B 1 71  ? -11.496 -6.384  0.512   1.00 44.40 ? 71  PRO B N   1 
ATOM   1372 C CA  . PRO B 1 71  ? -11.058 -5.621  -0.663  1.00 43.91 ? 71  PRO B CA  1 
ATOM   1373 C C   . PRO B 1 71  ? -9.887  -6.283  -1.387  1.00 43.83 ? 71  PRO B C   1 
ATOM   1374 O O   . PRO B 1 71  ? -9.312  -7.234  -0.859  1.00 43.66 ? 71  PRO B O   1 
ATOM   1375 C CB  . PRO B 1 71  ? -10.609 -4.291  -0.056  1.00 43.86 ? 71  PRO B CB  1 
ATOM   1376 C CG  . PRO B 1 71  ? -10.204 -4.619  1.317   1.00 43.71 ? 71  PRO B CG  1 
ATOM   1377 C CD  . PRO B 1 71  ? -11.112 -5.707  1.769   1.00 44.31 ? 71  PRO B CD  1 
ATOM   1378 N N   . GLU B 1 72  ? -9.555  -5.795  -2.587  1.00 43.71 ? 72  GLU B N   1 
ATOM   1379 C CA  . GLU B 1 72  ? -8.331  -6.185  -3.305  1.00 43.92 ? 72  GLU B CA  1 
ATOM   1380 C C   . GLU B 1 72  ? -7.095  -5.681  -2.552  1.00 43.70 ? 72  GLU B C   1 
ATOM   1381 O O   . GLU B 1 72  ? -7.168  -4.639  -1.880  1.00 43.85 ? 72  GLU B O   1 
ATOM   1382 C CB  . GLU B 1 72  ? -8.310  -5.550  -4.699  1.00 43.69 ? 72  GLU B CB  1 
ATOM   1383 C CG  . GLU B 1 72  ? -8.923  -6.348  -5.839  1.00 44.38 ? 72  GLU B CG  1 
ATOM   1384 C CD  . GLU B 1 72  ? -8.742  -5.656  -7.207  1.00 45.25 ? 72  GLU B CD  1 
ATOM   1385 O OE1 . GLU B 1 72  ? -7.937  -4.691  -7.314  1.00 45.33 ? 72  GLU B OE1 1 
ATOM   1386 O OE2 . GLU B 1 72  ? -9.407  -6.081  -8.185  1.00 47.26 ? 72  GLU B OE2 1 
ATOM   1387 N N   . PRO B 1 73  ? -5.950  -6.402  -2.648  1.00 43.68 ? 73  PRO B N   1 
ATOM   1388 C CA  . PRO B 1 73  ? -4.704  -5.777  -2.177  1.00 43.76 ? 73  PRO B CA  1 
ATOM   1389 C C   . PRO B 1 73  ? -4.490  -4.413  -2.832  1.00 44.59 ? 73  PRO B C   1 
ATOM   1390 O O   . PRO B 1 73  ? -4.971  -4.157  -3.935  1.00 44.70 ? 73  PRO B O   1 
ATOM   1391 C CB  . PRO B 1 73  ? -3.630  -6.766  -2.621  1.00 43.44 ? 73  PRO B CB  1 
ATOM   1392 C CG  . PRO B 1 73  ? -4.327  -8.061  -2.657  1.00 42.89 ? 73  PRO B CG  1 
ATOM   1393 C CD  . PRO B 1 73  ? -5.719  -7.777  -3.125  1.00 43.03 ? 73  PRO B CD  1 
ATOM   1394 N N   . CYS B 1 74  ? -3.783  -3.531  -2.155  1.00 45.64 ? 74  CYS B N   1 
ATOM   1395 C CA  . CYS B 1 74  ? -3.702  -2.170  -2.624  1.00 47.15 ? 74  CYS B CA  1 
ATOM   1396 C C   . CYS B 1 74  ? -2.503  -1.982  -3.534  1.00 46.36 ? 74  CYS B C   1 
ATOM   1397 O O   . CYS B 1 74  ? -1.463  -2.589  -3.319  1.00 46.15 ? 74  CYS B O   1 
ATOM   1398 C CB  . CYS B 1 74  ? -3.637  -1.225  -1.434  1.00 47.87 ? 74  CYS B CB  1 
ATOM   1399 S SG  . CYS B 1 74  ? -4.903  0.056   -1.522  1.00 54.31 ? 74  CYS B SG  1 
ATOM   1400 N N   . CYS B 1 75  ? -2.673  -1.162  -4.563  1.00 46.13 ? 75  CYS B N   1 
ATOM   1401 C CA  . CYS B 1 75  ? -1.584  -0.790  -5.448  1.00 46.06 ? 75  CYS B CA  1 
ATOM   1402 C C   . CYS B 1 75  ? -0.804  0.399   -4.856  1.00 45.90 ? 75  CYS B C   1 
ATOM   1403 O O   . CYS B 1 75  ? -1.265  1.522   -4.879  1.00 46.34 ? 75  CYS B O   1 
ATOM   1404 C CB  . CYS B 1 75  ? -2.125  -0.502  -6.851  1.00 45.80 ? 75  CYS B CB  1 
ATOM   1405 S SG  . CYS B 1 75  ? -0.844  -0.206  -8.117  1.00 46.46 ? 75  CYS B SG  1 
ATOM   1406 N N   . VAL B 1 76  ? 0.372   0.122   -4.300  1.00 46.26 ? 76  VAL B N   1 
ATOM   1407 C CA  . VAL B 1 76  ? 1.164   1.111   -3.558  1.00 46.31 ? 76  VAL B CA  1 
ATOM   1408 C C   . VAL B 1 76  ? 2.558   1.252   -4.123  1.00 46.54 ? 76  VAL B C   1 
ATOM   1409 O O   . VAL B 1 76  ? 3.029   0.332   -4.788  1.00 46.12 ? 76  VAL B O   1 
ATOM   1410 C CB  . VAL B 1 76  ? 1.306   0.751   -2.047  1.00 46.26 ? 76  VAL B CB  1 
ATOM   1411 C CG1 . VAL B 1 76  ? 0.008   0.989   -1.347  1.00 47.29 ? 76  VAL B CG1 1 
ATOM   1412 C CG2 . VAL B 1 76  ? 1.805   -0.688  -1.840  1.00 45.56 ? 76  VAL B CG2 1 
ATOM   1413 N N   . PRO B 1 77  ? 3.226   2.408   -3.860  1.00 47.23 ? 77  PRO B N   1 
ATOM   1414 C CA  . PRO B 1 77  ? 4.620   2.624   -4.246  1.00 47.82 ? 77  PRO B CA  1 
ATOM   1415 C C   . PRO B 1 77  ? 5.583   1.638   -3.591  1.00 48.90 ? 77  PRO B C   1 
ATOM   1416 O O   . PRO B 1 77  ? 5.641   1.559   -2.365  1.00 49.65 ? 77  PRO B O   1 
ATOM   1417 C CB  . PRO B 1 77  ? 4.895   4.049   -3.759  1.00 47.24 ? 77  PRO B CB  1 
ATOM   1418 C CG  . PRO B 1 77  ? 3.573   4.690   -3.689  1.00 46.88 ? 77  PRO B CG  1 
ATOM   1419 C CD  . PRO B 1 77  ? 2.667   3.616   -3.221  1.00 47.08 ? 77  PRO B CD  1 
ATOM   1420 N N   . GLU B 1 78  ? 6.301   0.880   -4.414  1.00 49.96 ? 78  GLU B N   1 
ATOM   1421 C CA  . GLU B 1 78  ? 7.364   0.017   -3.950  1.00 51.43 ? 78  GLU B CA  1 
ATOM   1422 C C   . GLU B 1 78  ? 8.644   0.865   -3.886  1.00 51.89 ? 78  GLU B C   1 
ATOM   1423 O O   . GLU B 1 78  ? 8.975   1.369   -2.819  1.00 53.21 ? 78  GLU B O   1 
ATOM   1424 C CB  . GLU B 1 78  ? 7.485   -1.217  -4.841  1.00 51.87 ? 78  GLU B CB  1 
ATOM   1425 C CG  . GLU B 1 78  ? 8.745   -2.078  -4.651  1.00 56.32 ? 78  GLU B CG  1 
ATOM   1426 C CD  . GLU B 1 78  ? 8.730   -2.947  -3.387  1.00 62.22 ? 78  GLU B CD  1 
ATOM   1427 O OE1 . GLU B 1 78  ? 8.473   -2.415  -2.280  1.00 64.27 ? 78  GLU B OE1 1 
ATOM   1428 O OE2 . GLU B 1 78  ? 9.004   -4.172  -3.498  1.00 64.41 ? 78  GLU B OE2 1 
ATOM   1429 N N   . LYS B 1 79  ? 9.334   1.080   -5.004  1.00 51.54 ? 79  LYS B N   1 
ATOM   1430 C CA  . LYS B 1 79  ? 10.484  1.983   -5.009  1.00 51.54 ? 79  LYS B CA  1 
ATOM   1431 C C   . LYS B 1 79  ? 10.062  3.461   -5.122  1.00 50.58 ? 79  LYS B C   1 
ATOM   1432 O O   . LYS B 1 79  ? 9.120   3.805   -5.838  1.00 49.52 ? 79  LYS B O   1 
ATOM   1433 C CB  . LYS B 1 79  ? 11.511  1.591   -6.080  1.00 51.73 ? 79  LYS B CB  1 
ATOM   1434 C CG  . LYS B 1 79  ? 12.321  0.321   -5.716  1.00 54.07 ? 79  LYS B CG  1 
ATOM   1435 C CD  . LYS B 1 79  ? 13.386  -0.057  -6.770  1.00 53.62 ? 79  LYS B CD  1 
ATOM   1436 C CE  . LYS B 1 79  ? 14.285  -1.225  -6.280  1.00 55.60 ? 79  LYS B CE  1 
ATOM   1437 N NZ  . LYS B 1 79  ? 15.523  -1.455  -7.146  1.00 56.49 ? 79  LYS B NZ  1 
ATOM   1438 N N   . MET B 1 80  ? 10.756  4.309   -4.371  1.00 50.15 ? 80  MET B N   1 
ATOM   1439 C CA  . MET B 1 80  ? 10.528  5.750   -4.348  1.00 50.55 ? 80  MET B CA  1 
ATOM   1440 C C   . MET B 1 80  ? 11.832  6.525   -4.515  1.00 49.68 ? 80  MET B C   1 
ATOM   1441 O O   . MET B 1 80  ? 12.921  5.972   -4.365  1.00 49.53 ? 80  MET B O   1 
ATOM   1442 C CB  . MET B 1 80  ? 9.823   6.155   -3.061  1.00 50.50 ? 80  MET B CB  1 
ATOM   1443 C CG  . MET B 1 80  ? 8.571   5.353   -2.807  1.00 50.83 ? 80  MET B CG  1 
ATOM   1444 S SD  . MET B 1 80  ? 7.319   6.255   -1.912  1.00 54.28 ? 80  MET B SD  1 
ATOM   1445 C CE  . MET B 1 80  ? 6.644   7.271   -3.197  1.00 49.99 ? 80  MET B CE  1 
ATOM   1446 N N   . SER B 1 81  ? 11.727  7.795   -4.893  1.00 49.08 ? 81  SER B N   1 
ATOM   1447 C CA  . SER B 1 81  ? 12.893  8.660   -4.895  1.00 47.87 ? 81  SER B CA  1 
ATOM   1448 C C   . SER B 1 81  ? 12.616  9.984   -4.189  1.00 47.03 ? 81  SER B C   1 
ATOM   1449 O O   . SER B 1 81  ? 11.473  10.343  -3.927  1.00 45.76 ? 81  SER B O   1 
ATOM   1450 C CB  . SER B 1 81  ? 13.503  8.812   -6.299  1.00 48.35 ? 81  SER B CB  1 
ATOM   1451 O OG  . SER B 1 81  ? 12.645  9.463   -7.210  1.00 49.41 ? 81  SER B OG  1 
ATOM   1452 N N   . SER B 1 82  ? 13.688  10.671  -3.834  1.00 46.92 ? 82  SER B N   1 
ATOM   1453 C CA  . SER B 1 82  ? 13.609  11.858  -3.002  1.00 47.18 ? 82  SER B CA  1 
ATOM   1454 C C   . SER B 1 82  ? 13.633  13.124  -3.842  1.00 46.51 ? 82  SER B C   1 
ATOM   1455 O O   . SER B 1 82  ? 13.767  13.053  -5.062  1.00 46.47 ? 82  SER B O   1 
ATOM   1456 C CB  . SER B 1 82  ? 14.765  11.852  -2.002  1.00 47.23 ? 82  SER B CB  1 
ATOM   1457 O OG  . SER B 1 82  ? 15.982  12.098  -2.672  1.00 50.33 ? 82  SER B OG  1 
ATOM   1458 N N   . LEU B 1 83  ? 13.493  14.278  -3.200  1.00 31.29 ? 83  LEU B N   1 
ATOM   1459 C CA  . LEU B 1 83  ? 13.232  15.514  -3.926  1.00 43.28 ? 83  LEU B CA  1 
ATOM   1460 C C   . LEU B 1 83  ? 13.882  16.707  -3.239  1.00 43.36 ? 83  LEU B C   1 
ATOM   1461 O O   . LEU B 1 83  ? 13.428  17.146  -2.181  1.00 43.55 ? 83  LEU B O   1 
ATOM   1462 C CB  . LEU B 1 83  ? 11.726  15.746  -4.068  1.00 42.73 ? 83  LEU B CB  1 
ATOM   1463 C CG  . LEU B 1 83  ? 11.301  16.905  -4.972  1.00 42.62 ? 83  LEU B CG  1 
ATOM   1464 C CD1 . LEU B 1 83  ? 11.229  16.455  -6.423  1.00 42.16 ? 83  LEU B CD1 1 
ATOM   1465 C CD2 . LEU B 1 83  ? 9.968   17.479  -4.517  1.00 42.78 ? 83  LEU B CD2 1 
ATOM   1466 N N   . SER B 1 84  ? 14.944  17.233  -3.840  1.00 43.46 ? 84  SER B N   1 
ATOM   1467 C CA  . SER B 1 84  ? 15.673  18.350  -3.232  1.00 43.44 ? 84  SER B CA  1 
ATOM   1468 C C   . SER B 1 84  ? 14.849  19.610  -3.374  1.00 42.96 ? 84  SER B C   1 
ATOM   1469 O O   . SER B 1 84  ? 14.457  19.972  -4.479  1.00 43.75 ? 84  SER B O   1 
ATOM   1470 C CB  . SER B 1 84  ? 17.036  18.528  -3.888  1.00 43.03 ? 84  SER B CB  1 
ATOM   1471 O OG  . SER B 1 84  ? 17.796  17.357  -3.667  1.00 44.99 ? 84  SER B OG  1 
ATOM   1472 N N   . ILE B 1 85  ? 14.571  20.255  -2.246  1.00 42.27 ? 85  ILE B N   1 
ATOM   1473 C CA  . ILE B 1 85  ? 13.748  21.448  -2.210  1.00 41.75 ? 85  ILE B CA  1 
ATOM   1474 C C   . ILE B 1 85  ? 14.537  22.601  -1.586  1.00 41.34 ? 85  ILE B C   1 
ATOM   1475 O O   . ILE B 1 85  ? 15.083  22.457  -0.497  1.00 41.52 ? 85  ILE B O   1 
ATOM   1476 C CB  . ILE B 1 85  ? 12.433  21.193  -1.408  1.00 41.50 ? 85  ILE B CB  1 
ATOM   1477 C CG1 . ILE B 1 85  ? 11.655  20.028  -2.030  1.00 42.14 ? 85  ILE B CG1 1 
ATOM   1478 C CG2 . ILE B 1 85  ? 11.576  22.457  -1.339  1.00 40.94 ? 85  ILE B CG2 1 
ATOM   1479 C CD1 . ILE B 1 85  ? 10.440  19.565  -1.239  1.00 41.68 ? 85  ILE B CD1 1 
ATOM   1480 N N   . LEU B 1 86  ? 14.599  23.729  -2.289  1.00 40.92 ? 86  LEU B N   1 
ATOM   1481 C CA  . LEU B 1 86  ? 15.057  24.987  -1.724  1.00 40.32 ? 86  LEU B CA  1 
ATOM   1482 C C   . LEU B 1 86  ? 13.838  25.747  -1.181  1.00 39.94 ? 86  LEU B C   1 
ATOM   1483 O O   . LEU B 1 86  ? 12.876  25.937  -1.898  1.00 39.55 ? 86  LEU B O   1 
ATOM   1484 C CB  . LEU B 1 86  ? 15.761  25.814  -2.804  1.00 40.54 ? 86  LEU B CB  1 
ATOM   1485 C CG  . LEU B 1 86  ? 16.543  27.028  -2.312  1.00 39.00 ? 86  LEU B CG  1 
ATOM   1486 C CD1 . LEU B 1 86  ? 17.749  26.621  -1.448  1.00 38.35 ? 86  LEU B CD1 1 
ATOM   1487 C CD2 . LEU B 1 86  ? 16.964  27.853  -3.500  1.00 41.02 ? 86  LEU B CD2 1 
ATOM   1488 N N   . PHE B 1 87  ? 13.880  26.166  0.081   1.00 40.01 ? 87  PHE B N   1 
ATOM   1489 C CA  . PHE B 1 87  ? 12.722  26.782  0.719   1.00 40.07 ? 87  PHE B CA  1 
ATOM   1490 C C   . PHE B 1 87  ? 13.062  27.728  1.874   1.00 40.40 ? 87  PHE B C   1 
ATOM   1491 O O   . PHE B 1 87  ? 14.210  27.824  2.284   1.00 39.89 ? 87  PHE B O   1 
ATOM   1492 C CB  . PHE B 1 87  ? 11.708  25.708  1.164   1.00 40.53 ? 87  PHE B CB  1 
ATOM   1493 C CG  . PHE B 1 87  ? 12.176  24.858  2.305   1.00 40.37 ? 87  PHE B CG  1 
ATOM   1494 C CD1 . PHE B 1 87  ? 12.995  23.764  2.082   1.00 41.71 ? 87  PHE B CD1 1 
ATOM   1495 C CD2 . PHE B 1 87  ? 11.779  25.143  3.604   1.00 41.14 ? 87  PHE B CD2 1 
ATOM   1496 C CE1 . PHE B 1 87  ? 13.440  22.986  3.145   1.00 42.82 ? 87  PHE B CE1 1 
ATOM   1497 C CE2 . PHE B 1 87  ? 12.207  24.383  4.664   1.00 40.65 ? 87  PHE B CE2 1 
ATOM   1498 C CZ  . PHE B 1 87  ? 13.039  23.300  4.442   1.00 42.65 ? 87  PHE B CZ  1 
ATOM   1499 N N   . PHE B 1 88  ? 12.036  28.436  2.368   1.00 40.98 ? 88  PHE B N   1 
ATOM   1500 C CA  . PHE B 1 88  ? 12.131  29.347  3.509   1.00 41.18 ? 88  PHE B CA  1 
ATOM   1501 C C   . PHE B 1 88  ? 11.578  28.661  4.747   1.00 42.17 ? 88  PHE B C   1 
ATOM   1502 O O   . PHE B 1 88  ? 10.440  28.187  4.757   1.00 42.70 ? 88  PHE B O   1 
ATOM   1503 C CB  . PHE B 1 88  ? 11.304  30.631  3.300   1.00 40.34 ? 88  PHE B CB  1 
ATOM   1504 C CG  . PHE B 1 88  ? 11.879  31.607  2.306   1.00 39.42 ? 88  PHE B CG  1 
ATOM   1505 C CD1 . PHE B 1 88  ? 13.087  32.244  2.539   1.00 38.86 ? 88  PHE B CD1 1 
ATOM   1506 C CD2 . PHE B 1 88  ? 11.176  31.929  1.152   1.00 38.93 ? 88  PHE B CD2 1 
ATOM   1507 C CE1 . PHE B 1 88  ? 13.605  33.176  1.621   1.00 38.40 ? 88  PHE B CE1 1 
ATOM   1508 C CE2 . PHE B 1 88  ? 11.687  32.844  0.232   1.00 38.64 ? 88  PHE B CE2 1 
ATOM   1509 C CZ  . PHE B 1 88  ? 12.901  33.473  0.471   1.00 38.81 ? 88  PHE B CZ  1 
ATOM   1510 N N   . ASP B 1 89  ? 12.403  28.617  5.782   1.00 43.40 ? 89  ASP B N   1 
ATOM   1511 C CA  . ASP B 1 89  ? 12.001  28.344  7.153   1.00 44.77 ? 89  ASP B CA  1 
ATOM   1512 C C   . ASP B 1 89  ? 10.832  29.174  7.636   1.00 45.46 ? 89  ASP B C   1 
ATOM   1513 O O   . ASP B 1 89  ? 10.527  30.227  7.068   1.00 45.64 ? 89  ASP B O   1 
ATOM   1514 C CB  . ASP B 1 89  ? 13.148  28.777  8.060   1.00 45.26 ? 89  ASP B CB  1 
ATOM   1515 C CG  . ASP B 1 89  ? 13.919  27.637  8.573   1.00 46.45 ? 89  ASP B CG  1 
ATOM   1516 O OD1 . ASP B 1 89  ? 13.556  26.496  8.222   1.00 50.36 ? 89  ASP B OD1 1 
ATOM   1517 O OD2 . ASP B 1 89  ? 14.868  27.881  9.338   1.00 47.78 ? 89  ASP B OD2 1 
ATOM   1518 N N   . GLU B 1 90  ? 10.235  28.729  8.744   1.00 46.05 ? 90  GLU B N   1 
ATOM   1519 C CA  . GLU B 1 90  ? 9.308   29.540  9.532   1.00 47.18 ? 90  GLU B CA  1 
ATOM   1520 C C   . GLU B 1 90  ? 9.972   30.836  10.020  1.00 46.48 ? 90  GLU B C   1 
ATOM   1521 O O   . GLU B 1 90  ? 9.280   31.778  10.397  1.00 46.79 ? 90  GLU B O   1 
ATOM   1522 C CB  . GLU B 1 90  ? 8.761   28.734  10.728  1.00 47.43 ? 90  GLU B CB  1 
ATOM   1523 C CG  . GLU B 1 90  ? 9.824   28.379  11.804  1.00 49.45 ? 90  GLU B CG  1 
ATOM   1524 C CD  . GLU B 1 90  ? 9.234   27.861  13.127  1.00 49.72 ? 90  GLU B CD  1 
ATOM   1525 O OE1 . GLU B 1 90  ? 8.543   26.816  13.111  1.00 53.64 ? 90  GLU B OE1 1 
ATOM   1526 O OE2 . GLU B 1 90  ? 9.479   28.487  14.192  1.00 52.84 ? 90  GLU B OE2 1 
ATOM   1527 N N   . ASN B 1 91  ? 11.307  30.871  10.014  1.00 45.92 ? 91  ASN B N   1 
ATOM   1528 C CA  . ASN B 1 91  ? 12.078  32.058  10.426  1.00 45.26 ? 91  ASN B CA  1 
ATOM   1529 C C   . ASN B 1 91  ? 12.730  32.815  9.276   1.00 44.50 ? 91  ASN B C   1 
ATOM   1530 O O   . ASN B 1 91  ? 13.527  33.720  9.507   1.00 44.67 ? 91  ASN B O   1 
ATOM   1531 C CB  . ASN B 1 91  ? 13.167  31.682  11.429  1.00 45.28 ? 91  ASN B CB  1 
ATOM   1532 C CG  . ASN B 1 91  ? 12.614  31.321  12.779  1.00 45.89 ? 91  ASN B CG  1 
ATOM   1533 O OD1 . ASN B 1 91  ? 12.629  30.151  13.166  1.00 47.17 ? 91  ASN B OD1 1 
ATOM   1534 N ND2 . ASN B 1 91  ? 12.120  32.318  13.509  1.00 45.22 ? 91  ASN B ND2 1 
ATOM   1535 N N   . LYS B 1 92  ? 12.393  32.431  8.048   1.00 43.71 ? 92  LYS B N   1 
ATOM   1536 C CA  . LYS B 1 92  ? 12.933  33.044  6.826   1.00 43.17 ? 92  LYS B CA  1 
ATOM   1537 C C   . LYS B 1 92  ? 14.425  32.770  6.526   1.00 42.03 ? 92  LYS B C   1 
ATOM   1538 O O   . LYS B 1 92  ? 15.055  33.510  5.781   1.00 41.18 ? 92  LYS B O   1 
ATOM   1539 C CB  . LYS B 1 92  ? 12.575  34.541  6.740   1.00 43.66 ? 92  LYS B CB  1 
ATOM   1540 C CG  . LYS B 1 92  ? 11.180  34.817  6.181   1.00 45.90 ? 92  LYS B CG  1 
ATOM   1541 C CD  . LYS B 1 92  ? 11.197  34.802  4.652   1.00 49.23 ? 92  LYS B CD  1 
ATOM   1542 C CE  . LYS B 1 92  ? 9.990   35.515  4.064   1.00 51.80 ? 92  LYS B CE  1 
ATOM   1543 N NZ  . LYS B 1 92  ? 10.336  36.182  2.771   1.00 53.18 ? 92  LYS B NZ  1 
ATOM   1544 N N   . ASN B 1 93  ? 14.965  31.704  7.119   1.00 41.58 ? 93  ASN B N   1 
ATOM   1545 C CA  . ASN B 1 93  ? 16.238  31.106  6.699   1.00 40.92 ? 93  ASN B CA  1 
ATOM   1546 C C   . ASN B 1 93  ? 16.000  30.327  5.415   1.00 40.93 ? 93  ASN B C   1 
ATOM   1547 O O   . ASN B 1 93  ? 15.010  29.608  5.309   1.00 40.58 ? 93  ASN B O   1 
ATOM   1548 C CB  . ASN B 1 93  ? 16.769  30.111  7.745   1.00 40.64 ? 93  ASN B CB  1 
ATOM   1549 C CG  . ASN B 1 93  ? 17.096  30.750  9.074   1.00 39.79 ? 93  ASN B CG  1 
ATOM   1550 O OD1 . ASN B 1 93  ? 17.958  31.611  9.175   1.00 39.60 ? 93  ASN B OD1 1 
ATOM   1551 N ND2 . ASN B 1 93  ? 16.434  30.289  10.116  1.00 39.65 ? 93  ASN B ND2 1 
ATOM   1552 N N   . VAL B 1 94  ? 16.922  30.455  4.461   1.00 41.18 ? 94  VAL B N   1 
ATOM   1553 C CA  . VAL B 1 94  ? 16.911  29.683  3.212   1.00 41.50 ? 94  VAL B CA  1 
ATOM   1554 C C   . VAL B 1 94  ? 17.540  28.298  3.470   1.00 42.01 ? 94  VAL B C   1 
ATOM   1555 O O   . VAL B 1 94  ? 18.670  28.204  3.943   1.00 42.87 ? 94  VAL B O   1 
ATOM   1556 C CB  . VAL B 1 94  ? 17.643  30.454  2.071   1.00 41.88 ? 94  VAL B CB  1 
ATOM   1557 C CG1 . VAL B 1 94  ? 17.655  29.656  0.764   1.00 41.37 ? 94  VAL B CG1 1 
ATOM   1558 C CG2 . VAL B 1 94  ? 17.005  31.818  1.846   1.00 40.51 ? 94  VAL B CG2 1 
ATOM   1559 N N   . VAL B 1 95  ? 16.786  27.234  3.192   1.00 41.60 ? 95  VAL B N   1 
ATOM   1560 C CA  . VAL B 1 95  ? 17.173  25.863  3.516   1.00 41.10 ? 95  VAL B CA  1 
ATOM   1561 C C   . VAL B 1 95  ? 17.163  25.020  2.235   1.00 41.13 ? 95  VAL B C   1 
ATOM   1562 O O   . VAL B 1 95  ? 16.330  25.208  1.358   1.00 41.05 ? 95  VAL B O   1 
ATOM   1563 C CB  . VAL B 1 95  ? 16.189  25.234  4.564   1.00 41.00 ? 95  VAL B CB  1 
ATOM   1564 C CG1 . VAL B 1 95  ? 16.618  23.817  5.005   1.00 40.57 ? 95  VAL B CG1 1 
ATOM   1565 C CG2 . VAL B 1 95  ? 16.037  26.122  5.778   1.00 40.59 ? 95  VAL B CG2 1 
ATOM   1566 N N   . LEU B 1 96  ? 18.111  24.101  2.127   1.00 41.89 ? 96  LEU B N   1 
ATOM   1567 C CA  . LEU B 1 96  ? 18.124  23.120  1.049   1.00 41.62 ? 96  LEU B CA  1 
ATOM   1568 C C   . LEU B 1 96  ? 18.070  21.740  1.682   1.00 41.19 ? 96  LEU B C   1 
ATOM   1569 O O   . LEU B 1 96  ? 18.943  21.369  2.429   1.00 40.71 ? 96  LEU B O   1 
ATOM   1570 C CB  . LEU B 1 96  ? 19.366  23.300  0.165   1.00 41.86 ? 96  LEU B CB  1 
ATOM   1571 C CG  . LEU B 1 96  ? 19.563  22.340  -1.021  1.00 42.63 ? 96  LEU B CG  1 
ATOM   1572 C CD1 . LEU B 1 96  ? 18.392  22.403  -2.027  1.00 41.62 ? 96  LEU B CD1 1 
ATOM   1573 C CD2 . LEU B 1 96  ? 20.889  22.621  -1.718  1.00 41.42 ? 96  LEU B CD2 1 
ATOM   1574 N N   . LYS B 1 97  ? 17.018  20.993  1.385   1.00 41.74 ? 97  LYS B N   1 
ATOM   1575 C CA  . LYS B 1 97  ? 16.760  19.733  2.033   1.00 42.13 ? 97  LYS B CA  1 
ATOM   1576 C C   . LYS B 1 97  ? 16.339  18.681  1.011   1.00 42.98 ? 97  LYS B C   1 
ATOM   1577 O O   . LYS B 1 97  ? 15.560  18.958  0.112   1.00 43.51 ? 97  LYS B O   1 
ATOM   1578 C CB  . LYS B 1 97  ? 15.675  19.920  3.088   1.00 41.83 ? 97  LYS B CB  1 
ATOM   1579 C CG  . LYS B 1 97  ? 15.357  18.661  3.860   1.00 42.84 ? 97  LYS B CG  1 
ATOM   1580 C CD  . LYS B 1 97  ? 14.670  18.961  5.167   1.00 44.16 ? 97  LYS B CD  1 
ATOM   1581 C CE  . LYS B 1 97  ? 13.971  17.732  5.679   1.00 46.68 ? 97  LYS B CE  1 
ATOM   1582 N NZ  . LYS B 1 97  ? 13.537  17.976  7.081   1.00 49.57 ? 97  LYS B NZ  1 
ATOM   1583 N N   . VAL B 1 98  ? 16.875  17.477  1.148   1.00 43.68 ? 98  VAL B N   1 
ATOM   1584 C CA  . VAL B 1 98  ? 16.469  16.345  0.330   1.00 44.16 ? 98  VAL B CA  1 
ATOM   1585 C C   . VAL B 1 98  ? 15.326  15.678  1.058   1.00 44.40 ? 98  VAL B C   1 
ATOM   1586 O O   . VAL B 1 98  ? 15.501  15.200  2.164   1.00 44.85 ? 98  VAL B O   1 
ATOM   1587 C CB  . VAL B 1 98  ? 17.629  15.348  0.158   1.00 44.21 ? 98  VAL B CB  1 
ATOM   1588 C CG1 . VAL B 1 98  ? 17.194  14.183  -0.705  1.00 44.49 ? 98  VAL B CG1 1 
ATOM   1589 C CG2 . VAL B 1 98  ? 18.849  16.042  -0.454  1.00 43.38 ? 98  VAL B CG2 1 
ATOM   1590 N N   . TYR B 1 99  ? 14.147  15.682  0.457   1.00 45.40 ? 99  TYR B N   1 
ATOM   1591 C CA  . TYR B 1 99  ? 12.979  15.041  1.055   1.00 45.97 ? 99  TYR B CA  1 
ATOM   1592 C C   . TYR B 1 99  ? 12.811  13.627  0.518   1.00 45.69 ? 99  TYR B C   1 
ATOM   1593 O O   . TYR B 1 99  ? 12.738  13.439  -0.694  1.00 45.64 ? 99  TYR B O   1 
ATOM   1594 C CB  . TYR B 1 99  ? 11.722  15.848  0.755   1.00 46.84 ? 99  TYR B CB  1 
ATOM   1595 C CG  . TYR B 1 99  ? 11.523  17.017  1.670   1.00 47.53 ? 99  TYR B CG  1 
ATOM   1596 C CD1 . TYR B 1 99  ? 12.093  18.260  1.381   1.00 48.94 ? 99  TYR B CD1 1 
ATOM   1597 C CD2 . TYR B 1 99  ? 10.764  16.893  2.825   1.00 48.43 ? 99  TYR B CD2 1 
ATOM   1598 C CE1 . TYR B 1 99  ? 11.911  19.359  2.220   1.00 47.42 ? 99  TYR B CE1 1 
ATOM   1599 C CE2 . TYR B 1 99  ? 10.571  17.986  3.671   1.00 49.10 ? 99  TYR B CE2 1 
ATOM   1600 C CZ  . TYR B 1 99  ? 11.148  19.212  3.358   1.00 48.24 ? 99  TYR B CZ  1 
ATOM   1601 O OH  . TYR B 1 99  ? 10.961  20.288  4.201   1.00 50.04 ? 99  TYR B OH  1 
ATOM   1602 N N   . PRO B 1 100 ? 12.728  12.628  1.416   1.00 45.68 ? 100 PRO B N   1 
ATOM   1603 C CA  . PRO B 1 100 ? 12.617  11.252  0.966   1.00 45.64 ? 100 PRO B CA  1 
ATOM   1604 C C   . PRO B 1 100 ? 11.191  10.914  0.523   1.00 45.38 ? 100 PRO B C   1 
ATOM   1605 O O   . PRO B 1 100 ? 10.249  11.598  0.914   1.00 45.53 ? 100 PRO B O   1 
ATOM   1606 C CB  . PRO B 1 100 ? 12.993  10.461  2.220   1.00 45.84 ? 100 PRO B CB  1 
ATOM   1607 C CG  . PRO B 1 100 ? 12.478  11.310  3.333   1.00 45.83 ? 100 PRO B CG  1 
ATOM   1608 C CD  . PRO B 1 100 ? 12.702  12.724  2.890   1.00 45.67 ? 100 PRO B CD  1 
ATOM   1609 N N   . ASN B 1 101 ? 11.056  9.873   -0.295  1.00 45.18 ? 101 ASN B N   1 
ATOM   1610 C CA  . ASN B 1 101 ? 9.760   9.302   -0.680  1.00 44.79 ? 101 ASN B CA  1 
ATOM   1611 C C   . ASN B 1 101 ? 8.801   10.301  -1.281  1.00 44.28 ? 101 ASN B C   1 
ATOM   1612 O O   . ASN B 1 101 ? 7.660   10.444  -0.814  1.00 44.79 ? 101 ASN B O   1 
ATOM   1613 C CB  . ASN B 1 101 ? 9.085   8.566   0.491   1.00 44.99 ? 101 ASN B CB  1 
ATOM   1614 C CG  . ASN B 1 101 ? 10.018  7.593   1.199   1.00 45.47 ? 101 ASN B CG  1 
ATOM   1615 O OD1 . ASN B 1 101 ? 10.118  7.615   2.424   1.00 47.45 ? 101 ASN B OD1 1 
ATOM   1616 N ND2 . ASN B 1 101 ? 10.716  6.755   0.440   1.00 45.23 ? 101 ASN B ND2 1 
ATOM   1617 N N   . MET B 1 102 ? 9.257   10.975  -2.334  1.00 43.61 ? 102 MET B N   1 
ATOM   1618 C CA  . MET B 1 102 ? 8.464   11.999  -2.991  1.00 42.77 ? 102 MET B CA  1 
ATOM   1619 C C   . MET B 1 102 ? 7.899   11.566  -4.332  1.00 42.34 ? 102 MET B C   1 
ATOM   1620 O O   . MET B 1 102 ? 6.802   11.978  -4.709  1.00 41.78 ? 102 MET B O   1 
ATOM   1621 C CB  . MET B 1 102 ? 9.300   13.267  -3.172  1.00 43.06 ? 102 MET B CB  1 
ATOM   1622 C CG  . MET B 1 102 ? 9.741   13.896  -1.858  1.00 43.60 ? 102 MET B CG  1 
ATOM   1623 S SD  . MET B 1 102 ? 8.441   14.791  -1.002  1.00 45.64 ? 102 MET B SD  1 
ATOM   1624 C CE  . MET B 1 102 ? 8.228   16.224  -2.055  1.00 45.39 ? 102 MET B CE  1 
ATOM   1625 N N   . THR B 1 103 ? 8.667   10.753  -5.048  1.00 42.05 ? 103 THR B N   1 
ATOM   1626 C CA  . THR B 1 103 ? 8.372   10.333  -6.433  1.00 42.04 ? 103 THR B CA  1 
ATOM   1627 C C   . THR B 1 103 ? 8.244   8.805   -6.450  1.00 41.69 ? 103 THR B C   1 
ATOM   1628 O O   . THR B 1 103 ? 9.126   8.111   -5.983  1.00 41.22 ? 103 THR B O   1 
ATOM   1629 C CB  . THR B 1 103 ? 9.519   10.779  -7.405  1.00 41.76 ? 103 THR B CB  1 
ATOM   1630 O OG1 . THR B 1 103 ? 9.527   12.209  -7.521  1.00 44.07 ? 103 THR B OG1 1 
ATOM   1631 C CG2 . THR B 1 103 ? 9.384   10.172  -8.805  1.00 41.48 ? 103 THR B CG2 1 
ATOM   1632 N N   . VAL B 1 104 ? 7.138   8.293   -6.979  1.00 41.46 ? 104 VAL B N   1 
ATOM   1633 C CA  . VAL B 1 104 ? 6.964   6.856   -7.175  1.00 40.68 ? 104 VAL B CA  1 
ATOM   1634 C C   . VAL B 1 104 ? 7.824   6.432   -8.353  1.00 40.69 ? 104 VAL B C   1 
ATOM   1635 O O   . VAL B 1 104 ? 7.722   6.994   -9.436  1.00 41.07 ? 104 VAL B O   1 
ATOM   1636 C CB  . VAL B 1 104 ? 5.473   6.490   -7.448  1.00 40.21 ? 104 VAL B CB  1 
ATOM   1637 C CG1 . VAL B 1 104 ? 5.295   4.993   -7.614  1.00 39.88 ? 104 VAL B CG1 1 
ATOM   1638 C CG2 . VAL B 1 104 ? 4.601   6.987   -6.316  1.00 39.51 ? 104 VAL B CG2 1 
ATOM   1639 N N   . GLU B 1 105 ? 8.685   5.446   -8.128  1.00 40.76 ? 105 GLU B N   1 
ATOM   1640 C CA  . GLU B 1 105 ? 9.453   4.817   -9.198  1.00 40.30 ? 105 GLU B CA  1 
ATOM   1641 C C   . GLU B 1 105 ? 8.833   3.491   -9.646  1.00 40.51 ? 105 GLU B C   1 
ATOM   1642 O O   . GLU B 1 105 ? 8.878   3.175   -10.821 1.00 40.29 ? 105 GLU B O   1 
ATOM   1643 C CB  . GLU B 1 105 ? 10.925  4.621   -8.801  1.00 40.36 ? 105 GLU B CB  1 
ATOM   1644 C CG  . GLU B 1 105 ? 11.750  5.920   -8.571  1.00 41.66 ? 105 GLU B CG  1 
ATOM   1645 C CD  . GLU B 1 105 ? 11.838  6.886   -9.789  1.00 42.81 ? 105 GLU B CD  1 
ATOM   1646 O OE1 . GLU B 1 105 ? 11.998  8.111   -9.558  1.00 46.18 ? 105 GLU B OE1 1 
ATOM   1647 O OE2 . GLU B 1 105 ? 11.757  6.453   -10.961 1.00 41.83 ? 105 GLU B OE2 1 
ATOM   1648 N N   . SER B 1 106 ? 8.264   2.717   -8.715  1.00 41.14 ? 106 SER B N   1 
ATOM   1649 C CA  . SER B 1 106 ? 7.569   1.455   -9.051  1.00 41.74 ? 106 SER B CA  1 
ATOM   1650 C C   . SER B 1 106 ? 6.465   1.116   -8.066  1.00 41.89 ? 106 SER B C   1 
ATOM   1651 O O   . SER B 1 106 ? 6.447   1.626   -6.954  1.00 41.59 ? 106 SER B O   1 
ATOM   1652 C CB  . SER B 1 106 ? 8.541   0.280   -9.167  1.00 41.87 ? 106 SER B CB  1 
ATOM   1653 O OG  . SER B 1 106 ? 9.046   -0.080  -7.901  1.00 43.43 ? 106 SER B OG  1 
ATOM   1654 N N   . CYS B 1 107 ? 5.526   0.277   -8.499  1.00 42.43 ? 107 CYS B N   1 
ATOM   1655 C CA  . CYS B 1 107 ? 4.355   -0.055  -7.695  1.00 43.36 ? 107 CYS B CA  1 
ATOM   1656 C C   . CYS B 1 107 ? 4.305   -1.565  -7.443  1.00 42.93 ? 107 CYS B C   1 
ATOM   1657 O O   . CYS B 1 107 ? 4.828   -2.341  -8.228  1.00 42.89 ? 107 CYS B O   1 
ATOM   1658 C CB  . CYS B 1 107 ? 3.060   0.438   -8.361  1.00 43.08 ? 107 CYS B CB  1 
ATOM   1659 S SG  . CYS B 1 107 ? 2.977   2.253   -8.706  1.00 47.58 ? 107 CYS B SG  1 
ATOM   1660 N N   . ALA B 1 108 ? 3.691   -1.963  -6.335  1.00 43.04 ? 108 ALA B N   1 
ATOM   1661 C CA  . ALA B 1 108 ? 3.545   -3.377  -5.951  1.00 43.27 ? 108 ALA B CA  1 
ATOM   1662 C C   . ALA B 1 108 ? 2.136   -3.634  -5.391  1.00 43.51 ? 108 ALA B C   1 
ATOM   1663 O O   . ALA B 1 108 ? 1.451   -2.698  -5.026  1.00 43.29 ? 108 ALA B O   1 
ATOM   1664 C CB  . ALA B 1 108 ? 4.602   -3.754  -4.941  1.00 42.92 ? 108 ALA B CB  1 
ATOM   1665 N N   . CYS B 1 109 ? 1.693   -4.890  -5.356  1.00 44.71 ? 109 CYS B N   1 
ATOM   1666 C CA  . CYS B 1 109 ? 0.415   -5.239  -4.709  1.00 45.65 ? 109 CYS B CA  1 
ATOM   1667 C C   . CYS B 1 109 ? 0.621   -5.654  -3.261  1.00 45.81 ? 109 CYS B C   1 
ATOM   1668 O O   . CYS B 1 109 ? 1.311   -6.640  -3.001  1.00 46.13 ? 109 CYS B O   1 
ATOM   1669 C CB  . CYS B 1 109 ? -0.313  -6.337  -5.472  1.00 45.09 ? 109 CYS B CB  1 
ATOM   1670 S SG  . CYS B 1 109 ? -0.955  -5.768  -7.056  1.00 48.38 ? 109 CYS B SG  1 
ATOM   1671 N N   . ARG B 1 110 ? 0.027   -4.908  -2.322  1.00 46.24 ? 110 ARG B N   1 
ATOM   1672 C CA  . ARG B 1 110 ? 0.309   -5.125  -0.890  1.00 46.65 ? 110 ARG B CA  1 
ATOM   1673 C C   . ARG B 1 110 ? -0.916  -5.104  0.036   1.00 47.32 ? 110 ARG B C   1 
ATOM   1674 O O   . ARG B 1 110 ? -0.953  -5.876  1.017   1.00 47.91 ? 110 ARG B O   1 
ATOM   1675 C CB  . ARG B 1 110 ? 1.388   -4.156  -0.390  1.00 46.59 ? 110 ARG B CB  1 
ATOM   1676 C CG  . ARG B 1 110 ? 2.733   -4.268  -1.134  1.00 46.28 ? 110 ARG B CG  1 
ATOM   1677 C CD  . ARG B 1 110 ? 3.536   -5.517  -0.767  1.00 45.12 ? 110 ARG B CD  1 
ATOM   1678 N NE  . ARG B 1 110 ? 4.512   -5.882  -1.798  1.00 43.53 ? 110 ARG B NE  1 
ATOM   1679 C CZ  . ARG B 1 110 ? 5.734   -5.359  -1.919  1.00 44.80 ? 110 ARG B CZ  1 
ATOM   1680 N NH1 . ARG B 1 110 ? 6.158   -4.412  -1.098  1.00 43.79 ? 110 ARG B NH1 1 
ATOM   1681 N NH2 . ARG B 1 110 ? 6.535   -5.772  -2.892  1.00 45.34 ? 110 ARG B NH2 1 
ATOM   1682 O OXT . ARG B 1 110 ? -1.887  -4.343  -0.145  1.00 47.62 ? 110 ARG B OXT 1 
HETATM 1683 O O   . HOH C 2 .   ? 8.203   9.754   4.046   1.00 21.18 ? 111 HOH A O   1 
HETATM 1684 O O   . HOH C 2 .   ? 6.243   -11.689 1.274   1.00 23.28 ? 112 HOH A O   1 
HETATM 1685 O O   . HOH C 2 .   ? 7.446   -6.066  9.141   1.00 34.88 ? 113 HOH A O   1 
HETATM 1686 O O   . HOH C 2 .   ? -0.739  13.954  5.900   1.00 42.21 ? 114 HOH A O   1 
HETATM 1687 O O   . HOH C 2 .   ? -6.907  4.385   12.508  1.00 48.40 ? 115 HOH A O   1 
HETATM 1688 O O   . HOH C 2 .   ? -7.738  13.943  0.566   1.00 41.35 ? 116 HOH A O   1 
HETATM 1689 O O   . HOH C 2 .   ? 3.886   6.173   -0.307  1.00 32.88 ? 117 HOH A O   1 
HETATM 1690 O O   . HOH C 2 .   ? -12.443 -13.933 9.490   1.00 44.88 ? 118 HOH A O   1 
HETATM 1691 O O   . HOH C 2 .   ? 2.122   -21.997 13.298  1.00 39.72 ? 119 HOH A O   1 
HETATM 1692 O O   . HOH C 2 .   ? 3.917   13.593  5.649   1.00 38.41 ? 120 HOH A O   1 
HETATM 1693 O O   . HOH C 2 .   ? -9.522  0.159   2.012   1.00 50.93 ? 121 HOH A O   1 
HETATM 1694 O O   . HOH C 2 .   ? -7.486  -19.068 13.503  1.00 50.39 ? 122 HOH A O   1 
HETATM 1695 O O   . HOH C 2 .   ? 5.443   -4.097  5.283   1.00 52.54 ? 123 HOH A O   1 
HETATM 1696 O O   . HOH C 2 .   ? -12.133 -5.877  12.771  1.00 51.16 ? 124 HOH A O   1 
HETATM 1697 O O   . HOH C 2 .   ? 3.000   -13.710 14.651  1.00 54.10 ? 125 HOH A O   1 
HETATM 1698 O O   . HOH C 2 .   ? 7.609   -23.143 -0.026  1.00 56.39 ? 126 HOH A O   1 
HETATM 1699 O O   . HOH C 2 .   ? -12.009 6.816   11.980  1.00 60.20 ? 127 HOH A O   1 
HETATM 1700 O O   . HOH C 2 .   ? 11.507  -31.590 -2.829  1.00 52.81 ? 128 HOH A O   1 
HETATM 1701 O O   . HOH C 2 .   ? 7.394   -11.282 8.757   1.00 41.57 ? 129 HOH A O   1 
HETATM 1702 O O   . HOH C 2 .   ? 0.365   13.600  8.647   1.00 47.74 ? 130 HOH A O   1 
HETATM 1703 O O   . HOH C 2 .   ? -8.936  12.571  7.685   1.00 51.88 ? 131 HOH A O   1 
HETATM 1704 O O   . HOH C 2 .   ? -7.604  -26.006 6.803   1.00 53.84 ? 132 HOH A O   1 
HETATM 1705 O O   . HOH C 2 .   ? 7.367   -2.235  6.483   1.00 70.17 ? 133 HOH A O   1 
HETATM 1706 O O   . HOH C 2 .   ? -6.639  11.341  -0.039  1.00 41.73 ? 134 HOH A O   1 
HETATM 1707 O O   . HOH C 2 .   ? -0.047  -33.126 -0.657  1.00 69.17 ? 135 HOH A O   1 
HETATM 1708 O O   . HOH C 2 .   ? -2.540  -20.314 13.720  1.00 40.17 ? 136 HOH A O   1 
HETATM 1709 O O   . HOH C 2 .   ? 10.318  -14.794 8.498   1.00 47.65 ? 137 HOH A O   1 
HETATM 1710 O O   . HOH C 2 .   ? -13.115 -10.922 8.301   1.00 58.10 ? 138 HOH A O   1 
HETATM 1711 O O   . HOH C 2 .   ? -12.122 -16.695 15.395  1.00 65.79 ? 139 HOH A O   1 
HETATM 1712 O O   . HOH C 2 .   ? -7.569  4.457   1.173   1.00 51.56 ? 140 HOH A O   1 
HETATM 1713 O O   . HOH C 2 .   ? -5.292  -13.051 16.183  1.00 53.06 ? 141 HOH A O   1 
HETATM 1714 O O   . HOH C 2 .   ? -9.673  6.267   -3.535  1.00 72.19 ? 142 HOH A O   1 
HETATM 1715 O O   . HOH C 2 .   ? 0.440   7.678   -2.138  1.00 46.26 ? 143 HOH A O   1 
HETATM 1716 O O   . HOH C 2 .   ? 1.065   3.071   11.114  1.00 49.87 ? 144 HOH A O   1 
HETATM 1717 O O   . HOH C 2 .   ? 0.369   -38.449 3.345   1.00 62.93 ? 145 HOH A O   1 
HETATM 1718 O O   . HOH C 2 .   ? -11.830 -2.915  13.438  1.00 49.10 ? 146 HOH A O   1 
HETATM 1719 O O   . HOH C 2 .   ? -7.842  3.631   -1.288  1.00 61.91 ? 147 HOH A O   1 
HETATM 1720 O O   . HOH C 2 .   ? -2.901  14.580  4.603   1.00 47.44 ? 148 HOH A O   1 
HETATM 1721 O O   . HOH C 2 .   ? -6.697  7.218   13.364  1.00 51.17 ? 149 HOH A O   1 
HETATM 1722 O O   . HOH C 2 .   ? 2.965   -4.228  2.944   1.00 46.82 ? 150 HOH A O   1 
HETATM 1723 O O   . HOH C 2 .   ? 6.792   -17.581 13.050  1.00 53.95 ? 151 HOH A O   1 
HETATM 1724 O O   . HOH C 2 .   ? -2.747  -17.140 13.896  1.00 38.80 ? 152 HOH A O   1 
HETATM 1725 O O   . HOH C 2 .   ? 3.635   -19.128 13.697  1.00 41.58 ? 153 HOH A O   1 
HETATM 1726 O O   . HOH C 2 .   ? -7.876  9.878   6.899   1.00 56.20 ? 154 HOH A O   1 
HETATM 1727 O O   . HOH C 2 .   ? -2.642  0.058   12.270  1.00 37.65 ? 155 HOH A O   1 
HETATM 1728 O O   . HOH C 2 .   ? -4.607  -27.441 7.071   1.00 54.90 ? 156 HOH A O   1 
HETATM 1729 O O   . HOH C 2 .   ? -3.126  5.499   -4.388  1.00 37.85 ? 157 HOH A O   1 
HETATM 1730 O O   . HOH C 2 .   ? 0.249   6.260   -5.296  1.00 33.58 ? 158 HOH A O   1 
HETATM 1731 O O   . HOH C 2 .   ? 13.739  -36.543 -0.107  1.00 48.06 ? 159 HOH A O   1 
HETATM 1732 O O   . HOH C 2 .   ? 11.717  -33.614 5.718   1.00 40.52 ? 160 HOH A O   1 
HETATM 1733 O O   . HOH D 2 .   ? -2.723  -13.768 -6.489  1.00 40.80 ? 111 HOH B O   1 
HETATM 1734 O O   . HOH D 2 .   ? 14.824  19.507  -7.190  1.00 41.44 ? 112 HOH B O   1 
HETATM 1735 O O   . HOH D 2 .   ? 1.379   -6.650  2.139   1.00 41.31 ? 113 HOH B O   1 
HETATM 1736 O O   . HOH D 2 .   ? 10.278  38.887  3.086   1.00 55.40 ? 114 HOH B O   1 
HETATM 1737 O O   . HOH D 2 .   ? 8.169   2.302   -0.511  1.00 50.95 ? 115 HOH B O   1 
HETATM 1738 O O   . HOH D 2 .   ? -4.575  -5.769  3.731   1.00 37.42 ? 116 HOH B O   1 
HETATM 1739 O O   . HOH D 2 .   ? -11.160 -8.237  -7.582  1.00 54.51 ? 117 HOH B O   1 
HETATM 1740 O O   . HOH D 2 .   ? -13.642 -3.622  4.197   1.00 57.73 ? 118 HOH B O   1 
HETATM 1741 O O   . HOH D 2 .   ? -0.127  15.678  -13.982 1.00 47.39 ? 119 HOH B O   1 
HETATM 1742 O O   . HOH D 2 .   ? -1.229  19.608  -8.644  1.00 60.91 ? 120 HOH B O   1 
HETATM 1743 O O   . HOH D 2 .   ? -11.261 -11.403 -7.440  1.00 45.12 ? 121 HOH B O   1 
HETATM 1744 O O   . HOH D 2 .   ? -3.926  -3.734  1.635   1.00 42.65 ? 122 HOH B O   1 
HETATM 1745 O O   . HOH D 2 .   ? 5.751   -0.422  -11.167 1.00 42.52 ? 123 HOH B O   1 
HETATM 1746 O O   . HOH D 2 .   ? -5.911  1.483   -7.623  1.00 64.03 ? 124 HOH B O   1 
HETATM 1747 O O   . HOH D 2 .   ? 12.076  6.945   4.355   1.00 60.36 ? 125 HOH B O   1 
HETATM 1748 O O   . HOH D 2 .   ? -8.845  -11.741 -6.344  1.00 36.89 ? 126 HOH B O   1 
HETATM 1749 O O   . HOH D 2 .   ? 14.148  28.172  12.032  1.00 48.21 ? 127 HOH B O   1 
HETATM 1750 O O   . HOH D 2 .   ? 10.997  -2.241  -7.526  1.00 60.01 ? 128 HOH B O   1 
HETATM 1751 O O   . HOH D 2 .   ? 11.180  19.134  -10.634 1.00 38.92 ? 129 HOH B O   1 
HETATM 1752 O O   . HOH D 2 .   ? 12.757  26.371  -9.881  1.00 48.27 ? 130 HOH B O   1 
HETATM 1753 O O   . HOH D 2 .   ? -5.522  5.567   -12.999 1.00 52.13 ? 131 HOH B O   1 
HETATM 1754 O O   . HOH D 2 .   ? 8.164   30.990  4.967   1.00 64.81 ? 132 HOH B O   1 
HETATM 1755 O O   . HOH D 2 .   ? 0.215   7.357   -17.030 1.00 49.31 ? 133 HOH B O   1 
HETATM 1756 O O   . HOH D 2 .   ? 5.196   3.122   -0.207  1.00 46.31 ? 134 HOH B O   1 
HETATM 1757 O O   . HOH D 2 .   ? -3.577  20.396  -6.787  1.00 66.76 ? 135 HOH B O   1 
HETATM 1758 O O   . HOH D 2 .   ? 14.933  11.102  -8.430  1.00 65.69 ? 136 HOH B O   1 
HETATM 1759 O O   . HOH D 2 .   ? -13.077 -9.712  -9.698  1.00 78.45 ? 137 HOH B O   1 
HETATM 1760 O O   . HOH D 2 .   ? -10.030 -11.036 -15.382 1.00 60.91 ? 138 HOH B O   1 
HETATM 1761 O O   . HOH D 2 .   ? -6.514  -4.100  0.888   1.00 34.49 ? 139 HOH B O   1 
HETATM 1762 O O   . HOH D 2 .   ? -6.245  -2.706  -6.020  1.00 41.73 ? 140 HOH B O   1 
HETATM 1763 O O   . HOH D 2 .   ? 9.344   12.460  -14.994 1.00 47.52 ? 141 HOH B O   1 
HETATM 1764 O O   . HOH D 2 .   ? 16.318  8.964   -4.459  1.00 49.85 ? 142 HOH B O   1 
HETATM 1765 O O   . HOH D 2 .   ? 4.156   6.339   -16.002 1.00 62.83 ? 143 HOH B O   1 
HETATM 1766 O O   . HOH D 2 .   ? 4.982   0.875   -13.138 1.00 50.34 ? 144 HOH B O   1 
HETATM 1767 O O   . HOH D 2 .   ? 13.597  8.212   -1.215  1.00 38.32 ? 145 HOH B O   1 
HETATM 1768 O O   . HOH D 2 .   ? 0.460   4.398   -17.720 1.00 49.07 ? 146 HOH B O   1 
HETATM 1769 O O   . HOH D 2 .   ? 4.330   2.122   -16.034 1.00 56.81 ? 147 HOH B O   1 
HETATM 1770 O O   . HOH D 2 .   ? -0.341  -13.814 -6.231  1.00 46.97 ? 148 HOH B O   1 
HETATM 1771 O O   . HOH D 2 .   ? 15.655  16.389  -6.793  1.00 37.43 ? 149 HOH B O   1 
HETATM 1772 O O   . HOH D 2 .   ? -2.705  -7.437  1.464   1.00 43.19 ? 150 HOH B O   1 
HETATM 1773 O O   . HOH D 2 .   ? 3.911   -3.333  -10.793 1.00 58.65 ? 151 HOH B O   1 
HETATM 1774 O O   . HOH D 2 .   ? 10.551  16.140  -10.837 1.00 35.49 ? 152 HOH B O   1 
HETATM 1775 O O   . HOH D 2 .   ? 7.475   18.760  -13.796 1.00 52.62 ? 153 HOH B O   1 
HETATM 1776 O O   . HOH D 2 .   ? 1.204   22.701  -13.649 1.00 71.17 ? 154 HOH B O   1 
HETATM 1777 O O   . HOH D 2 .   ? 17.463  14.140  -4.046  1.00 53.15 ? 155 HOH B O   1 
HETATM 1778 O O   . HOH D 2 .   ? 19.287  32.212  11.820  1.00 53.23 ? 156 HOH B O   1 
HETATM 1779 O O   . HOH D 2 .   ? 12.604  3.106   -2.042  1.00 28.30 ? 157 HOH B O   1 
HETATM 1780 O O   . HOH D 2 .   ? 11.572  13.442  -7.562  1.00 46.06 ? 158 HOH B O   1 
# 
